data_3KAF
# 
_entry.id   3KAF 
# 
_audit_conform.dict_name       mmcif_pdbx.dic 
_audit_conform.dict_version    5.380 
_audit_conform.dict_location   http://mmcif.pdb.org/dictionaries/ascii/mmcif_pdbx.dic 
# 
loop_
_database_2.database_id 
_database_2.database_code 
_database_2.pdbx_database_accession 
_database_2.pdbx_DOI 
PDB   3KAF         pdb_00003kaf 10.2210/pdb3kaf/pdb 
RCSB  RCSB055748   ?            ?                   
WWPDB D_1000055748 ?            ?                   
# 
loop_
_pdbx_database_related.db_name 
_pdbx_database_related.db_id 
_pdbx_database_related.details 
_pdbx_database_related.content_type 
PDB 3KAB . unspecified 
PDB 3KAC . unspecified 
PDB 3KAD . unspecified 
PDB 3KAG . unspecified 
PDB 3KAH . unspecified 
PDB 3KAI . unspecified 
# 
_pdbx_database_status.status_code                     REL 
_pdbx_database_status.entry_id                        3KAF 
_pdbx_database_status.recvd_initial_deposition_date   2009-10-19 
_pdbx_database_status.deposit_site                    RCSB 
_pdbx_database_status.process_site                    PDBJ 
_pdbx_database_status.status_code_sf                  REL 
_pdbx_database_status.status_code_mr                  ? 
_pdbx_database_status.SG_entry                        ? 
_pdbx_database_status.pdb_format_compatible           Y 
_pdbx_database_status.status_code_cs                  ? 
_pdbx_database_status.status_code_nmr_data            ? 
_pdbx_database_status.methods_development_category    ? 
# 
loop_
_audit_author.name 
_audit_author.pdbx_ordinal 
'Baker, L.M.'    1 
'Dokurno, P.'    2 
'Robinson, D.A.' 3 
'Surgenor, A.E.' 4 
'Murray, J.B.'   5 
'Potter, A.J.'   6 
'Moore, J.D.'    7 
# 
_citation.id                        primary 
_citation.title                     'Structure-guided design of alpha-amino acid-derived Pin1 inhibitors' 
_citation.journal_abbrev            Bioorg.Med.Chem.Lett. 
_citation.journal_volume            20 
_citation.page_first                586 
_citation.page_last                 590 
_citation.year                      2010 
_citation.journal_id_ASTM           BMCLE8 
_citation.country                   UK 
_citation.journal_id_ISSN           0960-894X 
_citation.journal_id_CSD            1127 
_citation.book_publisher            ? 
_citation.pdbx_database_id_PubMed   19969456 
_citation.pdbx_database_id_DOI      10.1016/j.bmcl.2009.11.090 
# 
loop_
_citation_author.citation_id 
_citation_author.name 
_citation_author.ordinal 
_citation_author.identifier_ORCID 
primary 'Potter, A.J.'     1  ? 
primary 'Ray, S.'          2  ? 
primary 'Gueritz, L.'      3  ? 
primary 'Nunns, C.L.'      4  ? 
primary 'Bryant, C.J.'     5  ? 
primary 'Scrace, S.F.'     6  ? 
primary 'Matassova, N.'    7  ? 
primary 'Baker, L.M.'      8  ? 
primary 'Dokurno, P.'      9  ? 
primary 'Robinson, D.A.'   10 ? 
primary 'Surgenor, A.E.'   11 ? 
primary 'Davis, B.'        12 ? 
primary 'Murray, J.B.'     13 ? 
primary 'Richardson, C.M.' 14 ? 
primary 'Moore, J.D.'      15 ? 
# 
_cell.entry_id           3KAF 
_cell.length_a           67.937 
_cell.length_b           67.937 
_cell.length_c           79.247 
_cell.angle_alpha        90.00 
_cell.angle_beta         90.00 
_cell.angle_gamma        120.00 
_cell.Z_PDB              6 
_cell.pdbx_unique_axis   ? 
_cell.length_a_esd       ? 
_cell.length_b_esd       ? 
_cell.length_c_esd       ? 
_cell.angle_alpha_esd    ? 
_cell.angle_beta_esd     ? 
_cell.angle_gamma_esd    ? 
# 
_symmetry.entry_id                         3KAF 
_symmetry.space_group_name_H-M             'P 31 2 1' 
_symmetry.pdbx_full_space_group_name_H-M   ? 
_symmetry.cell_setting                     ? 
_symmetry.Int_Tables_number                152 
_symmetry.space_group_name_Hall            ? 
# 
loop_
_entity.id 
_entity.type 
_entity.src_method 
_entity.pdbx_description 
_entity.formula_weight 
_entity.pdbx_number_of_molecules 
_entity.pdbx_ec 
_entity.pdbx_mutation 
_entity.pdbx_fragment 
_entity.details 
1 polymer     man 'Peptidyl-prolyl cis-trans isomerase NIMA-interacting 1'              18467.475 1  5.2.1.8 'R14A, Q131A' ? ? 
2 non-polymer syn '3-(1H-benzimidazol-2-yl)-N-(1-benzothiophen-2-ylcarbonyl)-D-alanine' 365.406   1  ?       ?             ? ? 
3 water       nat water                                                                 18.015    48 ?       ?             ? ? 
# 
_entity_name_com.entity_id   1 
_entity_name_com.name        'Rotamase Pin1, PPIase Pin1' 
# 
_entity_poly.entity_id                      1 
_entity_poly.type                           'polypeptide(L)' 
_entity_poly.nstd_linkage                   no 
_entity_poly.nstd_monomer                   no 
_entity_poly.pdbx_seq_one_letter_code       
;GSHGMADEEKLPPGWEKAMSRSSGRVYYFNHITNASQWERPSGNSSSGGKNGQGEPARVRCSHLLVKHSQSRRPSSWRQE
KITRTKEEALELINGYIQKIKSGEEDFESLASQFSDCSSAKARGDLGAFSRGQMAKPFEDASFALRTGEMSGPVFTDSGI
HIILRTE
;
_entity_poly.pdbx_seq_one_letter_code_can   
;GSHGMADEEKLPPGWEKAMSRSSGRVYYFNHITNASQWERPSGNSSSGGKNGQGEPARVRCSHLLVKHSQSRRPSSWRQE
KITRTKEEALELINGYIQKIKSGEEDFESLASQFSDCSSAKARGDLGAFSRGQMAKPFEDASFALRTGEMSGPVFTDSGI
HIILRTE
;
_entity_poly.pdbx_strand_id                 A 
_entity_poly.pdbx_target_identifier         ? 
# 
loop_
_entity_poly_seq.entity_id 
_entity_poly_seq.num 
_entity_poly_seq.mon_id 
_entity_poly_seq.hetero 
1 1   GLY n 
1 2   SER n 
1 3   HIS n 
1 4   GLY n 
1 5   MET n 
1 6   ALA n 
1 7   ASP n 
1 8   GLU n 
1 9   GLU n 
1 10  LYS n 
1 11  LEU n 
1 12  PRO n 
1 13  PRO n 
1 14  GLY n 
1 15  TRP n 
1 16  GLU n 
1 17  LYS n 
1 18  ALA n 
1 19  MET n 
1 20  SER n 
1 21  ARG n 
1 22  SER n 
1 23  SER n 
1 24  GLY n 
1 25  ARG n 
1 26  VAL n 
1 27  TYR n 
1 28  TYR n 
1 29  PHE n 
1 30  ASN n 
1 31  HIS n 
1 32  ILE n 
1 33  THR n 
1 34  ASN n 
1 35  ALA n 
1 36  SER n 
1 37  GLN n 
1 38  TRP n 
1 39  GLU n 
1 40  ARG n 
1 41  PRO n 
1 42  SER n 
1 43  GLY n 
1 44  ASN n 
1 45  SER n 
1 46  SER n 
1 47  SER n 
1 48  GLY n 
1 49  GLY n 
1 50  LYS n 
1 51  ASN n 
1 52  GLY n 
1 53  GLN n 
1 54  GLY n 
1 55  GLU n 
1 56  PRO n 
1 57  ALA n 
1 58  ARG n 
1 59  VAL n 
1 60  ARG n 
1 61  CYS n 
1 62  SER n 
1 63  HIS n 
1 64  LEU n 
1 65  LEU n 
1 66  VAL n 
1 67  LYS n 
1 68  HIS n 
1 69  SER n 
1 70  GLN n 
1 71  SER n 
1 72  ARG n 
1 73  ARG n 
1 74  PRO n 
1 75  SER n 
1 76  SER n 
1 77  TRP n 
1 78  ARG n 
1 79  GLN n 
1 80  GLU n 
1 81  LYS n 
1 82  ILE n 
1 83  THR n 
1 84  ARG n 
1 85  THR n 
1 86  LYS n 
1 87  GLU n 
1 88  GLU n 
1 89  ALA n 
1 90  LEU n 
1 91  GLU n 
1 92  LEU n 
1 93  ILE n 
1 94  ASN n 
1 95  GLY n 
1 96  TYR n 
1 97  ILE n 
1 98  GLN n 
1 99  LYS n 
1 100 ILE n 
1 101 LYS n 
1 102 SER n 
1 103 GLY n 
1 104 GLU n 
1 105 GLU n 
1 106 ASP n 
1 107 PHE n 
1 108 GLU n 
1 109 SER n 
1 110 LEU n 
1 111 ALA n 
1 112 SER n 
1 113 GLN n 
1 114 PHE n 
1 115 SER n 
1 116 ASP n 
1 117 CYS n 
1 118 SER n 
1 119 SER n 
1 120 ALA n 
1 121 LYS n 
1 122 ALA n 
1 123 ARG n 
1 124 GLY n 
1 125 ASP n 
1 126 LEU n 
1 127 GLY n 
1 128 ALA n 
1 129 PHE n 
1 130 SER n 
1 131 ARG n 
1 132 GLY n 
1 133 GLN n 
1 134 MET n 
1 135 ALA n 
1 136 LYS n 
1 137 PRO n 
1 138 PHE n 
1 139 GLU n 
1 140 ASP n 
1 141 ALA n 
1 142 SER n 
1 143 PHE n 
1 144 ALA n 
1 145 LEU n 
1 146 ARG n 
1 147 THR n 
1 148 GLY n 
1 149 GLU n 
1 150 MET n 
1 151 SER n 
1 152 GLY n 
1 153 PRO n 
1 154 VAL n 
1 155 PHE n 
1 156 THR n 
1 157 ASP n 
1 158 SER n 
1 159 GLY n 
1 160 ILE n 
1 161 HIS n 
1 162 ILE n 
1 163 ILE n 
1 164 LEU n 
1 165 ARG n 
1 166 THR n 
1 167 GLU n 
# 
_entity_src_gen.entity_id                          1 
_entity_src_gen.pdbx_src_id                        1 
_entity_src_gen.pdbx_alt_source_flag               sample 
_entity_src_gen.pdbx_seq_type                      ? 
_entity_src_gen.pdbx_beg_seq_num                   ? 
_entity_src_gen.pdbx_end_seq_num                   ? 
_entity_src_gen.gene_src_common_name               human 
_entity_src_gen.gene_src_genus                     ? 
_entity_src_gen.pdbx_gene_src_gene                 PIN1 
_entity_src_gen.gene_src_species                   ? 
_entity_src_gen.gene_src_strain                    ? 
_entity_src_gen.gene_src_tissue                    ? 
_entity_src_gen.gene_src_tissue_fraction           ? 
_entity_src_gen.gene_src_details                   ? 
_entity_src_gen.pdbx_gene_src_fragment             ? 
_entity_src_gen.pdbx_gene_src_scientific_name      'Homo sapiens' 
_entity_src_gen.pdbx_gene_src_ncbi_taxonomy_id     9606 
_entity_src_gen.pdbx_gene_src_variant              ? 
_entity_src_gen.pdbx_gene_src_cell_line            ? 
_entity_src_gen.pdbx_gene_src_atcc                 ? 
_entity_src_gen.pdbx_gene_src_organ                ? 
_entity_src_gen.pdbx_gene_src_organelle            ? 
_entity_src_gen.pdbx_gene_src_cell                 ? 
_entity_src_gen.pdbx_gene_src_cellular_location    ? 
_entity_src_gen.host_org_common_name               ? 
_entity_src_gen.pdbx_host_org_scientific_name      'Escherichia coli' 
_entity_src_gen.pdbx_host_org_ncbi_taxonomy_id     469008 
_entity_src_gen.host_org_genus                     ? 
_entity_src_gen.pdbx_host_org_gene                 ? 
_entity_src_gen.pdbx_host_org_organ                ? 
_entity_src_gen.host_org_species                   ? 
_entity_src_gen.pdbx_host_org_tissue               ? 
_entity_src_gen.pdbx_host_org_tissue_fraction      ? 
_entity_src_gen.pdbx_host_org_strain               'BL21 (DE3)' 
_entity_src_gen.pdbx_host_org_variant              ? 
_entity_src_gen.pdbx_host_org_cell_line            ? 
_entity_src_gen.pdbx_host_org_atcc                 ? 
_entity_src_gen.pdbx_host_org_culture_collection   ? 
_entity_src_gen.pdbx_host_org_cell                 ? 
_entity_src_gen.pdbx_host_org_organelle            ? 
_entity_src_gen.pdbx_host_org_cellular_location    ? 
_entity_src_gen.pdbx_host_org_vector_type          plasmid 
_entity_src_gen.pdbx_host_org_vector               ? 
_entity_src_gen.host_org_details                   ? 
_entity_src_gen.expression_system_id               ? 
_entity_src_gen.plasmid_name                       PET28A 
_entity_src_gen.plasmid_details                    ? 
_entity_src_gen.pdbx_description                   ? 
# 
_struct_ref.id                         1 
_struct_ref.db_name                    UNP 
_struct_ref.db_code                    PIN1_HUMAN 
_struct_ref.pdbx_db_accession          Q13526 
_struct_ref.entity_id                  1 
_struct_ref.pdbx_seq_one_letter_code   
;MADEEKLPPGWEKRMSRSSGRVYYFNHITNASQWERPSGNSSSGGKNGQGEPARVRCSHLLVKHSQSRRPSSWRQEKITR
TKEEALELINGYIQKIKSGEEDFESLASQFSDCSSAKARGDLGAFSRGQMQKPFEDASFALRTGEMSGPVFTDSGIHIIL
RTE
;
_struct_ref.pdbx_align_begin           1 
_struct_ref.pdbx_db_isoform            ? 
# 
_struct_ref_seq.align_id                      1 
_struct_ref_seq.ref_id                        1 
_struct_ref_seq.pdbx_PDB_id_code              3KAF 
_struct_ref_seq.pdbx_strand_id                A 
_struct_ref_seq.seq_align_beg                 5 
_struct_ref_seq.pdbx_seq_align_beg_ins_code   ? 
_struct_ref_seq.seq_align_end                 167 
_struct_ref_seq.pdbx_seq_align_end_ins_code   ? 
_struct_ref_seq.pdbx_db_accession             Q13526 
_struct_ref_seq.db_align_beg                  1 
_struct_ref_seq.pdbx_db_align_beg_ins_code    ? 
_struct_ref_seq.db_align_end                  163 
_struct_ref_seq.pdbx_db_align_end_ins_code    ? 
_struct_ref_seq.pdbx_auth_seq_align_beg       1 
_struct_ref_seq.pdbx_auth_seq_align_end       163 
# 
loop_
_struct_ref_seq_dif.align_id 
_struct_ref_seq_dif.pdbx_pdb_id_code 
_struct_ref_seq_dif.mon_id 
_struct_ref_seq_dif.pdbx_pdb_strand_id 
_struct_ref_seq_dif.seq_num 
_struct_ref_seq_dif.pdbx_pdb_ins_code 
_struct_ref_seq_dif.pdbx_seq_db_name 
_struct_ref_seq_dif.pdbx_seq_db_accession_code 
_struct_ref_seq_dif.db_mon_id 
_struct_ref_seq_dif.pdbx_seq_db_seq_num 
_struct_ref_seq_dif.details 
_struct_ref_seq_dif.pdbx_auth_seq_num 
_struct_ref_seq_dif.pdbx_ordinal 
1 3KAF GLY A 1   ? UNP Q13526 ?   ?   'expression tag'      -3  1 
1 3KAF SER A 2   ? UNP Q13526 ?   ?   'expression tag'      -2  2 
1 3KAF HIS A 3   ? UNP Q13526 ?   ?   'expression tag'      -1  3 
1 3KAF GLY A 4   ? UNP Q13526 ?   ?   'expression tag'      0   4 
1 3KAF ALA A 18  ? UNP Q13526 ARG 14  'engineered mutation' 14  5 
1 3KAF ALA A 135 ? UNP Q13526 GLN 131 'engineered mutation' 131 6 
# 
loop_
_chem_comp.id 
_chem_comp.type 
_chem_comp.mon_nstd_flag 
_chem_comp.name 
_chem_comp.pdbx_synonyms 
_chem_comp.formula 
_chem_comp.formula_weight 
4D9 non-polymer         . '3-(1H-benzimidazol-2-yl)-N-(1-benzothiophen-2-ylcarbonyl)-D-alanine' 
'(R)-2-[(Benzo[b]thiophene-2-carbonyl)-amino]-3-(1H-benzoimidazol-2-yl)-propionic acid' 'C19 H15 N3 O3 S' 365.406 
ALA 'L-peptide linking' y ALANINE                                                               ? 'C3 H7 N O2'      89.093  
ARG 'L-peptide linking' y ARGININE                                                              ? 'C6 H15 N4 O2 1'  175.209 
ASN 'L-peptide linking' y ASPARAGINE                                                            ? 'C4 H8 N2 O3'     132.118 
ASP 'L-peptide linking' y 'ASPARTIC ACID'                                                       ? 'C4 H7 N O4'      133.103 
CYS 'L-peptide linking' y CYSTEINE                                                              ? 'C3 H7 N O2 S'    121.158 
GLN 'L-peptide linking' y GLUTAMINE                                                             ? 'C5 H10 N2 O3'    146.144 
GLU 'L-peptide linking' y 'GLUTAMIC ACID'                                                       ? 'C5 H9 N O4'      147.129 
GLY 'peptide linking'   y GLYCINE                                                               ? 'C2 H5 N O2'      75.067  
HIS 'L-peptide linking' y HISTIDINE                                                             ? 'C6 H10 N3 O2 1'  156.162 
HOH non-polymer         . WATER                                                                 ? 'H2 O'            18.015  
ILE 'L-peptide linking' y ISOLEUCINE                                                            ? 'C6 H13 N O2'     131.173 
LEU 'L-peptide linking' y LEUCINE                                                               ? 'C6 H13 N O2'     131.173 
LYS 'L-peptide linking' y LYSINE                                                                ? 'C6 H15 N2 O2 1'  147.195 
MET 'L-peptide linking' y METHIONINE                                                            ? 'C5 H11 N O2 S'   149.211 
PHE 'L-peptide linking' y PHENYLALANINE                                                         ? 'C9 H11 N O2'     165.189 
PRO 'L-peptide linking' y PROLINE                                                               ? 'C5 H9 N O2'      115.130 
SER 'L-peptide linking' y SERINE                                                                ? 'C3 H7 N O3'      105.093 
THR 'L-peptide linking' y THREONINE                                                             ? 'C4 H9 N O3'      119.119 
TRP 'L-peptide linking' y TRYPTOPHAN                                                            ? 'C11 H12 N2 O2'   204.225 
TYR 'L-peptide linking' y TYROSINE                                                              ? 'C9 H11 N O3'     181.189 
VAL 'L-peptide linking' y VALINE                                                                ? 'C5 H11 N O2'     117.146 
# 
_exptl.entry_id          3KAF 
_exptl.method            'X-RAY DIFFRACTION' 
_exptl.crystals_number   1 
# 
_exptl_crystal.id                    1 
_exptl_crystal.density_meas          ? 
_exptl_crystal.density_Matthews      2.86 
_exptl_crystal.density_percent_sol   56.97 
_exptl_crystal.description           ? 
_exptl_crystal.F_000                 ? 
_exptl_crystal.preparation           ? 
# 
_exptl_crystal_grow.crystal_id      1 
_exptl_crystal_grow.method          'VAPOR DIFFUSION, HANGING DROP' 
_exptl_crystal_grow.temp            277 
_exptl_crystal_grow.temp_details    ? 
_exptl_crystal_grow.pH              7.5 
_exptl_crystal_grow.pdbx_details    
'2.2M Ammonium sulphate, 0.1M HEPES buffer, 1% PEG 400, 5mM DTT, pH 7.5, VAPOR DIFFUSION, HANGING DROP, temperature 277K' 
_exptl_crystal_grow.pdbx_pH_range   . 
# 
_diffrn.id                     1 
_diffrn.ambient_temp           100 
_diffrn.ambient_temp_details   ? 
_diffrn.crystal_id             1 
# 
_diffrn_detector.diffrn_id              1 
_diffrn_detector.detector               'IMAGE PLATE' 
_diffrn_detector.type                   'RIGAKU RAXIS IV++' 
_diffrn_detector.pdbx_collection_date   2006-11-03 
_diffrn_detector.details                mirrors 
# 
_diffrn_radiation.diffrn_id                        1 
_diffrn_radiation.wavelength_id                    1 
_diffrn_radiation.pdbx_monochromatic_or_laue_m_l   M 
_diffrn_radiation.monochromator                    mirrors 
_diffrn_radiation.pdbx_diffrn_protocol             'SINGLE WAVELENGTH' 
_diffrn_radiation.pdbx_scattering_type             x-ray 
# 
_diffrn_radiation_wavelength.id           1 
_diffrn_radiation_wavelength.wavelength   1.5418 
_diffrn_radiation_wavelength.wt           1.0 
# 
_diffrn_source.diffrn_id                   1 
_diffrn_source.source                      'ROTATING ANODE' 
_diffrn_source.type                        'RIGAKU RUH3R' 
_diffrn_source.pdbx_synchrotron_site       ? 
_diffrn_source.pdbx_synchrotron_beamline   ? 
_diffrn_source.pdbx_wavelength             ? 
_diffrn_source.pdbx_wavelength_list        1.5418 
# 
_reflns.entry_id                     3KAF 
_reflns.observed_criterion_sigma_I   1 
_reflns.observed_criterion_sigma_F   1 
_reflns.d_resolution_low             27.6 
_reflns.d_resolution_high            2.30 
_reflns.number_obs                   9395 
_reflns.number_all                   9395 
_reflns.percent_possible_obs         96.2 
_reflns.pdbx_Rmerge_I_obs            0.081 
_reflns.pdbx_Rsym_value              ? 
_reflns.pdbx_netI_over_sigmaI        4.6 
_reflns.B_iso_Wilson_estimate        ? 
_reflns.pdbx_redundancy              2.9 
_reflns.R_free_details               ? 
_reflns.limit_h_max                  ? 
_reflns.limit_h_min                  ? 
_reflns.limit_k_max                  ? 
_reflns.limit_k_min                  ? 
_reflns.limit_l_max                  ? 
_reflns.limit_l_min                  ? 
_reflns.observed_criterion_F_max     ? 
_reflns.observed_criterion_F_min     ? 
_reflns.pdbx_chi_squared             ? 
_reflns.pdbx_scaling_rejects         ? 
_reflns.pdbx_diffrn_id               1 
_reflns.pdbx_ordinal                 1 
# 
_reflns_shell.d_res_high             2.30 
_reflns_shell.d_res_low              2.38 
_reflns_shell.percent_possible_all   99.8 
_reflns_shell.Rmerge_I_obs           0.438 
_reflns_shell.pdbx_Rsym_value        ? 
_reflns_shell.meanI_over_sigI_obs    1.3 
_reflns_shell.pdbx_redundancy        2.8 
_reflns_shell.percent_possible_obs   ? 
_reflns_shell.number_unique_all      885 
_reflns_shell.number_measured_all    ? 
_reflns_shell.number_measured_obs    ? 
_reflns_shell.number_unique_obs      ? 
_reflns_shell.pdbx_chi_squared       ? 
_reflns_shell.pdbx_diffrn_id         ? 
_reflns_shell.pdbx_ordinal           1 
# 
_refine.entry_id                                 3KAF 
_refine.ls_number_reflns_obs                     8939 
_refine.ls_number_reflns_all                     ? 
_refine.pdbx_ls_sigma_I                          ? 
_refine.pdbx_ls_sigma_F                          ? 
_refine.pdbx_data_cutoff_high_absF               ? 
_refine.pdbx_data_cutoff_low_absF                ? 
_refine.pdbx_data_cutoff_high_rms_absF           ? 
_refine.ls_d_res_low                             27.6 
_refine.ls_d_res_high                            2.30 
_refine.ls_percent_reflns_obs                    96.05 
_refine.ls_R_factor_obs                          0.23048 
_refine.ls_R_factor_all                          ? 
_refine.ls_R_factor_R_work                       0.22664 
_refine.ls_R_factor_R_free                       0.31195 
_refine.ls_R_factor_R_free_error                 ? 
_refine.ls_R_factor_R_free_error_details         ? 
_refine.ls_percent_reflns_R_free                 4.8 
_refine.ls_number_reflns_R_free                  452 
_refine.ls_number_parameters                     ? 
_refine.ls_number_restraints                     ? 
_refine.occupancy_min                            ? 
_refine.occupancy_max                            ? 
_refine.correlation_coeff_Fo_to_Fc               0.945 
_refine.correlation_coeff_Fo_to_Fc_free          0.898 
_refine.B_iso_mean                               46.677 
_refine.aniso_B[1][1]                            2.26 
_refine.aniso_B[2][2]                            2.26 
_refine.aniso_B[3][3]                            -3.39 
_refine.aniso_B[1][2]                            1.13 
_refine.aniso_B[1][3]                            0.00 
_refine.aniso_B[2][3]                            0.00 
_refine.solvent_model_details                    MASK 
_refine.solvent_model_param_ksol                 ? 
_refine.solvent_model_param_bsol                 ? 
_refine.pdbx_solvent_vdw_probe_radii             1.40 
_refine.pdbx_solvent_ion_probe_radii             0.80 
_refine.pdbx_solvent_shrinkage_radii             0.80 
_refine.pdbx_ls_cross_valid_method               THROUGHOUT 
_refine.details                                  'HYDROGENS HAVE BEEN ADDED IN THE RIDING POSITIONS' 
_refine.pdbx_starting_model                      'PDB ENTRY 1PIN' 
_refine.pdbx_method_to_determine_struct          MIR 
_refine.pdbx_isotropic_thermal_model             ? 
_refine.pdbx_stereochemistry_target_values       'MAXIMUM LIKELIHOOD' 
_refine.pdbx_stereochem_target_val_spec_case     ? 
_refine.pdbx_R_Free_selection_details            RANDOM 
_refine.pdbx_overall_ESU_R                       0.296 
_refine.pdbx_overall_ESU_R_Free                  0.274 
_refine.overall_SU_ML                            0.213 
_refine.overall_SU_B                             9.040 
_refine.ls_redundancy_reflns_obs                 ? 
_refine.B_iso_min                                ? 
_refine.B_iso_max                                ? 
_refine.overall_SU_R_Cruickshank_DPI             ? 
_refine.overall_SU_R_free                        ? 
_refine.ls_wR_factor_R_free                      ? 
_refine.ls_wR_factor_R_work                      ? 
_refine.overall_FOM_free_R_set                   ? 
_refine.overall_FOM_work_R_set                   ? 
_refine.pdbx_refine_id                           'X-RAY DIFFRACTION' 
_refine.pdbx_overall_phase_error                 ? 
_refine.pdbx_diffrn_id                           1 
_refine.pdbx_TLS_residual_ADP_flag               ? 
_refine.pdbx_overall_SU_R_free_Cruickshank_DPI   ? 
_refine.pdbx_overall_SU_R_Blow_DPI               ? 
_refine.pdbx_overall_SU_R_free_Blow_DPI          ? 
# 
_refine_hist.pdbx_refine_id                   'X-RAY DIFFRACTION' 
_refine_hist.cycle_id                         LAST 
_refine_hist.pdbx_number_atoms_protein        1152 
_refine_hist.pdbx_number_atoms_nucleic_acid   0 
_refine_hist.pdbx_number_atoms_ligand         26 
_refine_hist.number_atoms_solvent             48 
_refine_hist.number_atoms_total               1226 
_refine_hist.d_res_high                       2.30 
_refine_hist.d_res_low                        27.6 
# 
loop_
_refine_ls_restr.type 
_refine_ls_restr.dev_ideal 
_refine_ls_restr.dev_ideal_target 
_refine_ls_restr.weight 
_refine_ls_restr.number 
_refine_ls_restr.pdbx_refine_id 
_refine_ls_restr.pdbx_restraint_function 
r_bond_refined_d       0.019  0.021  ? 1204 'X-RAY DIFFRACTION' ? 
r_angle_refined_deg    1.908  1.972  ? 1620 'X-RAY DIFFRACTION' ? 
r_dihedral_angle_1_deg 7.527  5.000  ? 143  'X-RAY DIFFRACTION' ? 
r_dihedral_angle_2_deg 32.744 22.456 ? 57   'X-RAY DIFFRACTION' ? 
r_dihedral_angle_3_deg 17.609 15.000 ? 207  'X-RAY DIFFRACTION' ? 
r_dihedral_angle_4_deg 24.382 15.000 ? 13   'X-RAY DIFFRACTION' ? 
r_chiral_restr         0.117  0.200  ? 163  'X-RAY DIFFRACTION' ? 
r_gen_planes_refined   0.007  0.021  ? 932  'X-RAY DIFFRACTION' ? 
r_mcbond_it            1.094  1.500  ? 721  'X-RAY DIFFRACTION' ? 
r_mcangle_it           1.983  2.000  ? 1154 'X-RAY DIFFRACTION' ? 
r_scbond_it            2.600  3.000  ? 483  'X-RAY DIFFRACTION' ? 
r_scangle_it           4.157  4.500  ? 466  'X-RAY DIFFRACTION' ? 
# 
_refine_ls_shell.pdbx_total_number_of_bins_used   20 
_refine_ls_shell.d_res_high                       2.300 
_refine_ls_shell.d_res_low                        2.360 
_refine_ls_shell.number_reflns_R_work             674 
_refine_ls_shell.R_factor_R_work                  0.355 
_refine_ls_shell.percent_reflns_obs               99.72 
_refine_ls_shell.R_factor_R_free                  0.394 
_refine_ls_shell.R_factor_R_free_error            ? 
_refine_ls_shell.percent_reflns_R_free            ? 
_refine_ls_shell.number_reflns_R_free             36 
_refine_ls_shell.number_reflns_all                ? 
_refine_ls_shell.R_factor_all                     ? 
_refine_ls_shell.number_reflns_obs                710 
_refine_ls_shell.redundancy_reflns_obs            ? 
_refine_ls_shell.pdbx_refine_id                   'X-RAY DIFFRACTION' 
# 
_struct.entry_id                  3KAF 
_struct.title                     'Structure-guided design of alpha-amino acid-derived Pin1 inhibitors' 
_struct.pdbx_model_details        ? 
_struct.pdbx_CASP_flag            ? 
_struct.pdbx_model_type_details   ? 
# 
_struct_keywords.entry_id        3KAF 
_struct_keywords.pdbx_keywords   ISOMERASE 
_struct_keywords.text            
;SBDD, PPIASE, ISOMERASE, ROTAMASE, SMALL MOLECULE, Proline directed kinase, cell cycle, Oncogenic transformation, Nucleus, Phosphoprotein
;
# 
loop_
_struct_asym.id 
_struct_asym.pdbx_blank_PDB_chainid_flag 
_struct_asym.pdbx_modified 
_struct_asym.entity_id 
_struct_asym.details 
A N N 1 ? 
B N N 2 ? 
C N N 3 ? 
# 
_struct_biol.id        1 
_struct_biol.details   ? 
# 
loop_
_struct_conf.conf_type_id 
_struct_conf.id 
_struct_conf.pdbx_PDB_helix_id 
_struct_conf.beg_label_comp_id 
_struct_conf.beg_label_asym_id 
_struct_conf.beg_label_seq_id 
_struct_conf.pdbx_beg_PDB_ins_code 
_struct_conf.end_label_comp_id 
_struct_conf.end_label_asym_id 
_struct_conf.end_label_seq_id 
_struct_conf.pdbx_end_PDB_ins_code 
_struct_conf.beg_auth_comp_id 
_struct_conf.beg_auth_asym_id 
_struct_conf.beg_auth_seq_id 
_struct_conf.end_auth_comp_id 
_struct_conf.end_auth_asym_id 
_struct_conf.end_auth_seq_id 
_struct_conf.pdbx_PDB_helix_class 
_struct_conf.details 
_struct_conf.pdbx_PDB_helix_length 
HELX_P HELX_P1 1 THR A 85  ? SER A 102 ? THR A 81  SER A 98  1 ? 18 
HELX_P HELX_P2 2 ASP A 106 ? SER A 115 ? ASP A 102 SER A 111 1 ? 10 
HELX_P HELX_P3 3 CYS A 117 ? ARG A 123 ? CYS A 113 ARG A 119 5 ? 7  
HELX_P HELX_P4 4 ALA A 135 ? LEU A 145 ? ALA A 131 LEU A 141 1 ? 11 
# 
_struct_conf_type.id          HELX_P 
_struct_conf_type.criteria    ? 
_struct_conf_type.reference   ? 
# 
loop_
_struct_sheet.id 
_struct_sheet.type 
_struct_sheet.number_strands 
_struct_sheet.details 
A ? 3 ? 
B ? 4 ? 
# 
loop_
_struct_sheet_order.sheet_id 
_struct_sheet_order.range_id_1 
_struct_sheet_order.range_id_2 
_struct_sheet_order.offset 
_struct_sheet_order.sense 
A 1 2 ? anti-parallel 
A 2 3 ? anti-parallel 
B 1 2 ? anti-parallel 
B 2 3 ? anti-parallel 
B 3 4 ? anti-parallel 
# 
loop_
_struct_sheet_range.sheet_id 
_struct_sheet_range.id 
_struct_sheet_range.beg_label_comp_id 
_struct_sheet_range.beg_label_asym_id 
_struct_sheet_range.beg_label_seq_id 
_struct_sheet_range.pdbx_beg_PDB_ins_code 
_struct_sheet_range.end_label_comp_id 
_struct_sheet_range.end_label_asym_id 
_struct_sheet_range.end_label_seq_id 
_struct_sheet_range.pdbx_end_PDB_ins_code 
_struct_sheet_range.beg_auth_comp_id 
_struct_sheet_range.beg_auth_asym_id 
_struct_sheet_range.beg_auth_seq_id 
_struct_sheet_range.end_auth_comp_id 
_struct_sheet_range.end_auth_asym_id 
_struct_sheet_range.end_auth_seq_id 
A 1 TRP A 15  ? MET A 19  ? TRP A 11  MET A 15  
A 2 VAL A 26  ? ASN A 30  ? VAL A 22  ASN A 26  
A 3 SER A 36  ? GLN A 37  ? SER A 32  GLN A 33  
B 1 ASP A 125 ? SER A 130 ? ASP A 121 SER A 126 
B 2 ARG A 58  ? VAL A 66  ? ARG A 54  VAL A 62  
B 3 GLY A 159 ? GLU A 167 ? GLY A 155 GLU A 163 
B 4 VAL A 154 ? THR A 156 ? VAL A 150 THR A 152 
# 
loop_
_pdbx_struct_sheet_hbond.sheet_id 
_pdbx_struct_sheet_hbond.range_id_1 
_pdbx_struct_sheet_hbond.range_id_2 
_pdbx_struct_sheet_hbond.range_1_label_atom_id 
_pdbx_struct_sheet_hbond.range_1_label_comp_id 
_pdbx_struct_sheet_hbond.range_1_label_asym_id 
_pdbx_struct_sheet_hbond.range_1_label_seq_id 
_pdbx_struct_sheet_hbond.range_1_PDB_ins_code 
_pdbx_struct_sheet_hbond.range_1_auth_atom_id 
_pdbx_struct_sheet_hbond.range_1_auth_comp_id 
_pdbx_struct_sheet_hbond.range_1_auth_asym_id 
_pdbx_struct_sheet_hbond.range_1_auth_seq_id 
_pdbx_struct_sheet_hbond.range_2_label_atom_id 
_pdbx_struct_sheet_hbond.range_2_label_comp_id 
_pdbx_struct_sheet_hbond.range_2_label_asym_id 
_pdbx_struct_sheet_hbond.range_2_label_seq_id 
_pdbx_struct_sheet_hbond.range_2_PDB_ins_code 
_pdbx_struct_sheet_hbond.range_2_auth_atom_id 
_pdbx_struct_sheet_hbond.range_2_auth_comp_id 
_pdbx_struct_sheet_hbond.range_2_auth_asym_id 
_pdbx_struct_sheet_hbond.range_2_auth_seq_id 
A 1 2 N GLU A 16  ? N GLU A 12  O PHE A 29  ? O PHE A 25  
A 2 3 N TYR A 28  ? N TYR A 24  O GLN A 37  ? O GLN A 33  
B 1 2 O PHE A 129 ? O PHE A 125 N VAL A 59  ? N VAL A 55  
B 2 3 N SER A 62  ? N SER A 58  O LEU A 164 ? O LEU A 160 
B 3 4 O HIS A 161 ? O HIS A 157 N VAL A 154 ? N VAL A 150 
# 
_struct_site.id                   AC1 
_struct_site.pdbx_evidence_code   Software 
_struct_site.pdbx_auth_asym_id    A 
_struct_site.pdbx_auth_comp_id    4D9 
_struct_site.pdbx_auth_seq_id     164 
_struct_site.pdbx_auth_ins_code   ? 
_struct_site.pdbx_num_residues    11 
_struct_site.details              'BINDING SITE FOR RESIDUE 4D9 A 164' 
# 
loop_
_struct_site_gen.id 
_struct_site_gen.site_id 
_struct_site_gen.pdbx_num_res 
_struct_site_gen.label_comp_id 
_struct_site_gen.label_asym_id 
_struct_site_gen.label_seq_id 
_struct_site_gen.pdbx_auth_ins_code 
_struct_site_gen.auth_comp_id 
_struct_site_gen.auth_asym_id 
_struct_site_gen.auth_seq_id 
_struct_site_gen.label_atom_id 
_struct_site_gen.label_alt_id 
_struct_site_gen.symmetry 
_struct_site_gen.details 
1  AC1 11 HIS A 63  ? HIS A 59  . ? 1_555 ? 
2  AC1 11 LYS A 67  ? LYS A 63  . ? 1_555 ? 
3  AC1 11 CYS A 117 ? CYS A 113 . ? 1_555 ? 
4  AC1 11 SER A 118 ? SER A 114 . ? 1_555 ? 
5  AC1 11 LEU A 126 ? LEU A 122 . ? 1_555 ? 
6  AC1 11 MET A 134 ? MET A 130 . ? 1_555 ? 
7  AC1 11 PHE A 138 ? PHE A 134 . ? 1_555 ? 
8  AC1 11 SER A 158 ? SER A 154 . ? 1_555 ? 
9  AC1 11 HIS A 161 ? HIS A 157 . ? 1_555 ? 
10 AC1 11 HOH C .   ? HOH A 171 . ? 1_555 ? 
11 AC1 11 HOH C .   ? HOH A 203 . ? 3_654 ? 
# 
_atom_sites.entry_id                    3KAF 
_atom_sites.fract_transf_matrix[1][1]   0.00645857 
_atom_sites.fract_transf_matrix[1][2]   -0.00276125 
_atom_sites.fract_transf_matrix[1][3]   -0.01547667 
_atom_sites.fract_transf_matrix[2][1]   -0.00828190 
_atom_sites.fract_transf_matrix[2][2]   -0.00995028 
_atom_sites.fract_transf_matrix[2][3]   -0.01101364 
_atom_sites.fract_transf_matrix[3][1]   -0.00623365 
_atom_sites.fract_transf_matrix[3][2]   0.01005310 
_atom_sites.fract_transf_matrix[3][3]   -0.00439498 
_atom_sites.fract_transf_vector[1]      0.240844 
_atom_sites.fract_transf_vector[2]      -0.394697 
_atom_sites.fract_transf_vector[3]      0.185773 
# 
loop_
_atom_type.symbol 
C 
N 
O 
S 
# 
loop_
_atom_site.group_PDB 
_atom_site.id 
_atom_site.type_symbol 
_atom_site.label_atom_id 
_atom_site.label_alt_id 
_atom_site.label_comp_id 
_atom_site.label_asym_id 
_atom_site.label_entity_id 
_atom_site.label_seq_id 
_atom_site.pdbx_PDB_ins_code 
_atom_site.Cartn_x 
_atom_site.Cartn_y 
_atom_site.Cartn_z 
_atom_site.occupancy 
_atom_site.B_iso_or_equiv 
_atom_site.pdbx_formal_charge 
_atom_site.auth_seq_id 
_atom_site.auth_comp_id 
_atom_site.auth_asym_id 
_atom_site.auth_atom_id 
_atom_site.pdbx_PDB_model_num 
ATOM   1    N N   . LEU A 1 11  ? 5.708   19.618  10.249  1.00 71.71 ? 7   LEU A N   1 
ATOM   2    C CA  . LEU A 1 11  ? 5.360   18.174  10.108  1.00 71.62 ? 7   LEU A CA  1 
ATOM   3    C C   . LEU A 1 11  ? 6.148   17.621  8.939   1.00 71.93 ? 7   LEU A C   1 
ATOM   4    O O   . LEU A 1 11  ? 6.373   18.322  7.953   1.00 71.78 ? 7   LEU A O   1 
ATOM   5    C CB  . LEU A 1 11  ? 3.866   17.979  9.856   1.00 71.19 ? 7   LEU A CB  1 
ATOM   6    C CG  . LEU A 1 11  ? 2.821   18.403  10.887  1.00 70.70 ? 7   LEU A CG  1 
ATOM   7    C CD1 . LEU A 1 11  ? 1.470   18.744  10.207  1.00 69.70 ? 7   LEU A CD1 1 
ATOM   8    C CD2 . LEU A 1 11  ? 2.653   17.319  11.945  1.00 69.41 ? 7   LEU A CD2 1 
ATOM   9    N N   . PRO A 1 12  ? 6.554   16.347  9.036   1.00 72.21 ? 8   PRO A N   1 
ATOM   10   C CA  . PRO A 1 12  ? 7.529   15.705  8.126   1.00 72.27 ? 8   PRO A CA  1 
ATOM   11   C C   . PRO A 1 12  ? 7.067   15.552  6.634   1.00 72.40 ? 8   PRO A C   1 
ATOM   12   O O   . PRO A 1 12  ? 6.169   16.307  6.197   1.00 71.81 ? 8   PRO A O   1 
ATOM   13   C CB  . PRO A 1 12  ? 7.813   14.345  8.806   1.00 72.35 ? 8   PRO A CB  1 
ATOM   14   C CG  . PRO A 1 12  ? 7.070   14.377  10.136  1.00 72.70 ? 8   PRO A CG  1 
ATOM   15   C CD  . PRO A 1 12  ? 5.990   15.395  10.008  1.00 72.05 ? 8   PRO A CD  1 
ATOM   16   N N   . PRO A 1 13  ? 7.690   14.592  5.859   1.00 72.21 ? 9   PRO A N   1 
ATOM   17   C CA  . PRO A 1 13  ? 7.441   14.470  4.390   1.00 71.38 ? 9   PRO A CA  1 
ATOM   18   C C   . PRO A 1 13  ? 5.990   14.221  3.968   1.00 70.10 ? 9   PRO A C   1 
ATOM   19   O O   . PRO A 1 13  ? 5.530   13.058  4.030   1.00 70.06 ? 9   PRO A O   1 
ATOM   20   C CB  . PRO A 1 13  ? 8.344   13.285  3.953   1.00 72.05 ? 9   PRO A CB  1 
ATOM   21   C CG  . PRO A 1 13  ? 9.450   13.210  5.026   1.00 72.83 ? 9   PRO A CG  1 
ATOM   22   C CD  . PRO A 1 13  ? 8.747   13.647  6.314   1.00 72.19 ? 9   PRO A CD  1 
ATOM   23   N N   . GLY A 1 14  ? 5.304   15.303  3.549   1.00 68.04 ? 10  GLY A N   1 
ATOM   24   C CA  . GLY A 1 14  ? 3.948   15.244  2.972   1.00 65.51 ? 10  GLY A CA  1 
ATOM   25   C C   . GLY A 1 14  ? 2.774   15.008  3.912   1.00 63.87 ? 10  GLY A C   1 
ATOM   26   O O   . GLY A 1 14  ? 1.724   14.505  3.510   1.00 63.07 ? 10  GLY A O   1 
ATOM   27   N N   . TRP A 1 15  ? 2.952   15.371  5.171   1.00 62.70 ? 11  TRP A N   1 
ATOM   28   C CA  . TRP A 1 15  ? 1.921   15.203  6.168   1.00 62.05 ? 11  TRP A CA  1 
ATOM   29   C C   . TRP A 1 15  ? 1.167   16.509  6.232   1.00 63.05 ? 11  TRP A C   1 
ATOM   30   O O   . TRP A 1 15  ? 1.725   17.563  5.904   1.00 63.41 ? 11  TRP A O   1 
ATOM   31   C CB  . TRP A 1 15  ? 2.533   14.842  7.537   1.00 60.82 ? 11  TRP A CB  1 
ATOM   32   C CG  . TRP A 1 15  ? 2.828   13.364  7.704   1.00 56.95 ? 11  TRP A CG  1 
ATOM   33   C CD1 . TRP A 1 15  ? 4.053   12.757  7.632   1.00 56.80 ? 11  TRP A CD1 1 
ATOM   34   C CD2 . TRP A 1 15  ? 1.877   12.304  7.939   1.00 52.81 ? 11  TRP A CD2 1 
ATOM   35   N NE1 . TRP A 1 15  ? 3.927   11.394  7.827   1.00 53.42 ? 11  TRP A NE1 1 
ATOM   36   C CE2 . TRP A 1 15  ? 2.607   11.089  8.009   1.00 51.42 ? 11  TRP A CE2 1 
ATOM   37   C CE3 . TRP A 1 15  ? 0.486   12.264  8.105   1.00 49.14 ? 11  TRP A CE3 1 
ATOM   38   C CZ2 . TRP A 1 15  ? 1.997   9.865   8.240   1.00 49.02 ? 11  TRP A CZ2 1 
ATOM   39   C CZ3 . TRP A 1 15  ? -0.112  11.058  8.348   1.00 46.89 ? 11  TRP A CZ3 1 
ATOM   40   C CH2 . TRP A 1 15  ? 0.640   9.866   8.413   1.00 49.21 ? 11  TRP A CH2 1 
ATOM   41   N N   . GLU A 1 16  ? -0.093  16.438  6.649   1.00 63.58 ? 12  GLU A N   1 
ATOM   42   C CA  . GLU A 1 16  ? -0.974  17.587  6.669   1.00 65.04 ? 12  GLU A CA  1 
ATOM   43   C C   . GLU A 1 16  ? -2.055  17.351  7.694   1.00 66.07 ? 12  GLU A C   1 
ATOM   44   O O   . GLU A 1 16  ? -2.570  16.226  7.807   1.00 65.79 ? 12  GLU A O   1 
ATOM   45   C CB  . GLU A 1 16  ? -1.594  17.797  5.269   1.00 65.39 ? 12  GLU A CB  1 
ATOM   46   C CG  . GLU A 1 16  ? -3.154  17.942  5.185   1.00 65.63 ? 12  GLU A CG  1 
ATOM   47   C CD  . GLU A 1 16  ? -3.844  16.968  4.165   1.00 66.50 ? 12  GLU A CD  1 
ATOM   48   O OE1 . GLU A 1 16  ? -4.761  16.231  4.587   1.00 68.30 ? 12  GLU A OE1 1 
ATOM   49   O OE2 . GLU A 1 16  ? -3.490  16.923  2.961   1.00 64.83 ? 12  GLU A OE2 1 
ATOM   50   N N   . LYS A 1 17  ? -2.398  18.416  8.424   1.00 67.59 ? 13  LYS A N   1 
ATOM   51   C CA  . LYS A 1 17  ? -3.569  18.452  9.330   1.00 68.77 ? 13  LYS A CA  1 
ATOM   52   C C   . LYS A 1 17  ? -4.890  18.326  8.565   1.00 68.77 ? 13  LYS A C   1 
ATOM   53   O O   . LYS A 1 17  ? -5.073  18.956  7.530   1.00 68.48 ? 13  LYS A O   1 
ATOM   54   C CB  . LYS A 1 17  ? -3.592  19.747  10.154  1.00 69.36 ? 13  LYS A CB  1 
ATOM   55   C CG  . LYS A 1 17  ? -2.811  19.725  11.462  1.00 71.82 ? 13  LYS A CG  1 
ATOM   56   C CD  . LYS A 1 17  ? -3.473  20.659  12.506  1.00 76.23 ? 13  LYS A CD  1 
ATOM   57   C CE  . LYS A 1 17  ? -2.748  20.635  13.886  1.00 78.83 ? 13  LYS A CE  1 
ATOM   58   N NZ  . LYS A 1 17  ? -3.628  21.098  15.039  1.00 80.00 ? 13  LYS A NZ  1 
ATOM   59   N N   . ALA A 1 18  ? -5.790  17.498  9.084   1.00 69.42 ? 14  ALA A N   1 
ATOM   60   C CA  . ALA A 1 18  ? -7.123  17.318  8.533   1.00 70.67 ? 14  ALA A CA  1 
ATOM   61   C C   . ALA A 1 18  ? -8.099  17.174  9.690   1.00 71.92 ? 14  ALA A C   1 
ATOM   62   O O   . ALA A 1 18  ? -7.675  16.957  10.822  1.00 72.03 ? 14  ALA A O   1 
ATOM   63   C CB  . ALA A 1 18  ? -7.171  16.109  7.647   1.00 70.11 ? 14  ALA A CB  1 
ATOM   64   N N   . MET A 1 19  ? -9.394  17.304  9.405   1.00 73.54 ? 15  MET A N   1 
ATOM   65   C CA  . MET A 1 19  ? -10.444 17.284  10.430  1.00 75.40 ? 15  MET A CA  1 
ATOM   66   C C   . MET A 1 19  ? -11.428 16.168  10.116  1.00 76.06 ? 15  MET A C   1 
ATOM   67   O O   . MET A 1 19  ? -11.772 15.946  8.942   1.00 75.43 ? 15  MET A O   1 
ATOM   68   C CB  . MET A 1 19  ? -11.195 18.620  10.440  1.00 76.04 ? 15  MET A CB  1 
ATOM   69   C CG  . MET A 1 19  ? -11.890 19.003  11.755  1.00 78.54 ? 15  MET A CG  1 
ATOM   70   S SD  . MET A 1 19  ? -10.827 19.954  12.906  1.00 84.11 ? 15  MET A SD  1 
ATOM   71   C CE  . MET A 1 19  ? -10.199 21.330  11.902  1.00 83.47 ? 15  MET A CE  1 
ATOM   72   N N   . SER A 1 20  ? -11.892 15.472  11.152  1.00 77.04 ? 16  SER A N   1 
ATOM   73   C CA  . SER A 1 20  ? -12.800 14.339  10.945  1.00 78.56 ? 16  SER A CA  1 
ATOM   74   C C   . SER A 1 20  ? -14.258 14.758  10.660  1.00 79.63 ? 16  SER A C   1 
ATOM   75   O O   . SER A 1 20  ? -14.805 15.643  11.328  1.00 80.01 ? 16  SER A O   1 
ATOM   76   C CB  . SER A 1 20  ? -12.723 13.373  12.115  1.00 78.15 ? 16  SER A CB  1 
ATOM   77   O OG  . SER A 1 20  ? -13.647 12.325  11.943  1.00 78.91 ? 16  SER A OG  1 
ATOM   78   N N   . ARG A 1 21  ? -14.862 14.127  9.647   1.00 80.98 ? 17  ARG A N   1 
ATOM   79   C CA  . ARG A 1 21  ? -16.264 14.388  9.262   1.00 82.21 ? 17  ARG A CA  1 
ATOM   80   C C   . ARG A 1 21  ? -17.259 13.892  10.316  1.00 82.53 ? 17  ARG A C   1 
ATOM   81   O O   . ARG A 1 21  ? -18.190 14.625  10.698  1.00 83.02 ? 17  ARG A O   1 
ATOM   82   C CB  . ARG A 1 21  ? -16.595 13.813  7.867   1.00 82.30 ? 17  ARG A CB  1 
ATOM   83   C CG  . ARG A 1 21  ? -15.667 12.681  7.373   1.00 84.17 ? 17  ARG A CG  1 
ATOM   84   C CD  . ARG A 1 21  ? -15.382 12.792  5.852   1.00 86.77 ? 17  ARG A CD  1 
ATOM   85   N NE  . ARG A 1 21  ? -14.723 14.059  5.471   1.00 88.18 ? 17  ARG A NE  1 
ATOM   86   C CZ  . ARG A 1 21  ? -15.290 15.050  4.765   1.00 88.65 ? 17  ARG A CZ  1 
ATOM   87   N NH1 . ARG A 1 21  ? -16.543 14.953  4.323   1.00 87.43 ? 17  ARG A NH1 1 
ATOM   88   N NH2 . ARG A 1 21  ? -14.594 16.153  4.492   1.00 87.76 ? 17  ARG A NH2 1 
ATOM   89   N N   . SER A 1 22  ? -17.036 12.659  10.793  1.00 82.68 ? 18  SER A N   1 
ATOM   90   C CA  . SER A 1 22  ? -17.817 12.047  11.890  1.00 82.40 ? 18  SER A CA  1 
ATOM   91   C C   . SER A 1 22  ? -17.511 12.628  13.296  1.00 81.39 ? 18  SER A C   1 
ATOM   92   O O   . SER A 1 22  ? -18.422 12.833  14.101  1.00 81.53 ? 18  SER A O   1 
ATOM   93   C CB  . SER A 1 22  ? -17.617 10.508  11.885  1.00 82.80 ? 18  SER A CB  1 
ATOM   94   O OG  . SER A 1 22  ? -18.584 9.816   12.685  1.00 83.98 ? 18  SER A OG  1 
ATOM   95   N N   . SER A 1 23  ? -16.235 12.906  13.556  1.00 80.18 ? 19  SER A N   1 
ATOM   96   C CA  . SER A 1 23  ? -15.715 13.091  14.914  1.00 79.22 ? 19  SER A CA  1 
ATOM   97   C C   . SER A 1 23  ? -15.476 14.543  15.338  1.00 78.40 ? 19  SER A C   1 
ATOM   98   O O   . SER A 1 23  ? -15.771 14.924  16.483  1.00 78.68 ? 19  SER A O   1 
ATOM   99   C CB  . SER A 1 23  ? -14.414 12.277  15.080  1.00 79.48 ? 19  SER A CB  1 
ATOM   100  O OG  . SER A 1 23  ? -13.664 12.708  16.207  1.00 78.93 ? 19  SER A OG  1 
ATOM   101  N N   . GLY A 1 24  ? -14.923 15.345  14.431  1.00 77.36 ? 20  GLY A N   1 
ATOM   102  C CA  . GLY A 1 24  ? -14.510 16.714  14.757  1.00 76.12 ? 20  GLY A CA  1 
ATOM   103  C C   . GLY A 1 24  ? -13.140 16.789  15.426  1.00 75.39 ? 20  GLY A C   1 
ATOM   104  O O   . GLY A 1 24  ? -12.777 17.826  16.011  1.00 75.61 ? 20  GLY A O   1 
ATOM   105  N N   . ARG A 1 25  ? -12.388 15.684  15.334  1.00 73.85 ? 21  ARG A N   1 
ATOM   106  C CA  . ARG A 1 25  ? -11.012 15.575  15.836  1.00 72.29 ? 21  ARG A CA  1 
ATOM   107  C C   . ARG A 1 25  ? -9.963  15.700  14.697  1.00 70.49 ? 21  ARG A C   1 
ATOM   108  O O   . ARG A 1 25  ? -10.128 15.174  13.602  1.00 70.01 ? 21  ARG A O   1 
ATOM   109  C CB  . ARG A 1 25  ? -10.815 14.221  16.545  1.00 72.86 ? 21  ARG A CB  1 
ATOM   110  C CG  . ARG A 1 25  ? -11.213 14.128  18.003  1.00 73.47 ? 21  ARG A CG  1 
ATOM   111  C CD  . ARG A 1 25  ? -10.820 12.737  18.547  1.00 74.85 ? 21  ARG A CD  1 
ATOM   112  N NE  . ARG A 1 25  ? -11.589 11.630  17.951  1.00 74.87 ? 21  ARG A NE  1 
ATOM   113  C CZ  . ARG A 1 25  ? -11.072 10.518  17.408  1.00 75.46 ? 21  ARG A CZ  1 
ATOM   114  N NH1 . ARG A 1 25  ? -9.750  10.319  17.368  1.00 73.19 ? 21  ARG A NH1 1 
ATOM   115  N NH2 . ARG A 1 25  ? -11.894 9.590   16.902  1.00 75.33 ? 21  ARG A NH2 1 
ATOM   116  N N   . VAL A 1 26  ? -8.883  16.406  14.988  1.00 68.77 ? 22  VAL A N   1 
ATOM   117  C CA  . VAL A 1 26  ? -7.738  16.542  14.091  1.00 66.55 ? 22  VAL A CA  1 
ATOM   118  C C   . VAL A 1 26  ? -7.031  15.182  13.935  1.00 64.57 ? 22  VAL A C   1 
ATOM   119  O O   . VAL A 1 26  ? -6.552  14.588  14.916  1.00 64.50 ? 22  VAL A O   1 
ATOM   120  C CB  . VAL A 1 26  ? -6.740  17.615  14.664  1.00 66.92 ? 22  VAL A CB  1 
ATOM   121  C CG1 . VAL A 1 26  ? -5.518  17.846  13.749  1.00 66.80 ? 22  VAL A CG1 1 
ATOM   122  C CG2 . VAL A 1 26  ? -7.467  18.946  14.979  1.00 67.18 ? 22  VAL A CG2 1 
ATOM   123  N N   . TYR A 1 27  ? -6.992  14.673  12.709  1.00 61.62 ? 23  TYR A N   1 
ATOM   124  C CA  . TYR A 1 27  ? -6.087  13.565  12.399  1.00 59.11 ? 23  TYR A CA  1 
ATOM   125  C C   . TYR A 1 27  ? -4.984  14.084  11.506  1.00 57.27 ? 23  TYR A C   1 
ATOM   126  O O   . TYR A 1 27  ? -4.923  15.281  11.249  1.00 56.00 ? 23  TYR A O   1 
ATOM   127  C CB  . TYR A 1 27  ? -6.800  12.368  11.763  1.00 58.71 ? 23  TYR A CB  1 
ATOM   128  C CG  . TYR A 1 27  ? -7.481  12.642  10.456  1.00 58.22 ? 23  TYR A CG  1 
ATOM   129  C CD1 . TYR A 1 27  ? -7.035  12.067  9.294   1.00 58.11 ? 23  TYR A CD1 1 
ATOM   130  C CD2 . TYR A 1 27  ? -8.592  13.464  10.401  1.00 59.00 ? 23  TYR A CD2 1 
ATOM   131  C CE1 . TYR A 1 27  ? -7.668  12.309  8.098   1.00 59.74 ? 23  TYR A CE1 1 
ATOM   132  C CE2 . TYR A 1 27  ? -9.222  13.725  9.229   1.00 60.07 ? 23  TYR A CE2 1 
ATOM   133  C CZ  . TYR A 1 27  ? -8.770  13.142  8.073   1.00 60.90 ? 23  TYR A CZ  1 
ATOM   134  O OH  . TYR A 1 27  ? -9.434  13.415  6.898   1.00 61.78 ? 23  TYR A OH  1 
ATOM   135  N N   . TYR A 1 28  ? -4.116  13.181  11.046  1.00 55.67 ? 24  TYR A N   1 
ATOM   136  C CA  . TYR A 1 28  ? -3.065  13.542  10.099  1.00 53.99 ? 24  TYR A CA  1 
ATOM   137  C C   . TYR A 1 28  ? -3.142  12.645  8.854   1.00 52.48 ? 24  TYR A C   1 
ATOM   138  O O   . TYR A 1 28  ? -3.547  11.495  8.984   1.00 52.84 ? 24  TYR A O   1 
ATOM   139  C CB  . TYR A 1 28  ? -1.695  13.595  10.813  1.00 54.50 ? 24  TYR A CB  1 
ATOM   140  C CG  . TYR A 1 28  ? -1.642  14.643  11.963  1.00 55.60 ? 24  TYR A CG  1 
ATOM   141  C CD1 . TYR A 1 28  ? -2.021  14.293  13.281  1.00 57.56 ? 24  TYR A CD1 1 
ATOM   142  C CD2 . TYR A 1 28  ? -1.223  15.985  11.730  1.00 56.83 ? 24  TYR A CD2 1 
ATOM   143  C CE1 . TYR A 1 28  ? -1.985  15.232  14.356  1.00 57.66 ? 24  TYR A CE1 1 
ATOM   144  C CE2 . TYR A 1 28  ? -1.175  16.939  12.795  1.00 58.07 ? 24  TYR A CE2 1 
ATOM   145  C CZ  . TYR A 1 28  ? -1.564  16.549  14.112  1.00 59.62 ? 24  TYR A CZ  1 
ATOM   146  O OH  . TYR A 1 28  ? -1.551  17.454  15.177  1.00 59.91 ? 24  TYR A OH  1 
ATOM   147  N N   . PHE A 1 29  ? -2.834  13.193  7.660   1.00 50.20 ? 25  PHE A N   1 
ATOM   148  C CA  . PHE A 1 29  ? -2.986  12.507  6.336   1.00 47.76 ? 25  PHE A CA  1 
ATOM   149  C C   . PHE A 1 29  ? -1.725  12.663  5.542   1.00 46.39 ? 25  PHE A C   1 
ATOM   150  O O   . PHE A 1 29  ? -1.126  13.750  5.548   1.00 47.11 ? 25  PHE A O   1 
ATOM   151  C CB  . PHE A 1 29  ? -4.119  13.115  5.508   1.00 47.64 ? 25  PHE A CB  1 
ATOM   152  C CG  . PHE A 1 29  ? -4.376  12.414  4.178   1.00 50.30 ? 25  PHE A CG  1 
ATOM   153  C CD1 . PHE A 1 29  ? -5.033  11.169  4.128   1.00 52.50 ? 25  PHE A CD1 1 
ATOM   154  C CD2 . PHE A 1 29  ? -4.015  13.015  2.961   1.00 50.94 ? 25  PHE A CD2 1 
ATOM   155  C CE1 . PHE A 1 29  ? -5.292  10.507  2.884   1.00 51.21 ? 25  PHE A CE1 1 
ATOM   156  C CE2 . PHE A 1 29  ? -4.261  12.373  1.724   1.00 51.66 ? 25  PHE A CE2 1 
ATOM   157  C CZ  . PHE A 1 29  ? -4.899  11.110  1.687   1.00 52.90 ? 25  PHE A CZ  1 
ATOM   158  N N   . ASN A 1 30  ? -1.287  11.601  4.865   1.00 43.76 ? 26  ASN A N   1 
ATOM   159  C CA  . ASN A 1 30  ? -0.061  11.713  4.054   1.00 42.01 ? 26  ASN A CA  1 
ATOM   160  C C   . ASN A 1 30  ? -0.481  11.583  2.616   1.00 40.98 ? 26  ASN A C   1 
ATOM   161  O O   . ASN A 1 30  ? -0.981  10.570  2.223   1.00 41.22 ? 26  ASN A O   1 
ATOM   162  C CB  . ASN A 1 30  ? 0.983   10.651  4.411   1.00 41.29 ? 26  ASN A CB  1 
ATOM   163  C CG  . ASN A 1 30  ? 2.385   11.016  3.928   1.00 39.40 ? 26  ASN A CG  1 
ATOM   164  O OD1 . ASN A 1 30  ? 2.676   10.997  2.739   1.00 35.37 ? 26  ASN A OD1 1 
ATOM   165  N ND2 . ASN A 1 30  ? 3.262   11.340  4.865   1.00 37.83 ? 26  ASN A ND2 1 
ATOM   166  N N   . HIS A 1 31  ? -0.335  12.639  1.844   1.00 40.20 ? 27  HIS A N   1 
ATOM   167  C CA  . HIS A 1 31  ? -0.765  12.604  0.472   1.00 39.96 ? 27  HIS A CA  1 
ATOM   168  C C   . HIS A 1 31  ? 0.142   11.723  -0.367  1.00 39.45 ? 27  HIS A C   1 
ATOM   169  O O   . HIS A 1 31  ? -0.282  11.252  -1.413  1.00 40.33 ? 27  HIS A O   1 
ATOM   170  C CB  . HIS A 1 31  ? -0.872  14.020  -0.113  1.00 40.07 ? 27  HIS A CB  1 
ATOM   171  C CG  . HIS A 1 31  ? 0.445   14.736  -0.278  1.00 40.78 ? 27  HIS A CG  1 
ATOM   172  N ND1 . HIS A 1 31  ? 1.159   14.731  -1.466  1.00 43.52 ? 27  HIS A ND1 1 
ATOM   173  C CD2 . HIS A 1 31  ? 1.132   15.546  0.565   1.00 40.84 ? 27  HIS A CD2 1 
ATOM   174  C CE1 . HIS A 1 31  ? 2.251   15.472  -1.330  1.00 44.04 ? 27  HIS A CE1 1 
ATOM   175  N NE2 . HIS A 1 31  ? 2.264   15.971  -0.102  1.00 42.03 ? 27  HIS A NE2 1 
ATOM   176  N N   . ILE A 1 32  ? 1.372   11.501  0.087   1.00 38.78 ? 28  ILE A N   1 
ATOM   177  C CA  . ILE A 1 32  ? 2.304   10.674  -0.648  1.00 39.04 ? 28  ILE A CA  1 
ATOM   178  C C   . ILE A 1 32  ? 2.036   9.188   -0.429  1.00 39.12 ? 28  ILE A C   1 
ATOM   179  O O   . ILE A 1 32  ? 2.023   8.413   -1.400  1.00 39.18 ? 28  ILE A O   1 
ATOM   180  C CB  . ILE A 1 32  ? 3.782   10.974  -0.382  1.00 39.75 ? 28  ILE A CB  1 
ATOM   181  C CG1 . ILE A 1 32  ? 4.148   12.449  -0.663  1.00 39.06 ? 28  ILE A CG1 1 
ATOM   182  C CG2 . ILE A 1 32  ? 4.666   10.033  -1.241  1.00 38.87 ? 28  ILE A CG2 1 
ATOM   183  C CD1 . ILE A 1 32  ? 5.633   12.789  -0.242  1.00 41.04 ? 28  ILE A CD1 1 
ATOM   184  N N   . THR A 1 33  ? 1.790   8.794   0.817   1.00 37.74 ? 29  THR A N   1 
ATOM   185  C CA  . THR A 1 33  ? 1.559   7.396   1.083   1.00 36.72 ? 29  THR A CA  1 
ATOM   186  C C   . THR A 1 33  ? 0.117   7.042   1.200   1.00 36.35 ? 29  THR A C   1 
ATOM   187  O O   . THR A 1 33  ? -0.175  5.863   1.337   1.00 37.10 ? 29  THR A O   1 
ATOM   188  C CB  . THR A 1 33  ? 2.163   6.940   2.393   1.00 36.19 ? 29  THR A CB  1 
ATOM   189  O OG1 . THR A 1 33  ? 1.430   7.562   3.450   1.00 36.28 ? 29  THR A OG1 1 
ATOM   190  C CG2 . THR A 1 33  ? 3.642   7.282   2.480   1.00 34.58 ? 29  THR A CG2 1 
ATOM   191  N N   . ASN A 1 34  ? -0.779  8.032   1.185   1.00 36.04 ? 30  ASN A N   1 
ATOM   192  C CA  . ASN A 1 34  ? -2.253  7.838   1.458   1.00 35.24 ? 30  ASN A CA  1 
ATOM   193  C C   . ASN A 1 34  ? -2.620  7.258   2.825   1.00 35.05 ? 30  ASN A C   1 
ATOM   194  O O   . ASN A 1 34  ? -3.765  6.814   3.076   1.00 34.19 ? 30  ASN A O   1 
ATOM   195  C CB  . ASN A 1 34  ? -2.968  7.101   0.318   1.00 34.13 ? 30  ASN A CB  1 
ATOM   196  C CG  . ASN A 1 34  ? -2.874  7.867   -1.004  1.00 37.20 ? 30  ASN A CG  1 
ATOM   197  O OD1 . ASN A 1 34  ? -2.506  7.318   -2.054  1.00 32.55 ? 30  ASN A OD1 1 
ATOM   198  N ND2 . ASN A 1 34  ? -3.155  9.164   -0.939  1.00 39.06 ? 30  ASN A ND2 1 
ATOM   199  N N   . ALA A 1 35  ? -1.649  7.314   3.722   1.00 35.26 ? 31  ALA A N   1 
ATOM   200  C CA  . ALA A 1 35  ? -1.824  6.882   5.104   1.00 36.21 ? 31  ALA A CA  1 
ATOM   201  C C   . ALA A 1 35  ? -2.491  7.997   5.912   1.00 37.24 ? 31  ALA A C   1 
ATOM   202  O O   . ALA A 1 35  ? -2.374  9.198   5.597   1.00 36.58 ? 31  ALA A O   1 
ATOM   203  C CB  . ALA A 1 35  ? -0.473  6.555   5.729   1.00 34.90 ? 31  ALA A CB  1 
ATOM   204  N N   . SER A 1 36  ? -3.153  7.569   6.983   1.00 38.59 ? 32  SER A N   1 
ATOM   205  C CA  . SER A 1 36  ? -3.745  8.445   7.969   1.00 39.61 ? 32  SER A CA  1 
ATOM   206  C C   . SER A 1 36  ? -3.735  7.750   9.331   1.00 41.61 ? 32  SER A C   1 
ATOM   207  O O   . SER A 1 36  ? -4.077  6.560   9.463   1.00 42.57 ? 32  SER A O   1 
ATOM   208  C CB  . SER A 1 36  ? -5.179  8.762   7.578   1.00 39.12 ? 32  SER A CB  1 
ATOM   209  O OG  . SER A 1 36  ? -5.943  7.564   7.587   1.00 39.26 ? 32  SER A OG  1 
ATOM   210  N N   . GLN A 1 37  ? -3.390  8.546   10.341  1.00 43.12 ? 33  GLN A N   1 
ATOM   211  C CA  . GLN A 1 37  ? -3.294  8.160   11.727  1.00 43.66 ? 33  GLN A CA  1 
ATOM   212  C C   . GLN A 1 37  ? -3.822  9.334   12.597  1.00 45.19 ? 33  GLN A C   1 
ATOM   213  O O   . GLN A 1 37  ? -4.007  10.464  12.121  1.00 45.92 ? 33  GLN A O   1 
ATOM   214  C CB  . GLN A 1 37  ? -1.835  7.914   12.063  1.00 43.17 ? 33  GLN A CB  1 
ATOM   215  C CG  . GLN A 1 37  ? -1.020  9.170   11.915  1.00 43.19 ? 33  GLN A CG  1 
ATOM   216  C CD  . GLN A 1 37  ? 0.447   8.900   11.932  1.00 42.98 ? 33  GLN A CD  1 
ATOM   217  O OE1 . GLN A 1 37  ? 0.920   7.932   11.337  1.00 44.85 ? 33  GLN A OE1 1 
ATOM   218  N NE2 . GLN A 1 37  ? 1.176   9.715   12.658  1.00 38.73 ? 33  GLN A NE2 1 
ATOM   219  N N   . TRP A 1 38  ? -4.051  9.065   13.876  1.00 46.78 ? 34  TRP A N   1 
ATOM   220  C CA  . TRP A 1 38  ? -4.598  10.048  14.790  1.00 47.66 ? 34  TRP A CA  1 
ATOM   221  C C   . TRP A 1 38  ? -3.538  10.924  15.413  1.00 48.74 ? 34  TRP A C   1 
ATOM   222  O O   . TRP A 1 38  ? -3.757  12.114  15.621  1.00 48.11 ? 34  TRP A O   1 
ATOM   223  C CB  . TRP A 1 38  ? -5.371  9.300   15.860  1.00 48.26 ? 34  TRP A CB  1 
ATOM   224  C CG  . TRP A 1 38  ? -6.599  8.670   15.308  1.00 47.17 ? 34  TRP A CG  1 
ATOM   225  C CD1 . TRP A 1 38  ? -6.859  7.315   15.143  1.00 49.37 ? 34  TRP A CD1 1 
ATOM   226  C CD2 . TRP A 1 38  ? -7.727  9.362   14.783  1.00 48.02 ? 34  TRP A CD2 1 
ATOM   227  N NE1 . TRP A 1 38  ? -8.106  7.140   14.578  1.00 47.14 ? 34  TRP A NE1 1 
ATOM   228  C CE2 . TRP A 1 38  ? -8.657  8.383   14.348  1.00 48.95 ? 34  TRP A CE2 1 
ATOM   229  C CE3 . TRP A 1 38  ? -8.060  10.723  14.659  1.00 47.94 ? 34  TRP A CE3 1 
ATOM   230  C CZ2 . TRP A 1 38  ? -9.892  8.732   13.791  1.00 50.03 ? 34  TRP A CZ2 1 
ATOM   231  C CZ3 . TRP A 1 38  ? -9.272  11.063  14.132  1.00 46.74 ? 34  TRP A CZ3 1 
ATOM   232  C CH2 . TRP A 1 38  ? -10.180 10.072  13.688  1.00 49.64 ? 34  TRP A CH2 1 
ATOM   233  N N   . GLU A 1 39  ? -2.392  10.316  15.702  1.00 49.84 ? 35  GLU A N   1 
ATOM   234  C CA  . GLU A 1 39  ? -1.344  10.954  16.441  1.00 51.74 ? 35  GLU A CA  1 
ATOM   235  C C   . GLU A 1 39  ? -0.522  11.826  15.474  1.00 53.51 ? 35  GLU A C   1 
ATOM   236  O O   . GLU A 1 39  ? -0.338  11.461  14.304  1.00 53.29 ? 35  GLU A O   1 
ATOM   237  C CB  . GLU A 1 39  ? -0.468  9.886   17.130  1.00 51.76 ? 35  GLU A CB  1 
ATOM   238  C CG  . GLU A 1 39  ? -1.207  8.836   18.019  1.00 53.67 ? 35  GLU A CG  1 
ATOM   239  C CD  . GLU A 1 39  ? -1.703  7.572   17.253  1.00 57.97 ? 35  GLU A CD  1 
ATOM   240  O OE1 . GLU A 1 39  ? -2.023  7.662   16.022  1.00 58.76 ? 35  GLU A OE1 1 
ATOM   241  O OE2 . GLU A 1 39  ? -1.787  6.477   17.890  1.00 54.72 ? 35  GLU A OE2 1 
ATOM   242  N N   . ARG A 1 40  ? -0.044  12.982  15.949  1.00 55.52 ? 36  ARG A N   1 
ATOM   243  C CA  . ARG A 1 40  ? 0.918   13.788  15.183  1.00 58.19 ? 36  ARG A CA  1 
ATOM   244  C C   . ARG A 1 40  ? 2.140   12.945  14.791  1.00 59.04 ? 36  ARG A C   1 
ATOM   245  O O   . ARG A 1 40  ? 2.818   12.406  15.671  1.00 59.01 ? 36  ARG A O   1 
ATOM   246  C CB  . ARG A 1 40  ? 1.327   15.055  15.946  1.00 58.86 ? 36  ARG A CB  1 
ATOM   247  C CG  . ARG A 1 40  ? 2.630   15.709  15.448  1.00 62.39 ? 36  ARG A CG  1 
ATOM   248  C CD  . ARG A 1 40  ? 2.772   17.153  15.927  1.00 67.55 ? 36  ARG A CD  1 
ATOM   249  N NE  . ARG A 1 40  ? 1.681   17.988  15.429  1.00 71.50 ? 36  ARG A NE  1 
ATOM   250  C CZ  . ARG A 1 40  ? 1.288   19.137  15.983  1.00 74.91 ? 36  ARG A CZ  1 
ATOM   251  N NH1 . ARG A 1 40  ? 1.891   19.617  17.073  1.00 74.70 ? 36  ARG A NH1 1 
ATOM   252  N NH2 . ARG A 1 40  ? 0.275   19.810  15.444  1.00 75.79 ? 36  ARG A NH2 1 
ATOM   253  N N   . PRO A 1 41  ? 2.403   12.801  13.460  1.00 60.38 ? 37  PRO A N   1 
ATOM   254  C CA  . PRO A 1 41  ? 3.523   11.984  12.933  1.00 61.40 ? 37  PRO A CA  1 
ATOM   255  C C   . PRO A 1 41  ? 4.941   12.259  13.550  1.00 63.13 ? 37  PRO A C   1 
ATOM   256  O O   . PRO A 1 41  ? 5.320   13.444  13.779  1.00 62.57 ? 37  PRO A O   1 
ATOM   257  C CB  . PRO A 1 41  ? 3.511   12.296  11.419  1.00 60.74 ? 37  PRO A CB  1 
ATOM   258  C CG  . PRO A 1 41  ? 2.673   13.475  11.273  1.00 60.03 ? 37  PRO A CG  1 
ATOM   259  C CD  . PRO A 1 41  ? 1.649   13.422  12.356  1.00 59.77 ? 37  PRO A CD  1 
ATOM   260  N N   . SER A 1 42  ? 5.650   11.141  13.833  1.00 64.54 ? 38  SER A N   1 
ATOM   261  C CA  . SER A 1 42  ? 7.093   11.055  14.179  1.00 66.00 ? 38  SER A CA  1 
ATOM   262  C C   . SER A 1 42  ? 7.447   9.601   14.586  1.00 66.43 ? 38  SER A C   1 
ATOM   263  O O   . SER A 1 42  ? 8.625   9.181   14.583  1.00 66.67 ? 38  SER A O   1 
ATOM   264  C CB  . SER A 1 42  ? 7.524   12.064  15.281  1.00 66.60 ? 38  SER A CB  1 
ATOM   265  O OG  . SER A 1 42  ? 7.197   11.610  16.598  1.00 67.25 ? 38  SER A OG  1 
ATOM   266  N N   . GLU A 1 55  ? 15.655  11.322  5.425   1.00 68.65 ? 51  GLU A N   1 
ATOM   267  C CA  . GLU A 1 55  ? 15.358  10.176  4.558   1.00 69.11 ? 51  GLU A CA  1 
ATOM   268  C C   . GLU A 1 55  ? 16.557  9.183   4.389   1.00 68.99 ? 51  GLU A C   1 
ATOM   269  O O   . GLU A 1 55  ? 17.725  9.631   4.340   1.00 68.55 ? 51  GLU A O   1 
ATOM   270  C CB  . GLU A 1 55  ? 14.812  10.632  3.189   1.00 69.33 ? 51  GLU A CB  1 
ATOM   271  C CG  . GLU A 1 55  ? 14.700  9.483   2.144   1.00 69.61 ? 51  GLU A CG  1 
ATOM   272  C CD  . GLU A 1 55  ? 14.095  9.884   0.802   1.00 70.61 ? 51  GLU A CD  1 
ATOM   273  O OE1 . GLU A 1 55  ? 14.621  9.433   -0.253  1.00 70.88 ? 51  GLU A OE1 1 
ATOM   274  O OE2 . GLU A 1 55  ? 13.083  10.624  0.798   1.00 69.70 ? 51  GLU A OE2 1 
ATOM   275  N N   . PRO A 1 56  ? 16.253  7.839   4.315   1.00 68.31 ? 52  PRO A N   1 
ATOM   276  C CA  . PRO A 1 56  ? 17.248  6.740   4.185   1.00 67.83 ? 52  PRO A CA  1 
ATOM   277  C C   . PRO A 1 56  ? 17.642  6.441   2.725   1.00 66.76 ? 52  PRO A C   1 
ATOM   278  O O   . PRO A 1 56  ? 16.872  6.768   1.811   1.00 67.50 ? 52  PRO A O   1 
ATOM   279  C CB  . PRO A 1 56  ? 16.496  5.524   4.766   1.00 67.92 ? 52  PRO A CB  1 
ATOM   280  C CG  . PRO A 1 56  ? 15.050  5.788   4.415   1.00 67.59 ? 52  PRO A CG  1 
ATOM   281  C CD  . PRO A 1 56  ? 14.872  7.299   4.446   1.00 68.45 ? 52  PRO A CD  1 
ATOM   282  N N   . ALA A 1 57  ? 18.808  5.821   2.505   1.00 64.71 ? 53  ALA A N   1 
ATOM   283  C CA  . ALA A 1 57  ? 19.259  5.500   1.127   1.00 62.53 ? 53  ALA A CA  1 
ATOM   284  C C   . ALA A 1 57  ? 18.542  4.297   0.477   1.00 60.79 ? 53  ALA A C   1 
ATOM   285  O O   . ALA A 1 57  ? 18.262  4.304   -0.725  1.00 61.55 ? 53  ALA A O   1 
ATOM   286  C CB  . ALA A 1 57  ? 20.767  5.302   1.077   1.00 62.58 ? 53  ALA A CB  1 
ATOM   287  N N   . ARG A 1 58  ? 18.298  3.252   1.256   1.00 57.78 ? 54  ARG A N   1 
ATOM   288  C CA  . ARG A 1 58  ? 17.596  2.065   0.760   1.00 55.02 ? 54  ARG A CA  1 
ATOM   289  C C   . ARG A 1 58  ? 16.469  1.780   1.718   1.00 51.61 ? 54  ARG A C   1 
ATOM   290  O O   . ARG A 1 58  ? 16.590  2.071   2.920   1.00 51.06 ? 54  ARG A O   1 
ATOM   291  C CB  . ARG A 1 58  ? 18.521  0.839   0.742   1.00 56.10 ? 54  ARG A CB  1 
ATOM   292  C CG  . ARG A 1 58  ? 19.836  0.979   -0.029  1.00 59.38 ? 54  ARG A CG  1 
ATOM   293  C CD  . ARG A 1 58  ? 20.737  -0.282  0.156   1.00 65.72 ? 54  ARG A CD  1 
ATOM   294  N NE  . ARG A 1 58  ? 20.358  -1.423  -0.685  1.00 68.00 ? 54  ARG A NE  1 
ATOM   295  C CZ  . ARG A 1 58  ? 19.829  -1.341  -1.909  1.00 71.01 ? 54  ARG A CZ  1 
ATOM   296  N NH1 . ARG A 1 58  ? 19.610  -0.158  -2.491  1.00 71.19 ? 54  ARG A NH1 1 
ATOM   297  N NH2 . ARG A 1 58  ? 19.537  -2.457  -2.574  1.00 71.91 ? 54  ARG A NH2 1 
ATOM   298  N N   . VAL A 1 59  ? 15.373  1.225   1.211   1.00 47.50 ? 55  VAL A N   1 
ATOM   299  C CA  . VAL A 1 59  ? 14.350  0.702   2.118   1.00 43.33 ? 55  VAL A CA  1 
ATOM   300  C C   . VAL A 1 59  ? 14.058  -0.682  1.684   1.00 41.53 ? 55  VAL A C   1 
ATOM   301  O O   . VAL A 1 59  ? 14.480  -1.098  0.602   1.00 39.71 ? 55  VAL A O   1 
ATOM   302  C CB  . VAL A 1 59  ? 12.986  1.482   2.111   1.00 44.11 ? 55  VAL A CB  1 
ATOM   303  C CG1 . VAL A 1 59  ? 13.113  2.900   2.763   1.00 42.78 ? 55  VAL A CG1 1 
ATOM   304  C CG2 . VAL A 1 59  ? 12.302  1.514   0.665   1.00 41.51 ? 55  VAL A CG2 1 
ATOM   305  N N   . ARG A 1 60  ? 13.309  -1.380  2.533   1.00 38.90 ? 56  ARG A N   1 
ATOM   306  C CA  . ARG A 1 60  ? 12.770  -2.655  2.183   1.00 37.55 ? 56  ARG A CA  1 
ATOM   307  C C   . ARG A 1 60  ? 11.272  -2.678  2.500   1.00 36.07 ? 56  ARG A C   1 
ATOM   308  O O   . ARG A 1 60  ? 10.855  -2.298  3.608   1.00 34.13 ? 56  ARG A O   1 
ATOM   309  C CB  . ARG A 1 60  ? 13.502  -3.771  2.927   1.00 39.24 ? 56  ARG A CB  1 
ATOM   310  C CG  . ARG A 1 60  ? 12.986  -5.199  2.595   1.00 40.72 ? 56  ARG A CG  1 
ATOM   311  C CD  . ARG A 1 60  ? 13.418  -6.166  3.666   1.00 44.85 ? 56  ARG A CD  1 
ATOM   312  N NE  . ARG A 1 60  ? 13.497  -7.531  3.162   1.00 49.96 ? 56  ARG A NE  1 
ATOM   313  C CZ  . ARG A 1 60  ? 13.766  -8.587  3.917   1.00 49.99 ? 56  ARG A CZ  1 
ATOM   314  N NH1 . ARG A 1 60  ? 14.013  -8.467  5.208   1.00 49.64 ? 56  ARG A NH1 1 
ATOM   315  N NH2 . ARG A 1 60  ? 13.796  -9.765  3.367   1.00 51.47 ? 56  ARG A NH2 1 
ATOM   316  N N   . CYS A 1 61  ? 10.492  -3.138  1.516   1.00 33.98 ? 57  CYS A N   1 
ATOM   317  C CA  . CYS A 1 61  ? 9.037   -3.104  1.566   1.00 34.26 ? 57  CYS A CA  1 
ATOM   318  C C   . CYS A 1 61  ? 8.452   -4.427  1.167   1.00 34.02 ? 57  CYS A C   1 
ATOM   319  O O   . CYS A 1 61  ? 8.987   -5.119  0.259   1.00 35.15 ? 57  CYS A O   1 
ATOM   320  C CB  . CYS A 1 61  ? 8.503   -2.045  0.558   1.00 34.07 ? 57  CYS A CB  1 
ATOM   321  S SG  . CYS A 1 61  ? 8.832   -0.402  1.138   1.00 33.68 ? 57  CYS A SG  1 
ATOM   322  N N   . SER A 1 62  ? 7.326   -4.776  1.784   1.00 32.69 ? 58  SER A N   1 
ATOM   323  C CA  . SER A 1 62  ? 6.472   -5.789  1.204   1.00 31.73 ? 58  SER A CA  1 
ATOM   324  C C   . SER A 1 62  ? 5.239   -5.062  0.609   1.00 30.79 ? 58  SER A C   1 
ATOM   325  O O   . SER A 1 62  ? 4.996   -3.886  0.901   1.00 29.95 ? 58  SER A O   1 
ATOM   326  C CB  . SER A 1 62  ? 6.060   -6.836  2.253   1.00 32.96 ? 58  SER A CB  1 
ATOM   327  O OG  . SER A 1 62  ? 7.167   -7.280  3.036   1.00 34.66 ? 58  SER A OG  1 
ATOM   328  N N   . HIS A 1 63  ? 4.464   -5.734  -0.228  1.00 28.96 ? 59  HIS A N   1 
ATOM   329  C CA  . HIS A 1 63  ? 3.217   -5.113  -0.692  1.00 27.48 ? 59  HIS A CA  1 
ATOM   330  C C   . HIS A 1 63  ? 2.166   -6.190  -1.018  1.00 26.68 ? 59  HIS A C   1 
ATOM   331  O O   . HIS A 1 63  ? 2.494   -7.356  -1.146  1.00 23.60 ? 59  HIS A O   1 
ATOM   332  C CB  . HIS A 1 63  ? 3.476   -4.141  -1.888  1.00 27.72 ? 59  HIS A CB  1 
ATOM   333  C CG  . HIS A 1 63  ? 3.707   -4.814  -3.220  1.00 26.29 ? 59  HIS A CG  1 
ATOM   334  N ND1 . HIS A 1 63  ? 3.252   -4.276  -4.409  1.00 27.82 ? 59  HIS A ND1 1 
ATOM   335  C CD2 . HIS A 1 63  ? 4.270   -6.001  -3.547  1.00 26.42 ? 59  HIS A CD2 1 
ATOM   336  C CE1 . HIS A 1 63  ? 3.555   -5.091  -5.413  1.00 24.25 ? 59  HIS A CE1 1 
ATOM   337  N NE2 . HIS A 1 63  ? 4.154   -6.156  -4.914  1.00 22.46 ? 59  HIS A NE2 1 
ATOM   338  N N   . LEU A 1 64  ? 0.910   -5.758  -1.131  1.00 26.77 ? 60  LEU A N   1 
ATOM   339  C CA  . LEU A 1 64  ? -0.193  -6.566  -1.572  1.00 26.43 ? 60  LEU A CA  1 
ATOM   340  C C   . LEU A 1 64  ? -0.684  -5.769  -2.767  1.00 27.74 ? 60  LEU A C   1 
ATOM   341  O O   . LEU A 1 64  ? -0.972  -4.603  -2.610  1.00 26.77 ? 60  LEU A O   1 
ATOM   342  C CB  . LEU A 1 64  ? -1.256  -6.558  -0.501  1.00 25.53 ? 60  LEU A CB  1 
ATOM   343  C CG  . LEU A 1 64  ? -2.408  -7.543  -0.734  1.00 25.74 ? 60  LEU A CG  1 
ATOM   344  C CD1 . LEU A 1 64  ? -3.240  -7.781  0.541   1.00 25.97 ? 60  LEU A CD1 1 
ATOM   345  C CD2 . LEU A 1 64  ? -3.273  -7.111  -1.845  1.00 19.41 ? 60  LEU A CD2 1 
ATOM   346  N N   . LEU A 1 65  ? -0.763  -6.392  -3.949  1.00 27.53 ? 61  LEU A N   1 
ATOM   347  C CA  . LEU A 1 65  ? -1.171  -5.723  -5.155  1.00 28.08 ? 61  LEU A CA  1 
ATOM   348  C C   . LEU A 1 65  ? -2.521  -6.284  -5.534  1.00 28.74 ? 61  LEU A C   1 
ATOM   349  O O   . LEU A 1 65  ? -2.704  -7.478  -5.475  1.00 28.45 ? 61  LEU A O   1 
ATOM   350  C CB  . LEU A 1 65  ? -0.188  -6.030  -6.313  1.00 27.85 ? 61  LEU A CB  1 
ATOM   351  C CG  . LEU A 1 65  ? -0.545  -5.666  -7.780  1.00 27.75 ? 61  LEU A CG  1 
ATOM   352  C CD1 . LEU A 1 65  ? -0.582  -4.157  -8.032  1.00 27.80 ? 61  LEU A CD1 1 
ATOM   353  C CD2 . LEU A 1 65  ? 0.419   -6.205  -8.811  1.00 23.95 ? 61  LEU A CD2 1 
ATOM   354  N N   . VAL A 1 66  ? -3.468  -5.426  -5.936  1.00 30.10 ? 62  VAL A N   1 
ATOM   355  C CA  . VAL A 1 66  ? -4.713  -5.896  -6.567  1.00 30.65 ? 62  VAL A CA  1 
ATOM   356  C C   . VAL A 1 66  ? -4.799  -5.337  -7.977  1.00 31.45 ? 62  VAL A C   1 
ATOM   357  O O   . VAL A 1 66  ? -4.936  -4.138  -8.204  1.00 30.57 ? 62  VAL A O   1 
ATOM   358  C CB  . VAL A 1 66  ? -5.952  -5.543  -5.717  1.00 30.83 ? 62  VAL A CB  1 
ATOM   359  C CG1 . VAL A 1 66  ? -7.207  -5.899  -6.452  1.00 33.31 ? 62  VAL A CG1 1 
ATOM   360  C CG2 . VAL A 1 66  ? -5.945  -6.324  -4.413  1.00 27.90 ? 62  VAL A CG2 1 
ATOM   361  N N   . LYS A 1 67  ? -4.652  -6.201  -8.958  1.00 34.57 ? 63  LYS A N   1 
ATOM   362  C CA  . LYS A 1 67  ? -4.662  -5.724  -10.338 1.00 37.52 ? 63  LYS A CA  1 
ATOM   363  C C   . LYS A 1 67  ? -6.089  -5.353  -10.771 1.00 39.35 ? 63  LYS A C   1 
ATOM   364  O O   . LYS A 1 67  ? -7.073  -5.824  -10.158 1.00 38.98 ? 63  LYS A O   1 
ATOM   365  C CB  . LYS A 1 67  ? -4.037  -6.775  -11.254 1.00 38.24 ? 63  LYS A CB  1 
ATOM   366  C CG  . LYS A 1 67  ? -2.541  -6.617  -11.474 1.00 40.00 ? 63  LYS A CG  1 
ATOM   367  C CD  . LYS A 1 67  ? -1.928  -7.830  -12.156 1.00 42.52 ? 63  LYS A CD  1 
ATOM   368  C CE  . LYS A 1 67  ? -0.423  -7.725  -12.066 1.00 43.64 ? 63  LYS A CE  1 
ATOM   369  N NZ  . LYS A 1 67  ? 0.308   -9.056  -12.246 1.00 50.52 ? 63  LYS A NZ  1 
ATOM   370  N N   . HIS A 1 68  ? -6.197  -4.481  -11.779 1.00 41.63 ? 64  HIS A N   1 
ATOM   371  C CA  . HIS A 1 68  ? -7.504  -4.134  -12.396 1.00 43.94 ? 64  HIS A CA  1 
ATOM   372  C C   . HIS A 1 68  ? -7.379  -4.060  -13.915 1.00 46.66 ? 64  HIS A C   1 
ATOM   373  O O   . HIS A 1 68  ? -6.286  -4.312  -14.435 1.00 47.34 ? 64  HIS A O   1 
ATOM   374  C CB  . HIS A 1 68  ? -8.130  -2.870  -11.826 1.00 42.36 ? 64  HIS A CB  1 
ATOM   375  C CG  . HIS A 1 68  ? -7.258  -1.680  -11.907 1.00 41.71 ? 64  HIS A CG  1 
ATOM   376  N ND1 . HIS A 1 68  ? -7.008  -1.025  -13.090 1.00 41.96 ? 64  HIS A ND1 1 
ATOM   377  C CD2 . HIS A 1 68  ? -6.561  -1.026  -10.953 1.00 40.45 ? 64  HIS A CD2 1 
ATOM   378  C CE1 . HIS A 1 68  ? -6.187  -0.019  -12.860 1.00 43.29 ? 64  HIS A CE1 1 
ATOM   379  N NE2 . HIS A 1 68  ? -5.912  0.012   -11.568 1.00 41.05 ? 64  HIS A NE2 1 
ATOM   380  N N   . SER A 1 69  ? -8.473  -3.749  -14.629 1.00 49.35 ? 65  SER A N   1 
ATOM   381  C CA  . SER A 1 69  ? -8.495  -4.007  -16.097 1.00 52.07 ? 65  SER A CA  1 
ATOM   382  C C   . SER A 1 69  ? -7.630  -3.066  -16.913 1.00 53.72 ? 65  SER A C   1 
ATOM   383  O O   . SER A 1 69  ? -7.236  -3.386  -18.045 1.00 53.55 ? 65  SER A O   1 
ATOM   384  C CB  . SER A 1 69  ? -9.910  -4.153  -16.679 1.00 51.95 ? 65  SER A CB  1 
ATOM   385  O OG  . SER A 1 69  ? -10.775 -3.166  -16.180 1.00 52.89 ? 65  SER A OG  1 
ATOM   386  N N   . GLN A 1 70  ? -7.284  -1.937  -16.299 1.00 56.55 ? 66  GLN A N   1 
ATOM   387  C CA  . GLN A 1 70  ? -6.254  -1.049  -16.842 1.00 59.03 ? 66  GLN A CA  1 
ATOM   388  C C   . GLN A 1 70  ? -4.878  -1.180  -16.156 1.00 61.08 ? 66  GLN A C   1 
ATOM   389  O O   . GLN A 1 70  ? -4.003  -0.304  -16.343 1.00 61.55 ? 66  GLN A O   1 
ATOM   390  C CB  . GLN A 1 70  ? -6.731  0.381   -16.770 1.00 59.25 ? 66  GLN A CB  1 
ATOM   391  C CG  . GLN A 1 70  ? -8.030  0.598   -17.495 1.00 59.90 ? 66  GLN A CG  1 
ATOM   392  C CD  . GLN A 1 70  ? -8.568  1.960   -17.221 1.00 61.61 ? 66  GLN A CD  1 
ATOM   393  O OE1 . GLN A 1 70  ? -9.077  2.604   -18.118 1.00 63.10 ? 66  GLN A OE1 1 
ATOM   394  N NE2 . GLN A 1 70  ? -8.461  2.418   -15.967 1.00 61.04 ? 66  GLN A NE2 1 
ATOM   395  N N   . SER A 1 71  ? -4.696  -2.239  -15.341 1.00 62.87 ? 67  SER A N   1 
ATOM   396  C CA  . SER A 1 71  ? -3.345  -2.646  -14.914 1.00 64.14 ? 67  SER A CA  1 
ATOM   397  C C   . SER A 1 71  ? -2.620  -3.059  -16.168 1.00 65.45 ? 67  SER A C   1 
ATOM   398  O O   . SER A 1 71  ? -3.250  -3.592  -17.088 1.00 65.59 ? 67  SER A O   1 
ATOM   399  C CB  . SER A 1 71  ? -3.349  -3.822  -13.940 1.00 63.63 ? 67  SER A CB  1 
ATOM   400  O OG  . SER A 1 71  ? -3.970  -3.499  -12.715 1.00 63.17 ? 67  SER A OG  1 
ATOM   401  N N   . ARG A 1 72  ? -1.310  -2.798  -16.180 1.00 67.46 ? 68  ARG A N   1 
ATOM   402  C CA  . ARG A 1 72  ? -0.390  -3.153  -17.260 1.00 70.00 ? 68  ARG A CA  1 
ATOM   403  C C   . ARG A 1 72  ? -0.641  -4.550  -17.843 1.00 70.71 ? 68  ARG A C   1 
ATOM   404  O O   . ARG A 1 72  ? -1.109  -4.681  -18.982 1.00 70.91 ? 68  ARG A O   1 
ATOM   405  C CB  . ARG A 1 72  ? 1.073   -3.022  -16.799 1.00 70.40 ? 68  ARG A CB  1 
ATOM   406  C CG  . ARG A 1 72  ? 2.042   -2.641  -17.940 1.00 74.22 ? 68  ARG A CG  1 
ATOM   407  C CD  . ARG A 1 72  ? 3.526   -2.661  -17.535 1.00 80.36 ? 68  ARG A CD  1 
ATOM   408  N NE  . ARG A 1 72  ? 3.843   -1.637  -16.530 1.00 84.18 ? 68  ARG A NE  1 
ATOM   409  C CZ  . ARG A 1 72  ? 3.900   -1.859  -15.213 1.00 85.94 ? 68  ARG A CZ  1 
ATOM   410  N NH1 . ARG A 1 72  ? 3.670   -3.084  -14.715 1.00 87.84 ? 68  ARG A NH1 1 
ATOM   411  N NH2 . ARG A 1 72  ? 4.185   -0.857  -14.384 1.00 84.83 ? 68  ARG A NH2 1 
ATOM   412  N N   . ARG A 1 73  ? -0.314  -5.587  -17.074 1.00 71.71 ? 69  ARG A N   1 
ATOM   413  C CA  . ARG A 1 73  ? -0.622  -6.953  -17.479 1.00 72.53 ? 69  ARG A CA  1 
ATOM   414  C C   . ARG A 1 73  ? -1.867  -7.377  -16.678 1.00 72.44 ? 69  ARG A C   1 
ATOM   415  O O   . ARG A 1 73  ? -1.758  -7.670  -15.482 1.00 72.18 ? 69  ARG A O   1 
ATOM   416  C CB  . ARG A 1 73  ? 0.582   -7.872  -17.223 1.00 73.12 ? 69  ARG A CB  1 
ATOM   417  C CG  . ARG A 1 73  ? 0.571   -9.191  -18.066 1.00 76.70 ? 69  ARG A CG  1 
ATOM   418  C CD  . ARG A 1 73  ? 1.763   -10.149 -17.740 1.00 80.28 ? 69  ARG A CD  1 
ATOM   419  N NE  . ARG A 1 73  ? 1.775   -10.578 -16.332 1.00 83.27 ? 69  ARG A NE  1 
ATOM   420  C CZ  . ARG A 1 73  ? 1.235   -11.706 -15.867 1.00 84.80 ? 69  ARG A CZ  1 
ATOM   421  N NH1 . ARG A 1 73  ? 0.642   -12.575 -16.690 1.00 85.53 ? 69  ARG A NH1 1 
ATOM   422  N NH2 . ARG A 1 73  ? 1.305   -11.977 -14.567 1.00 84.96 ? 69  ARG A NH2 1 
ATOM   423  N N   . PRO A 1 74  ? -3.066  -7.350  -17.320 1.00 72.24 ? 70  PRO A N   1 
ATOM   424  C CA  . PRO A 1 74  ? -4.358  -7.697  -16.691 1.00 71.86 ? 70  PRO A CA  1 
ATOM   425  C C   . PRO A 1 74  ? -4.510  -9.212  -16.476 1.00 71.43 ? 70  PRO A C   1 
ATOM   426  O O   . PRO A 1 74  ? -5.554  -9.807  -16.824 1.00 71.22 ? 70  PRO A O   1 
ATOM   427  C CB  . PRO A 1 74  ? -5.394  -7.187  -17.715 1.00 72.14 ? 70  PRO A CB  1 
ATOM   428  C CG  . PRO A 1 74  ? -4.631  -6.232  -18.602 1.00 72.62 ? 70  PRO A CG  1 
ATOM   429  C CD  . PRO A 1 74  ? -3.268  -6.852  -18.690 1.00 72.06 ? 70  PRO A CD  1 
ATOM   430  N N   . SER A 1 75  ? -3.466  -9.799  -15.880 1.00 70.63 ? 71  SER A N   1 
ATOM   431  C CA  . SER A 1 75  ? -3.229  -11.235 -15.808 1.00 69.80 ? 71  SER A CA  1 
ATOM   432  C C   . SER A 1 75  ? -2.395  -11.511 -14.562 1.00 69.34 ? 71  SER A C   1 
ATOM   433  O O   . SER A 1 75  ? -1.499  -10.724 -14.226 1.00 69.73 ? 71  SER A O   1 
ATOM   434  C CB  . SER A 1 75  ? -2.440  -11.663 -17.047 1.00 69.99 ? 71  SER A CB  1 
ATOM   435  O OG  . SER A 1 75  ? -2.768  -12.974 -17.485 1.00 70.59 ? 71  SER A OG  1 
ATOM   436  N N   . SER A 1 76  ? -2.676  -12.614 -13.869 1.00 68.50 ? 72  SER A N   1 
ATOM   437  C CA  . SER A 1 76  ? -1.865  -13.019 -12.707 1.00 67.68 ? 72  SER A CA  1 
ATOM   438  C C   . SER A 1 76  ? -1.860  -14.525 -12.392 1.00 67.77 ? 72  SER A C   1 
ATOM   439  O O   . SER A 1 76  ? -2.591  -15.320 -13.003 1.00 67.63 ? 72  SER A O   1 
ATOM   440  C CB  . SER A 1 76  ? -2.295  -12.243 -11.466 1.00 67.27 ? 72  SER A CB  1 
ATOM   441  O OG  . SER A 1 76  ? -3.548  -12.692 -11.005 1.00 66.25 ? 72  SER A OG  1 
ATOM   442  N N   . TRP A 1 77  ? -1.035  -14.907 -11.419 1.00 67.67 ? 73  TRP A N   1 
ATOM   443  C CA  . TRP A 1 77  ? -1.055  -16.277 -10.918 1.00 67.61 ? 73  TRP A CA  1 
ATOM   444  C C   . TRP A 1 77  ? -2.406  -16.667 -10.290 1.00 68.08 ? 73  TRP A C   1 
ATOM   445  O O   . TRP A 1 77  ? -2.698  -17.857 -10.180 1.00 68.64 ? 73  TRP A O   1 
ATOM   446  C CB  . TRP A 1 77  ? 0.069   -16.522 -9.920  1.00 67.34 ? 73  TRP A CB  1 
ATOM   447  C CG  . TRP A 1 77  ? -0.119  -15.831 -8.568  1.00 66.10 ? 73  TRP A CG  1 
ATOM   448  C CD1 . TRP A 1 77  ? 0.428   -14.630 -8.175  1.00 63.68 ? 73  TRP A CD1 1 
ATOM   449  C CD2 . TRP A 1 77  ? -0.886  -16.315 -7.436  1.00 64.53 ? 73  TRP A CD2 1 
ATOM   450  N NE1 . TRP A 1 77  ? 0.044   -14.337 -6.881  1.00 62.09 ? 73  TRP A NE1 1 
ATOM   451  C CE2 . TRP A 1 77  ? -0.751  -15.351 -6.398  1.00 63.47 ? 73  TRP A CE2 1 
ATOM   452  C CE3 . TRP A 1 77  ? -1.664  -17.478 -7.194  1.00 62.93 ? 73  TRP A CE3 1 
ATOM   453  C CZ2 . TRP A 1 77  ? -1.379  -15.507 -5.131  1.00 61.96 ? 73  TRP A CZ2 1 
ATOM   454  C CZ3 . TRP A 1 77  ? -2.291  -17.629 -5.935  1.00 60.97 ? 73  TRP A CZ3 1 
ATOM   455  C CH2 . TRP A 1 77  ? -2.139  -16.647 -4.926  1.00 62.06 ? 73  TRP A CH2 1 
ATOM   456  N N   . ARG A 1 78  ? -3.216  -15.687 -9.877  1.00 68.06 ? 74  ARG A N   1 
ATOM   457  C CA  . ARG A 1 78  ? -4.552  -15.967 -9.295  1.00 68.42 ? 74  ARG A CA  1 
ATOM   458  C C   . ARG A 1 78  ? -5.656  -16.182 -10.354 1.00 68.59 ? 74  ARG A C   1 
ATOM   459  O O   . ARG A 1 78  ? -6.638  -16.915 -10.113 1.00 68.45 ? 74  ARG A O   1 
ATOM   460  C CB  . ARG A 1 78  ? -5.005  -14.845 -8.356  1.00 67.95 ? 74  ARG A CB  1 
ATOM   461  C CG  . ARG A 1 78  ? -4.115  -14.592 -7.164  1.00 68.53 ? 74  ARG A CG  1 
ATOM   462  C CD  . ARG A 1 78  ? -4.780  -13.630 -6.207  1.00 69.73 ? 74  ARG A CD  1 
ATOM   463  N NE  . ARG A 1 78  ? -6.026  -14.178 -5.670  1.00 69.95 ? 74  ARG A NE  1 
ATOM   464  C CZ  . ARG A 1 78  ? -7.137  -13.471 -5.454  1.00 69.57 ? 74  ARG A CZ  1 
ATOM   465  N NH1 . ARG A 1 78  ? -7.183  -12.174 -5.738  1.00 67.97 ? 74  ARG A NH1 1 
ATOM   466  N NH2 . ARG A 1 78  ? -8.211  -14.070 -4.953  1.00 68.92 ? 74  ARG A NH2 1 
ATOM   467  N N   . GLN A 1 79  ? -5.484  -15.538 -11.511 1.00 68.15 ? 75  GLN A N   1 
ATOM   468  C CA  . GLN A 1 79  ? -6.563  -15.357 -12.464 1.00 68.04 ? 75  GLN A CA  1 
ATOM   469  C C   . GLN A 1 79  ? -5.933  -14.932 -13.776 1.00 67.06 ? 75  GLN A C   1 
ATOM   470  O O   . GLN A 1 79  ? -5.252  -13.922 -13.816 1.00 65.87 ? 75  GLN A O   1 
ATOM   471  C CB  . GLN A 1 79  ? -7.478  -14.247 -11.942 1.00 68.94 ? 75  GLN A CB  1 
ATOM   472  C CG  . GLN A 1 79  ? -8.961  -14.350 -12.291 1.00 71.25 ? 75  GLN A CG  1 
ATOM   473  C CD  . GLN A 1 79  ? -9.633  -12.980 -12.298 1.00 73.88 ? 75  GLN A CD  1 
ATOM   474  O OE1 . GLN A 1 79  ? -9.047  -11.979 -11.851 1.00 74.48 ? 75  GLN A OE1 1 
ATOM   475  N NE2 . GLN A 1 79  ? -10.859 -12.922 -12.831 1.00 74.95 ? 75  GLN A NE2 1 
ATOM   476  N N   . GLU A 1 80  ? -6.171  -15.708 -14.836 1.00 66.76 ? 76  GLU A N   1 
ATOM   477  C CA  . GLU A 1 80  ? -5.506  -15.515 -16.153 1.00 66.84 ? 76  GLU A CA  1 
ATOM   478  C C   . GLU A 1 80  ? -5.932  -14.227 -16.900 1.00 66.49 ? 76  GLU A C   1 
ATOM   479  O O   . GLU A 1 80  ? -5.107  -13.549 -17.539 1.00 66.30 ? 76  GLU A O   1 
ATOM   480  C CB  . GLU A 1 80  ? -5.664  -16.767 -17.056 1.00 66.61 ? 76  GLU A CB  1 
ATOM   481  C CG  . GLU A 1 80  ? -4.809  -16.744 -18.347 1.00 66.26 ? 76  GLU A CG  1 
ATOM   482  C CD  . GLU A 1 80  ? -4.697  -18.109 -19.079 1.00 67.20 ? 76  GLU A CD  1 
ATOM   483  O OE1 . GLU A 1 80  ? -3.705  -18.249 -19.853 1.00 65.17 ? 76  GLU A OE1 1 
ATOM   484  O OE2 . GLU A 1 80  ? -5.573  -19.022 -18.887 1.00 63.97 ? 76  GLU A OE2 1 
ATOM   485  N N   . LYS A 1 81  ? -7.221  -13.911 -16.848 1.00 65.81 ? 77  LYS A N   1 
ATOM   486  C CA  . LYS A 1 81  ? -7.644  -12.591 -17.242 1.00 65.19 ? 77  LYS A CA  1 
ATOM   487  C C   . LYS A 1 81  ? -8.132  -11.925 -15.964 1.00 64.09 ? 77  LYS A C   1 
ATOM   488  O O   . LYS A 1 81  ? -8.963  -12.489 -15.226 1.00 63.82 ? 77  LYS A O   1 
ATOM   489  C CB  . LYS A 1 81  ? -8.733  -12.631 -18.317 1.00 65.65 ? 77  LYS A CB  1 
ATOM   490  C CG  . LYS A 1 81  ? -8.966  -11.292 -19.031 1.00 66.94 ? 77  LYS A CG  1 
ATOM   491  C CD  . LYS A 1 81  ? -10.325 -11.338 -19.765 1.00 69.95 ? 77  LYS A CD  1 
ATOM   492  C CE  . LYS A 1 81  ? -10.800 -9.952  -20.280 1.00 71.30 ? 77  LYS A CE  1 
ATOM   493  N NZ  . LYS A 1 81  ? -10.152 -9.472  -21.561 1.00 72.36 ? 77  LYS A NZ  1 
ATOM   494  N N   . ILE A 1 82  ? -7.559  -10.754 -15.684 1.00 62.03 ? 78  ILE A N   1 
ATOM   495  C CA  . ILE A 1 82  ? -8.078  -9.878  -14.641 1.00 60.28 ? 78  ILE A CA  1 
ATOM   496  C C   . ILE A 1 82  ? -9.144  -8.944  -15.269 1.00 59.59 ? 78  ILE A C   1 
ATOM   497  O O   . ILE A 1 82  ? -8.870  -8.243  -16.271 1.00 59.54 ? 78  ILE A O   1 
ATOM   498  C CB  . ILE A 1 82  ? -6.926  -9.130  -13.912 1.00 59.74 ? 78  ILE A CB  1 
ATOM   499  C CG1 . ILE A 1 82  ? -6.702  -9.767  -12.544 1.00 58.54 ? 78  ILE A CG1 1 
ATOM   500  C CG2 . ILE A 1 82  ? -7.222  -7.655  -13.757 1.00 58.33 ? 78  ILE A CG2 1 
ATOM   501  C CD1 . ILE A 1 82  ? -5.597  -10.726 -12.494 1.00 54.43 ? 78  ILE A CD1 1 
ATOM   502  N N   . THR A 1 83  ? -10.354 -8.977  -14.697 1.00 58.08 ? 79  THR A N   1 
ATOM   503  C CA  . THR A 1 83  ? -11.525 -8.281  -15.249 1.00 56.32 ? 79  THR A CA  1 
ATOM   504  C C   . THR A 1 83  ? -12.198 -7.313  -14.283 1.00 55.16 ? 79  THR A C   1 
ATOM   505  O O   . THR A 1 83  ? -13.093 -6.554  -14.686 1.00 55.77 ? 79  THR A O   1 
ATOM   506  C CB  . THR A 1 83  ? -12.624 -9.269  -15.656 1.00 56.51 ? 79  THR A CB  1 
ATOM   507  O OG1 . THR A 1 83  ? -13.014 -10.035 -14.503 1.00 55.37 ? 79  THR A OG1 1 
ATOM   508  C CG2 . THR A 1 83  ? -12.128 -10.167 -16.767 1.00 55.81 ? 79  THR A CG2 1 
ATOM   509  N N   . ARG A 1 84  ? -11.818 -7.350  -13.013 1.00 52.53 ? 80  ARG A N   1 
ATOM   510  C CA  . ARG A 1 84  ? -12.323 -6.366  -12.072 1.00 50.18 ? 80  ARG A CA  1 
ATOM   511  C C   . ARG A 1 84  ? -11.920 -4.941  -12.508 1.00 49.88 ? 80  ARG A C   1 
ATOM   512  O O   . ARG A 1 84  ? -10.891 -4.725  -13.184 1.00 48.94 ? 80  ARG A O   1 
ATOM   513  C CB  . ARG A 1 84  ? -11.834 -6.673  -10.663 1.00 49.75 ? 80  ARG A CB  1 
ATOM   514  C CG  . ARG A 1 84  ? -10.375 -6.361  -10.429 1.00 46.22 ? 80  ARG A CG  1 
ATOM   515  C CD  . ARG A 1 84  ? -10.035 -6.511  -8.990  1.00 42.46 ? 80  ARG A CD  1 
ATOM   516  N NE  . ARG A 1 84  ? -10.061 -7.918  -8.579  1.00 42.23 ? 80  ARG A NE  1 
ATOM   517  C CZ  . ARG A 1 84  ? -9.027  -8.762  -8.638  1.00 38.85 ? 80  ARG A CZ  1 
ATOM   518  N NH1 . ARG A 1 84  ? -7.865  -8.335  -9.119  1.00 30.71 ? 80  ARG A NH1 1 
ATOM   519  N NH2 . ARG A 1 84  ? -9.162  -10.037 -8.200  1.00 37.42 ? 80  ARG A NH2 1 
ATOM   520  N N   . THR A 1 85  ? -12.758 -3.988  -12.120 1.00 48.79 ? 81  THR A N   1 
ATOM   521  C CA  . THR A 1 85  ? -12.639 -2.597  -12.525 1.00 48.55 ? 81  THR A CA  1 
ATOM   522  C C   . THR A 1 85  ? -11.733 -1.859  -11.547 1.00 48.46 ? 81  THR A C   1 
ATOM   523  O O   . THR A 1 85  ? -11.431 -2.382  -10.463 1.00 48.59 ? 81  THR A O   1 
ATOM   524  C CB  . THR A 1 85  ? -14.053 -1.932  -12.486 1.00 49.25 ? 81  THR A CB  1 
ATOM   525  O OG1 . THR A 1 85  ? -14.545 -1.927  -11.137 1.00 47.77 ? 81  THR A OG1 1 
ATOM   526  C CG2 . THR A 1 85  ? -15.058 -2.712  -13.360 1.00 48.14 ? 81  THR A CG2 1 
ATOM   527  N N   . LYS A 1 86  ? -11.304 -0.645  -11.877 1.00 47.93 ? 82  LYS A N   1 
ATOM   528  C CA  . LYS A 1 86  ? -10.560 0.138   -10.867 1.00 47.37 ? 82  LYS A CA  1 
ATOM   529  C C   . LYS A 1 86  ? -11.335 0.312   -9.528  1.00 46.91 ? 82  LYS A C   1 
ATOM   530  O O   . LYS A 1 86  ? -10.768 0.185   -8.422  1.00 47.60 ? 82  LYS A O   1 
ATOM   531  C CB  . LYS A 1 86  ? -10.071 1.472   -11.419 1.00 47.02 ? 82  LYS A CB  1 
ATOM   532  C CG  . LYS A 1 86  ? -9.070  2.171   -10.490 1.00 48.84 ? 82  LYS A CG  1 
ATOM   533  C CD  . LYS A 1 86  ? -8.362  3.355   -11.148 1.00 52.70 ? 82  LYS A CD  1 
ATOM   534  C CE  . LYS A 1 86  ? -7.776  3.010   -12.524 1.00 54.71 ? 82  LYS A CE  1 
ATOM   535  N NZ  . LYS A 1 86  ? -7.413  4.226   -13.295 1.00 55.82 ? 82  LYS A NZ  1 
ATOM   536  N N   . GLU A 1 87  ? -12.630 0.551   -9.614  1.00 45.78 ? 83  GLU A N   1 
ATOM   537  C CA  . GLU A 1 87  ? -13.438 0.673   -8.419  1.00 45.54 ? 83  GLU A CA  1 
ATOM   538  C C   . GLU A 1 87  ? -13.448 -0.573  -7.538  1.00 43.87 ? 83  GLU A C   1 
ATOM   539  O O   . GLU A 1 87  ? -13.334 -0.455  -6.314  1.00 43.29 ? 83  GLU A O   1 
ATOM   540  C CB  . GLU A 1 87  ? -14.891 1.051   -8.777  1.00 46.98 ? 83  GLU A CB  1 
ATOM   541  C CG  . GLU A 1 87  ? -15.733 1.348   -7.556  1.00 50.94 ? 83  GLU A CG  1 
ATOM   542  C CD  . GLU A 1 87  ? -17.249 1.204   -7.774  1.00 58.95 ? 83  GLU A CD  1 
ATOM   543  O OE1 . GLU A 1 87  ? -17.792 1.687   -8.816  1.00 57.57 ? 83  GLU A OE1 1 
ATOM   544  O OE2 . GLU A 1 87  ? -17.895 0.628   -6.847  1.00 62.89 ? 83  GLU A OE2 1 
ATOM   545  N N   . GLU A 1 88  ? -13.637 -1.748  -8.144  1.00 42.43 ? 84  GLU A N   1 
ATOM   546  C CA  . GLU A 1 88  ? -13.720 -3.010  -7.379  1.00 42.02 ? 84  GLU A CA  1 
ATOM   547  C C   . GLU A 1 88  ? -12.380 -3.407  -6.733  1.00 40.44 ? 84  GLU A C   1 
ATOM   548  O O   . GLU A 1 88  ? -12.334 -3.914  -5.592  1.00 40.77 ? 84  GLU A O   1 
ATOM   549  C CB  . GLU A 1 88  ? -14.223 -4.155  -8.235  1.00 42.60 ? 84  GLU A CB  1 
ATOM   550  C CG  . GLU A 1 88  ? -15.595 -3.909  -8.926  1.00 45.87 ? 84  GLU A CG  1 
ATOM   551  C CD  . GLU A 1 88  ? -15.981 -5.043  -9.869  1.00 47.29 ? 84  GLU A CD  1 
ATOM   552  O OE1 . GLU A 1 88  ? -17.178 -5.131  -10.193 1.00 50.08 ? 84  GLU A OE1 1 
ATOM   553  O OE2 . GLU A 1 88  ? -15.101 -5.844  -10.279 1.00 48.49 ? 84  GLU A OE2 1 
ATOM   554  N N   . ALA A 1 89  ? -11.302 -3.158  -7.462  1.00 38.18 ? 85  ALA A N   1 
ATOM   555  C CA  . ALA A 1 89  ? -9.957  -3.302  -6.926  1.00 37.11 ? 85  ALA A CA  1 
ATOM   556  C C   . ALA A 1 89  ? -9.799  -2.484  -5.656  1.00 36.68 ? 85  ALA A C   1 
ATOM   557  O O   . ALA A 1 89  ? -9.239  -2.979  -4.693  1.00 36.46 ? 85  ALA A O   1 
ATOM   558  C CB  . ALA A 1 89  ? -8.882  -2.924  -7.986  1.00 36.79 ? 85  ALA A CB  1 
ATOM   559  N N   . LEU A 1 90  ? -10.345 -1.264  -5.627  1.00 36.63 ? 86  LEU A N   1 
ATOM   560  C CA  . LEU A 1 90  ? -10.168 -0.375  -4.454  1.00 35.92 ? 86  LEU A CA  1 
ATOM   561  C C   . LEU A 1 90  ? -11.092 -0.791  -3.314  1.00 35.58 ? 86  LEU A C   1 
ATOM   562  O O   . LEU A 1 90  ? -10.743 -0.639  -2.128  1.00 37.07 ? 86  LEU A O   1 
ATOM   563  C CB  . LEU A 1 90  ? -10.322 1.115   -4.825  1.00 35.14 ? 86  LEU A CB  1 
ATOM   564  C CG  . LEU A 1 90  ? -10.341 2.179   -3.709  1.00 37.63 ? 86  LEU A CG  1 
ATOM   565  C CD1 . LEU A 1 90  ? -8.947  2.306   -2.947  1.00 39.83 ? 86  LEU A CD1 1 
ATOM   566  C CD2 . LEU A 1 90  ? -10.780 3.545   -4.195  1.00 35.71 ? 86  LEU A CD2 1 
ATOM   567  N N   . GLU A 1 91  ? -12.263 -1.304  -3.631  1.00 34.71 ? 87  GLU A N   1 
ATOM   568  C CA  . GLU A 1 91  ? -13.061 -1.949  -2.577  1.00 34.85 ? 87  GLU A CA  1 
ATOM   569  C C   . GLU A 1 91  ? -12.324 -3.113  -1.880  1.00 34.39 ? 87  GLU A C   1 
ATOM   570  O O   . GLU A 1 91  ? -12.378 -3.210  -0.622  1.00 34.03 ? 87  GLU A O   1 
ATOM   571  C CB  . GLU A 1 91  ? -14.410 -2.414  -3.084  1.00 36.00 ? 87  GLU A CB  1 
ATOM   572  C CG  . GLU A 1 91  ? -15.608 -1.657  -2.468  1.00 38.44 ? 87  GLU A CG  1 
ATOM   573  C CD  . GLU A 1 91  ? -16.904 -1.856  -3.306  0.50 40.81 ? 87  GLU A CD  1 
ATOM   574  O OE1 . GLU A 1 91  ? -17.457 -2.991  -3.285  0.50 39.04 ? 87  GLU A OE1 1 
ATOM   575  O OE2 . GLU A 1 91  ? -17.345 -0.883  -3.994  0.50 39.67 ? 87  GLU A OE2 1 
ATOM   576  N N   . LEU A 1 92  ? -11.624 -3.965  -2.669  1.00 32.92 ? 88  LEU A N   1 
ATOM   577  C CA  . LEU A 1 92  ? -10.774 -5.039  -2.115  1.00 30.68 ? 88  LEU A CA  1 
ATOM   578  C C   . LEU A 1 92  ? -9.619  -4.509  -1.231  1.00 30.94 ? 88  LEU A C   1 
ATOM   579  O O   . LEU A 1 92  ? -9.456  -4.937  -0.058  1.00 30.78 ? 88  LEU A O   1 
ATOM   580  C CB  . LEU A 1 92  ? -10.253 -5.918  -3.228  1.00 30.23 ? 88  LEU A CB  1 
ATOM   581  C CG  . LEU A 1 92  ? -11.354 -6.799  -3.884  1.00 30.84 ? 88  LEU A CG  1 
ATOM   582  C CD1 . LEU A 1 92  ? -10.876 -7.602  -5.020  1.00 22.68 ? 88  LEU A CD1 1 
ATOM   583  C CD2 . LEU A 1 92  ? -11.934 -7.778  -2.814  1.00 29.04 ? 88  LEU A CD2 1 
ATOM   584  N N   . ILE A 1 93  ? -8.845  -3.571  -1.780  1.00 28.55 ? 89  ILE A N   1 
ATOM   585  C CA  . ILE A 1 93  ? -7.734  -2.975  -1.092  1.00 27.83 ? 89  ILE A CA  1 
ATOM   586  C C   . ILE A 1 93  ? -8.231  -2.369  0.236   1.00 28.93 ? 89  ILE A C   1 
ATOM   587  O O   . ILE A 1 93  ? -7.603  -2.569  1.313   1.00 28.11 ? 89  ILE A O   1 
ATOM   588  C CB  . ILE A 1 93  ? -7.108  -1.869  -1.961  1.00 28.04 ? 89  ILE A CB  1 
ATOM   589  C CG1 . ILE A 1 93  ? -6.302  -2.485  -3.106  1.00 24.91 ? 89  ILE A CG1 1 
ATOM   590  C CG2 . ILE A 1 93  ? -6.258  -0.874  -1.098  1.00 26.98 ? 89  ILE A CG2 1 
ATOM   591  C CD1 . ILE A 1 93  ? -5.059  -3.243  -2.638  1.00 22.87 ? 89  ILE A CD1 1 
ATOM   592  N N   . ASN A 1 94  ? -9.379  -1.688  0.183   1.00 29.41 ? 90  ASN A N   1 
ATOM   593  C CA  . ASN A 1 94  ? -9.970  -1.075  1.428   1.00 30.72 ? 90  ASN A CA  1 
ATOM   594  C C   . ASN A 1 94  ? -10.440 -2.128  2.474   1.00 30.50 ? 90  ASN A C   1 
ATOM   595  O O   . ASN A 1 94  ? -10.216 -1.979  3.669   1.00 31.64 ? 90  ASN A O   1 
ATOM   596  C CB  . ASN A 1 94  ? -11.061 -0.021  1.068   1.00 29.87 ? 90  ASN A CB  1 
ATOM   597  C CG  . ASN A 1 94  ? -10.458 1.355   0.688   1.00 31.53 ? 90  ASN A CG  1 
ATOM   598  O OD1 . ASN A 1 94  ? -9.408  1.798   1.225   1.00 34.26 ? 90  ASN A OD1 1 
ATOM   599  N ND2 . ASN A 1 94  ? -11.105 2.023   -0.224  1.00 28.94 ? 90  ASN A ND2 1 
ATOM   600  N N   . GLY A 1 95  ? -11.026 -3.223  2.004   1.00 31.68 ? 91  GLY A N   1 
ATOM   601  C CA  . GLY A 1 95  ? -11.413 -4.367  2.861   1.00 30.86 ? 91  GLY A CA  1 
ATOM   602  C C   . GLY A 1 95  ? -10.195 -5.022  3.489   1.00 31.77 ? 91  GLY A C   1 
ATOM   603  O O   . GLY A 1 95  ? -10.180 -5.328  4.717   1.00 33.62 ? 91  GLY A O   1 
ATOM   604  N N   . TYR A 1 96  ? -9.154  -5.235  2.688   1.00 30.61 ? 92  TYR A N   1 
ATOM   605  C CA  . TYR A 1 96  ? -7.920  -5.788  3.228   1.00 30.59 ? 92  TYR A CA  1 
ATOM   606  C C   . TYR A 1 96  ? -7.301  -4.864  4.288   1.00 31.31 ? 92  TYR A C   1 
ATOM   607  O O   . TYR A 1 96  ? -6.805  -5.314  5.314   1.00 29.88 ? 92  TYR A O   1 
ATOM   608  C CB  . TYR A 1 96  ? -6.886  -6.092  2.101   1.00 30.03 ? 92  TYR A CB  1 
ATOM   609  C CG  . TYR A 1 96  ? -7.330  -7.150  1.107   1.00 28.67 ? 92  TYR A CG  1 
ATOM   610  C CD1 . TYR A 1 96  ? -6.932  -7.081  -0.236  1.00 29.18 ? 92  TYR A CD1 1 
ATOM   611  C CD2 . TYR A 1 96  ? -8.154  -8.209  1.480   1.00 28.14 ? 92  TYR A CD2 1 
ATOM   612  C CE1 . TYR A 1 96  ? -7.319  -8.012  -1.148  1.00 25.00 ? 92  TYR A CE1 1 
ATOM   613  C CE2 . TYR A 1 96  ? -8.565  -9.177  0.536   1.00 24.84 ? 92  TYR A CE2 1 
ATOM   614  C CZ  . TYR A 1 96  ? -8.145  -9.051  -0.770  1.00 27.43 ? 92  TYR A CZ  1 
ATOM   615  O OH  . TYR A 1 96  ? -8.524  -9.963  -1.750  1.00 31.29 ? 92  TYR A OH  1 
ATOM   616  N N   . ILE A 1 97  ? -7.312  -3.558  4.013   1.00 33.68 ? 93  ILE A N   1 
ATOM   617  C CA  . ILE A 1 97  ? -6.744  -2.565  4.921   1.00 35.28 ? 93  ILE A CA  1 
ATOM   618  C C   . ILE A 1 97  ? -7.487  -2.631  6.291   1.00 37.61 ? 93  ILE A C   1 
ATOM   619  O O   . ILE A 1 97  ? -6.869  -2.509  7.343   1.00 37.81 ? 93  ILE A O   1 
ATOM   620  C CB  . ILE A 1 97  ? -6.743  -1.138  4.273   1.00 35.00 ? 93  ILE A CB  1 
ATOM   621  C CG1 . ILE A 1 97  ? -5.745  -1.076  3.122   1.00 33.13 ? 93  ILE A CG1 1 
ATOM   622  C CG2 . ILE A 1 97  ? -6.456  -0.030  5.288   1.00 32.93 ? 93  ILE A CG2 1 
ATOM   623  C CD1 . ILE A 1 97  ? -5.714  0.252   2.424   1.00 31.07 ? 93  ILE A CD1 1 
ATOM   624  N N   . GLN A 1 98  ? -8.789  -2.896  6.262   1.00 40.19 ? 94  GLN A N   1 
ATOM   625  C CA  . GLN A 1 98  ? -9.606  -2.941  7.495   1.00 41.93 ? 94  GLN A CA  1 
ATOM   626  C C   . GLN A 1 98  ? -9.222  -4.120  8.352   1.00 42.24 ? 94  GLN A C   1 
ATOM   627  O O   . GLN A 1 98  ? -8.883  -3.917  9.509   1.00 43.36 ? 94  GLN A O   1 
ATOM   628  C CB  . GLN A 1 98  ? -11.106 -2.965  7.181   1.00 42.78 ? 94  GLN A CB  1 
ATOM   629  C CG  . GLN A 1 98  ? -11.629 -1.595  6.761   1.00 47.03 ? 94  GLN A CG  1 
ATOM   630  C CD  . GLN A 1 98  ? -13.073 -1.625  6.294   1.00 52.91 ? 94  GLN A CD  1 
ATOM   631  O OE1 . GLN A 1 98  ? -13.328 -1.601  5.088   1.00 55.85 ? 94  GLN A OE1 1 
ATOM   632  N NE2 . GLN A 1 98  ? -14.033 -1.664  7.250   1.00 54.57 ? 94  GLN A NE2 1 
ATOM   633  N N   . LYS A 1 99  ? -9.228  -5.330  7.783   1.00 41.98 ? 95  LYS A N   1 
ATOM   634  C CA  . LYS A 1 99  ? -8.682  -6.515  8.460   1.00 42.34 ? 95  LYS A CA  1 
ATOM   635  C C   . LYS A 1 99  ? -7.275  -6.328  9.022   1.00 42.63 ? 95  LYS A C   1 
ATOM   636  O O   . LYS A 1 99  ? -7.013  -6.644  10.185  1.00 42.83 ? 95  LYS A O   1 
ATOM   637  C CB  . LYS A 1 99  ? -8.619  -7.686  7.511   1.00 42.69 ? 95  LYS A CB  1 
ATOM   638  C CG  . LYS A 1 99  ? -9.942  -8.178  6.977   1.00 44.17 ? 95  LYS A CG  1 
ATOM   639  C CD  . LYS A 1 99  ? -9.732  -9.609  6.509   1.00 49.73 ? 95  LYS A CD  1 
ATOM   640  C CE  . LYS A 1 99  ? -10.071 -9.773  5.044   1.00 52.49 ? 95  LYS A CE  1 
ATOM   641  N NZ  . LYS A 1 99  ? -11.126 -8.797  4.640   1.00 55.66 ? 95  LYS A NZ  1 
ATOM   642  N N   . ILE A 1 100 ? -6.351  -5.843  8.191   1.00 42.44 ? 96  ILE A N   1 
ATOM   643  C CA  . ILE A 1 100 ? -5.016  -5.624  8.682   1.00 41.59 ? 96  ILE A CA  1 
ATOM   644  C C   . ILE A 1 100 ? -5.037  -4.670  9.876   1.00 42.53 ? 96  ILE A C   1 
ATOM   645  O O   . ILE A 1 100 ? -4.597  -5.051  10.973  1.00 43.18 ? 96  ILE A O   1 
ATOM   646  C CB  . ILE A 1 100 ? -4.066  -5.122  7.623   1.00 40.72 ? 96  ILE A CB  1 
ATOM   647  C CG1 . ILE A 1 100 ? -3.855  -6.212  6.582   1.00 40.07 ? 96  ILE A CG1 1 
ATOM   648  C CG2 . ILE A 1 100 ? -2.772  -4.727  8.287   1.00 37.69 ? 96  ILE A CG2 1 
ATOM   649  C CD1 . ILE A 1 100 ? -3.218  -5.738  5.272   1.00 36.32 ? 96  ILE A CD1 1 
ATOM   650  N N   . LYS A 1 101 ? -5.556  -3.455  9.680   1.00 42.72 ? 97  LYS A N   1 
ATOM   651  C CA  . LYS A 1 101 ? -5.596  -2.451  10.773  1.00 42.96 ? 97  LYS A CA  1 
ATOM   652  C C   . LYS A 1 101 ? -6.356  -2.954  12.014  1.00 43.62 ? 97  LYS A C   1 
ATOM   653  O O   . LYS A 1 101 ? -5.972  -2.639  13.131  1.00 43.69 ? 97  LYS A O   1 
ATOM   654  C CB  . LYS A 1 101 ? -6.060  -1.065  10.285  1.00 41.81 ? 97  LYS A CB  1 
ATOM   655  C CG  . LYS A 1 101 ? -5.093  -0.506  9.229   1.00 42.33 ? 97  LYS A CG  1 
ATOM   656  C CD  . LYS A 1 101 ? -5.306  0.939   8.860   1.00 44.04 ? 97  LYS A CD  1 
ATOM   657  C CE  . LYS A 1 101 ? -4.487  1.981   8.707   0.00 54.70 ? 97  LYS A CE  1 
ATOM   658  N NZ  . LYS A 1 101 ? -5.083  3.430   8.590   0.00 57.93 ? 97  LYS A NZ  1 
ATOM   659  N N   . SER A 1 102 ? -7.370  -3.792  11.814  1.00 44.09 ? 98  SER A N   1 
ATOM   660  C CA  . SER A 1 102 ? -8.175  -4.293  12.922  1.00 45.41 ? 98  SER A CA  1 
ATOM   661  C C   . SER A 1 102 ? -7.526  -5.484  13.620  1.00 46.95 ? 98  SER A C   1 
ATOM   662  O O   . SER A 1 102 ? -8.067  -6.006  14.591  1.00 47.61 ? 98  SER A O   1 
ATOM   663  C CB  . SER A 1 102 ? -9.569  -4.695  12.426  1.00 45.25 ? 98  SER A CB  1 
ATOM   664  O OG  . SER A 1 102 ? -9.604  -5.995  11.860  1.00 44.87 ? 98  SER A OG  1 
ATOM   665  N N   . GLY A 1 103 ? -6.387  -5.939  13.098  1.00 48.00 ? 99  GLY A N   1 
ATOM   666  C CA  . GLY A 1 103 ? -5.745  -7.141  13.604  1.00 48.29 ? 99  GLY A CA  1 
ATOM   667  C C   . GLY A 1 103 ? -6.428  -8.471  13.291  1.00 48.27 ? 99  GLY A C   1 
ATOM   668  O O   . GLY A 1 103 ? -5.905  -9.515  13.655  1.00 48.23 ? 99  GLY A O   1 
ATOM   669  N N   . GLU A 1 104 ? -7.563  -8.455  12.609  1.00 48.35 ? 100 GLU A N   1 
ATOM   670  C CA  . GLU A 1 104 ? -8.305  -9.691  12.288  1.00 49.24 ? 100 GLU A CA  1 
ATOM   671  C C   . GLU A 1 104 ? -7.621  -10.689 11.304  1.00 49.69 ? 100 GLU A C   1 
ATOM   672  O O   . GLU A 1 104 ? -8.119  -11.804 11.035  1.00 50.37 ? 100 GLU A O   1 
ATOM   673  C CB  . GLU A 1 104 ? -9.620  -9.229  11.705  1.00 49.94 ? 100 GLU A CB  1 
ATOM   674  C CG  . GLU A 1 104 ? -10.548 -10.269 11.150  1.00 53.24 ? 100 GLU A CG  1 
ATOM   675  C CD  . GLU A 1 104 ? -11.789 -9.622  10.541  1.00 59.27 ? 100 GLU A CD  1 
ATOM   676  O OE1 . GLU A 1 104 ? -12.154 -8.466  10.955  1.00 59.29 ? 100 GLU A OE1 1 
ATOM   677  O OE2 . GLU A 1 104 ? -12.386 -10.278 9.644   1.00 60.47 ? 100 GLU A OE2 1 
ATOM   678  N N   . GLU A 1 105 ? -6.509  -10.244 10.721  1.00 49.98 ? 101 GLU A N   1 
ATOM   679  C CA  . GLU A 1 105 ? -5.663  -10.974 9.747   1.00 49.23 ? 101 GLU A CA  1 
ATOM   680  C C   . GLU A 1 105 ? -4.443  -10.122 9.684   1.00 47.63 ? 101 GLU A C   1 
ATOM   681  O O   . GLU A 1 105 ? -4.480  -8.960  10.117  1.00 47.17 ? 101 GLU A O   1 
ATOM   682  C CB  . GLU A 1 105 ? -6.264  -11.011 8.355   1.00 49.50 ? 101 GLU A CB  1 
ATOM   683  C CG  . GLU A 1 105 ? -7.420  -11.953 8.209   1.00 53.82 ? 101 GLU A CG  1 
ATOM   684  C CD  . GLU A 1 105 ? -6.967  -13.369 8.200   1.00 58.75 ? 101 GLU A CD  1 
ATOM   685  O OE1 . GLU A 1 105 ? -7.561  -14.134 7.416   1.00 61.91 ? 101 GLU A OE1 1 
ATOM   686  O OE2 . GLU A 1 105 ? -6.005  -13.710 8.937   1.00 60.70 ? 101 GLU A OE2 1 
ATOM   687  N N   . ASP A 1 106 ? -3.345  -10.654 9.178   1.00 46.10 ? 102 ASP A N   1 
ATOM   688  C CA  . ASP A 1 106 ? -2.192  -9.775  9.098   1.00 44.53 ? 102 ASP A CA  1 
ATOM   689  C C   . ASP A 1 106 ? -1.679  -9.592  7.673   1.00 42.32 ? 102 ASP A C   1 
ATOM   690  O O   . ASP A 1 106 ? -2.041  -10.350 6.768   1.00 41.84 ? 102 ASP A O   1 
ATOM   691  C CB  . ASP A 1 106 ? -1.156  -10.212 10.102  1.00 45.30 ? 102 ASP A CB  1 
ATOM   692  C CG  . ASP A 1 106 ? -0.306  -11.339 9.606   1.00 49.97 ? 102 ASP A CG  1 
ATOM   693  O OD1 . ASP A 1 106 ? 0.915   -11.226 9.867   1.00 53.25 ? 102 ASP A OD1 1 
ATOM   694  O OD2 . ASP A 1 106 ? -0.827  -12.299 8.945   1.00 55.00 ? 102 ASP A OD2 1 
ATOM   695  N N   . PHE A 1 107 ? -0.883  -8.551  7.472   1.00 40.80 ? 103 PHE A N   1 
ATOM   696  C CA  . PHE A 1 107 ? -0.467  -8.133  6.155   1.00 38.92 ? 103 PHE A CA  1 
ATOM   697  C C   . PHE A 1 107 ? 0.008   -9.341  5.324   1.00 38.97 ? 103 PHE A C   1 
ATOM   698  O O   . PHE A 1 107 ? -0.493  -9.623  4.214   1.00 37.86 ? 103 PHE A O   1 
ATOM   699  C CB  . PHE A 1 107 ? 0.631   -7.052  6.263   1.00 38.41 ? 103 PHE A CB  1 
ATOM   700  C CG  . PHE A 1 107 ? 1.088   -6.557  4.934   1.00 38.05 ? 103 PHE A CG  1 
ATOM   701  C CD1 . PHE A 1 107 ? 0.400   -5.542  4.284   1.00 38.00 ? 103 PHE A CD1 1 
ATOM   702  C CD2 . PHE A 1 107 ? 2.137   -7.187  4.263   1.00 38.56 ? 103 PHE A CD2 1 
ATOM   703  C CE1 . PHE A 1 107 ? 0.794   -5.104  3.021   1.00 35.94 ? 103 PHE A CE1 1 
ATOM   704  C CE2 . PHE A 1 107 ? 2.508   -6.777  3.014   1.00 36.45 ? 103 PHE A CE2 1 
ATOM   705  C CZ  . PHE A 1 107 ? 1.826   -5.742  2.378   1.00 36.32 ? 103 PHE A CZ  1 
ATOM   706  N N   . GLU A 1 108 ? 0.984   -10.046 5.904   1.00 38.77 ? 104 GLU A N   1 
ATOM   707  C CA  . GLU A 1 108 ? 1.603   -11.252 5.356   1.00 37.79 ? 104 GLU A CA  1 
ATOM   708  C C   . GLU A 1 108 ? 0.606   -12.294 4.854   1.00 37.49 ? 104 GLU A C   1 
ATOM   709  O O   . GLU A 1 108 ? 0.752   -12.831 3.755   1.00 36.12 ? 104 GLU A O   1 
ATOM   710  C CB  . GLU A 1 108 ? 2.422   -11.898 6.444   1.00 37.77 ? 104 GLU A CB  1 
ATOM   711  C CG  . GLU A 1 108 ? 3.790   -11.339 6.557   1.00 39.55 ? 104 GLU A CG  1 
ATOM   712  C CD  . GLU A 1 108 ? 3.883   -10.110 7.455   1.00 40.70 ? 104 GLU A CD  1 
ATOM   713  O OE1 . GLU A 1 108 ? 2.873   -9.681  8.111   1.00 39.31 ? 104 GLU A OE1 1 
ATOM   714  O OE2 . GLU A 1 108 ? 5.024   -9.574  7.493   1.00 46.48 ? 104 GLU A OE2 1 
ATOM   715  N N   . SER A 1 109 ? -0.370  -12.616 5.690   1.00 36.60 ? 105 SER A N   1 
ATOM   716  C CA  . SER A 1 109 ? -1.310  -13.677 5.359   1.00 37.06 ? 105 SER A CA  1 
ATOM   717  C C   . SER A 1 109 ? -2.209  -13.262 4.174   1.00 35.76 ? 105 SER A C   1 
ATOM   718  O O   . SER A 1 109 ? -2.370  -14.011 3.202   1.00 37.22 ? 105 SER A O   1 
ATOM   719  C CB  . SER A 1 109 ? -2.152  -14.063 6.586   1.00 37.21 ? 105 SER A CB  1 
ATOM   720  O OG  . SER A 1 109 ? -3.389  -14.595 6.134   1.00 43.26 ? 105 SER A OG  1 
ATOM   721  N N   . LEU A 1 110 ? -2.781  -12.071 4.256   1.00 34.14 ? 106 LEU A N   1 
ATOM   722  C CA  . LEU A 1 110 ? -3.449  -11.400 3.135   1.00 32.13 ? 106 LEU A CA  1 
ATOM   723  C C   . LEU A 1 110 ? -2.587  -11.234 1.874   1.00 31.17 ? 106 LEU A C   1 
ATOM   724  O O   . LEU A 1 110 ? -3.055  -11.521 0.786   1.00 31.08 ? 106 LEU A O   1 
ATOM   725  C CB  . LEU A 1 110 ? -4.036  -10.072 3.630   1.00 32.32 ? 106 LEU A CB  1 
ATOM   726  C CG  . LEU A 1 110 ? -5.162  -10.333 4.665   1.00 34.46 ? 106 LEU A CG  1 
ATOM   727  C CD1 . LEU A 1 110 ? -5.961  -9.097  5.121   1.00 34.05 ? 106 LEU A CD1 1 
ATOM   728  C CD2 . LEU A 1 110 ? -6.131  -11.308 4.045   1.00 37.35 ? 106 LEU A CD2 1 
ATOM   729  N N   . ALA A 1 111 ? -1.329  -10.799 1.994   1.00 31.54 ? 107 ALA A N   1 
ATOM   730  C CA  . ALA A 1 111 ? -0.416  -10.769 0.814   1.00 30.94 ? 107 ALA A CA  1 
ATOM   731  C C   . ALA A 1 111 ? -0.228  -12.129 0.147   1.00 31.97 ? 107 ALA A C   1 
ATOM   732  O O   . ALA A 1 111 ? -0.377  -12.219 -1.087  1.00 31.88 ? 107 ALA A O   1 
ATOM   733  C CB  . ALA A 1 111 ? 0.865   -10.222 1.158   1.00 29.87 ? 107 ALA A CB  1 
ATOM   734  N N   . SER A 1 112 ? 0.071   -13.181 0.943   1.00 32.30 ? 108 SER A N   1 
ATOM   735  C CA  . SER A 1 112 ? 0.155   -14.536 0.424   1.00 33.16 ? 108 SER A CA  1 
ATOM   736  C C   . SER A 1 112 ? -1.110  -14.957 -0.222  1.00 32.90 ? 108 SER A C   1 
ATOM   737  O O   . SER A 1 112 ? -1.078  -15.555 -1.290  1.00 34.34 ? 108 SER A O   1 
ATOM   738  C CB  . SER A 1 112 ? 0.467   -15.589 1.470   1.00 33.69 ? 108 SER A CB  1 
ATOM   739  O OG  . SER A 1 112 ? 1.446   -15.146 2.351   1.00 37.25 ? 108 SER A OG  1 
ATOM   740  N N   . GLN A 1 113 ? -2.235  -14.740 0.428   1.00 32.79 ? 109 GLN A N   1 
ATOM   741  C CA  . GLN A 1 113 ? -3.479  -15.249 -0.196  1.00 33.40 ? 109 GLN A CA  1 
ATOM   742  C C   . GLN A 1 113 ? -3.850  -14.450 -1.392  1.00 32.92 ? 109 GLN A C   1 
ATOM   743  O O   . GLN A 1 113 ? -4.187  -15.011 -2.443  1.00 33.55 ? 109 GLN A O   1 
ATOM   744  C CB  . GLN A 1 113 ? -4.654  -15.259 0.771   1.00 33.79 ? 109 GLN A CB  1 
ATOM   745  C CG  . GLN A 1 113 ? -4.487  -16.257 1.860   1.00 33.56 ? 109 GLN A CG  1 
ATOM   746  C CD  . GLN A 1 113 ? -5.591  -16.191 2.849   1.00 35.70 ? 109 GLN A CD  1 
ATOM   747  O OE1 . GLN A 1 113 ? -5.471  -15.522 3.892   1.00 36.10 ? 109 GLN A OE1 1 
ATOM   748  N NE2 . GLN A 1 113 ? -6.697  -16.879 2.540   1.00 38.15 ? 109 GLN A NE2 1 
ATOM   749  N N   . PHE A 1 114 ? -3.763  -13.121 -1.262  1.00 31.83 ? 110 PHE A N   1 
ATOM   750  C CA  . PHE A 1 114 ? -4.538  -12.323 -2.187  1.00 30.21 ? 110 PHE A CA  1 
ATOM   751  C C   . PHE A 1 114 ? -3.818  -11.451 -3.175  1.00 29.26 ? 110 PHE A C   1 
ATOM   752  O O   . PHE A 1 114 ? -4.463  -10.978 -4.108  1.00 29.28 ? 110 PHE A O   1 
ATOM   753  C CB  . PHE A 1 114 ? -5.649  -11.557 -1.462  1.00 29.31 ? 110 PHE A CB  1 
ATOM   754  C CG  . PHE A 1 114 ? -6.588  -12.443 -0.752  1.00 30.75 ? 110 PHE A CG  1 
ATOM   755  C CD1 . PHE A 1 114 ? -6.685  -12.408 0.611   1.00 31.78 ? 110 PHE A CD1 1 
ATOM   756  C CD2 . PHE A 1 114 ? -7.368  -13.349 -1.445  1.00 34.07 ? 110 PHE A CD2 1 
ATOM   757  C CE1 . PHE A 1 114 ? -7.535  -13.220 1.278   1.00 25.86 ? 110 PHE A CE1 1 
ATOM   758  C CE2 . PHE A 1 114 ? -8.220  -14.187 -0.767  1.00 31.70 ? 110 PHE A CE2 1 
ATOM   759  C CZ  . PHE A 1 114 ? -8.277  -14.128 0.584   1.00 31.38 ? 110 PHE A CZ  1 
ATOM   760  N N   . SER A 1 115 ? -2.522  -11.224 -2.990  1.00 28.52 ? 111 SER A N   1 
ATOM   761  C CA  . SER A 1 115 ? -1.822  -10.240 -3.789  1.00 26.87 ? 111 SER A CA  1 
ATOM   762  C C   . SER A 1 115 ? -1.693  -10.795 -5.184  1.00 28.71 ? 111 SER A C   1 
ATOM   763  O O   . SER A 1 115 ? -1.335  -11.950 -5.345  1.00 27.29 ? 111 SER A O   1 
ATOM   764  C CB  . SER A 1 115 ? -0.424  -10.051 -3.267  1.00 27.50 ? 111 SER A CB  1 
ATOM   765  O OG  . SER A 1 115 ? 0.378   -9.489  -4.317  1.00 27.90 ? 111 SER A OG  1 
ATOM   766  N N   . ASP A 1 116 ? -2.003  -9.983  -6.187  1.00 29.88 ? 112 ASP A N   1 
ATOM   767  C CA  . ASP A 1 116 ? -1.841  -10.369 -7.575  1.00 31.91 ? 112 ASP A CA  1 
ATOM   768  C C   . ASP A 1 116 ? -0.373  -10.362 -7.999  1.00 33.02 ? 112 ASP A C   1 
ATOM   769  O O   . ASP A 1 116 ? -0.070  -10.745 -9.136  1.00 34.33 ? 112 ASP A O   1 
ATOM   770  C CB  . ASP A 1 116 ? -2.650  -9.433  -8.503  1.00 32.31 ? 112 ASP A CB  1 
ATOM   771  C CG  . ASP A 1 116 ? -4.128  -9.796  -8.571  1.00 32.42 ? 112 ASP A CG  1 
ATOM   772  O OD1 . ASP A 1 116 ? -4.421  -10.992 -8.743  1.00 36.33 ? 112 ASP A OD1 1 
ATOM   773  O OD2 . ASP A 1 116 ? -4.984  -8.897  -8.473  1.00 26.81 ? 112 ASP A OD2 1 
ATOM   774  N N   . CYS A 1 117 ? 0.537   -9.929  -7.126  1.00 33.11 ? 113 CYS A N   1 
ATOM   775  C CA  . CYS A 1 117 ? 1.978   -9.964  -7.482  1.00 33.47 ? 113 CYS A CA  1 
ATOM   776  C C   . CYS A 1 117 ? 2.574   -11.338 -7.135  1.00 34.19 ? 113 CYS A C   1 
ATOM   777  O O   . CYS A 1 117 ? 2.270   -11.917 -6.066  1.00 34.45 ? 113 CYS A O   1 
ATOM   778  C CB  . CYS A 1 117 ? 2.770   -8.898  -6.742  1.00 31.73 ? 113 CYS A CB  1 
ATOM   779  S SG  . CYS A 1 117 ? 4.521   -8.807  -7.210  1.00 34.19 ? 113 CYS A SG  1 
ATOM   780  N N   . SER A 1 118 ? 3.469   -11.839 -7.991  1.00 34.10 ? 114 SER A N   1 
ATOM   781  C CA  . SER A 1 118 ? 4.132   -13.119 -7.716  1.00 34.60 ? 114 SER A CA  1 
ATOM   782  C C   . SER A 1 118 ? 4.984   -13.084 -6.413  1.00 33.27 ? 114 SER A C   1 
ATOM   783  O O   . SER A 1 118 ? 5.306   -14.132 -5.858  1.00 33.07 ? 114 SER A O   1 
ATOM   784  C CB  . SER A 1 118 ? 4.992   -13.537 -8.913  1.00 35.97 ? 114 SER A CB  1 
ATOM   785  O OG  . SER A 1 118 ? 6.130   -12.650 -8.997  1.00 38.31 ? 114 SER A OG  1 
ATOM   786  N N   . SER A 1 119 ? 5.315   -11.898 -5.900  1.00 32.32 ? 115 SER A N   1 
ATOM   787  C CA  . SER A 1 119 ? 5.893   -11.804 -4.540  1.00 30.25 ? 115 SER A CA  1 
ATOM   788  C C   . SER A 1 119 ? 4.917   -12.274 -3.448  1.00 30.53 ? 115 SER A C   1 
ATOM   789  O O   . SER A 1 119 ? 5.262   -12.264 -2.243  1.00 28.60 ? 115 SER A O   1 
ATOM   790  C CB  . SER A 1 119 ? 6.258   -10.377 -4.226  1.00 30.25 ? 115 SER A CB  1 
ATOM   791  O OG  . SER A 1 119 ? 5.101   -9.590  -4.275  1.00 29.12 ? 115 SER A OG  1 
ATOM   792  N N   . ALA A 1 120 ? 3.713   -12.712 -3.843  1.00 29.82 ? 116 ALA A N   1 
ATOM   793  C CA  . ALA A 1 120 ? 2.752   -13.198 -2.846  1.00 29.35 ? 116 ALA A CA  1 
ATOM   794  C C   . ALA A 1 120 ? 3.400   -14.351 -2.114  1.00 29.61 ? 116 ALA A C   1 
ATOM   795  O O   . ALA A 1 120 ? 3.249   -14.486 -0.922  1.00 30.26 ? 116 ALA A O   1 
ATOM   796  C CB  . ALA A 1 120 ? 1.458   -13.660 -3.519  1.00 29.88 ? 116 ALA A CB  1 
ATOM   797  N N   . LYS A 1 121 ? 4.147   -15.188 -2.836  1.00 29.55 ? 117 LYS A N   1 
ATOM   798  C CA  . LYS A 1 121 ? 4.776   -16.380 -2.226  1.00 29.56 ? 117 LYS A CA  1 
ATOM   799  C C   . LYS A 1 121 ? 5.959   -16.078 -1.273  1.00 27.93 ? 117 LYS A C   1 
ATOM   800  O O   . LYS A 1 121 ? 6.471   -16.960 -0.558  1.00 28.33 ? 117 LYS A O   1 
ATOM   801  C CB  . LYS A 1 121 ? 5.173   -17.402 -3.329  1.00 30.86 ? 117 LYS A CB  1 
ATOM   802  C CG  . LYS A 1 121 ? 6.402   -17.027 -4.045  1.00 34.54 ? 117 LYS A CG  1 
ATOM   803  C CD  . LYS A 1 121 ? 6.446   -17.637 -5.486  1.00 42.50 ? 117 LYS A CD  1 
ATOM   804  C CE  . LYS A 1 121 ? 7.481   -16.858 -6.344  1.00 43.52 ? 117 LYS A CE  1 
ATOM   805  N NZ  . LYS A 1 121 ? 6.912   -16.783 -7.731  1.00 48.83 ? 117 LYS A NZ  1 
ATOM   806  N N   . ALA A 1 122 ? 6.379   -14.828 -1.225  1.00 26.77 ? 118 ALA A N   1 
ATOM   807  C CA  . ALA A 1 122 ? 7.462   -14.447 -0.318  1.00 24.82 ? 118 ALA A CA  1 
ATOM   808  C C   . ALA A 1 122 ? 6.795   -13.511 0.660   1.00 25.31 ? 118 ALA A C   1 
ATOM   809  O O   . ALA A 1 122 ? 7.429   -12.589 1.168   1.00 23.88 ? 118 ALA A O   1 
ATOM   810  C CB  . ALA A 1 122 ? 8.510   -13.747 -1.059  1.00 24.24 ? 118 ALA A CB  1 
ATOM   811  N N   . ARG A 1 123 ? 5.498   -13.744 0.900   1.00 25.51 ? 119 ARG A N   1 
ATOM   812  C CA  . ARG A 1 123 ? 4.742   -12.941 1.873   1.00 27.60 ? 119 ARG A CA  1 
ATOM   813  C C   . ARG A 1 123 ? 4.695   -11.470 1.501   1.00 28.04 ? 119 ARG A C   1 
ATOM   814  O O   . ARG A 1 123 ? 4.500   -10.591 2.367   1.00 27.71 ? 119 ARG A O   1 
ATOM   815  C CB  . ARG A 1 123 ? 5.304   -13.057 3.286   1.00 27.20 ? 119 ARG A CB  1 
ATOM   816  C CG  . ARG A 1 123 ? 4.890   -14.333 3.998   1.00 30.06 ? 119 ARG A CG  1 
ATOM   817  C CD  . ARG A 1 123 ? 5.729   -14.676 5.237   1.00 26.42 ? 119 ARG A CD  1 
ATOM   818  N NE  . ARG A 1 123 ? 5.146   -15.917 5.786   1.00 37.55 ? 119 ARG A NE  1 
ATOM   819  C CZ  . ARG A 1 123 ? 4.754   -16.118 7.065   1.00 42.28 ? 119 ARG A CZ  1 
ATOM   820  N NH1 . ARG A 1 123 ? 4.884   -15.145 7.978   1.00 46.68 ? 119 ARG A NH1 1 
ATOM   821  N NH2 . ARG A 1 123 ? 4.218   -17.290 7.451   1.00 40.91 ? 119 ARG A NH2 1 
ATOM   822  N N   . GLY A 1 124 ? 4.782   -11.222 0.208   1.00 27.85 ? 120 GLY A N   1 
ATOM   823  C CA  . GLY A 1 124 ? 4.764   -9.888  -0.329  1.00 29.97 ? 120 GLY A CA  1 
ATOM   824  C C   . GLY A 1 124 ? 6.095   -9.177  -0.328  1.00 30.69 ? 120 GLY A C   1 
ATOM   825  O O   . GLY A 1 124 ? 6.151   -8.023  -0.670  1.00 31.78 ? 120 GLY A O   1 
ATOM   826  N N   . ASP A 1 125 ? 7.169   -9.843  0.069   1.00 32.39 ? 121 ASP A N   1 
ATOM   827  C CA  . ASP A 1 125 ? 8.468   -9.163  0.240   1.00 33.41 ? 121 ASP A CA  1 
ATOM   828  C C   . ASP A 1 125 ? 9.103   -8.836  -1.084  1.00 33.91 ? 121 ASP A C   1 
ATOM   829  O O   . ASP A 1 125 ? 9.147   -9.681  -1.961  1.00 34.26 ? 121 ASP A O   1 
ATOM   830  C CB  . ASP A 1 125 ? 9.409   -10.034 1.077   1.00 33.71 ? 121 ASP A CB  1 
ATOM   831  C CG  . ASP A 1 125 ? 10.735  -9.352  1.376   1.00 35.82 ? 121 ASP A CG  1 
ATOM   832  O OD1 . ASP A 1 125 ? 10.805  -8.110  1.426   1.00 32.38 ? 121 ASP A OD1 1 
ATOM   833  O OD2 . ASP A 1 125 ? 11.731  -10.082 1.536   1.00 37.89 ? 121 ASP A OD2 1 
ATOM   834  N N   . LEU A 1 126 ? 9.583   -7.604  -1.238  1.00 35.03 ? 122 LEU A N   1 
ATOM   835  C CA  . LEU A 1 126 ? 10.258  -7.211  -2.494  1.00 35.60 ? 122 LEU A CA  1 
ATOM   836  C C   . LEU A 1 126 ? 11.754  -7.072  -2.320  1.00 34.90 ? 122 LEU A C   1 
ATOM   837  O O   . LEU A 1 126 ? 12.470  -6.873  -3.288  1.00 34.39 ? 122 LEU A O   1 
ATOM   838  C CB  . LEU A 1 126 ? 9.662   -5.917  -3.095  1.00 35.65 ? 122 LEU A CB  1 
ATOM   839  C CG  . LEU A 1 126 ? 8.239   -6.137  -3.630  1.00 35.84 ? 122 LEU A CG  1 
ATOM   840  C CD1 . LEU A 1 126 ? 7.555   -4.785  -3.814  1.00 40.22 ? 122 LEU A CD1 1 
ATOM   841  C CD2 . LEU A 1 126 ? 8.270   -6.875  -4.922  1.00 35.44 ? 122 LEU A CD2 1 
ATOM   842  N N   . GLY A 1 127 ? 12.224  -7.192  -1.083  1.00 35.00 ? 123 GLY A N   1 
ATOM   843  C CA  . GLY A 1 127 ? 13.645  -7.072  -0.820  1.00 34.37 ? 123 GLY A CA  1 
ATOM   844  C C   . GLY A 1 127 ? 13.929  -5.602  -0.710  1.00 35.25 ? 123 GLY A C   1 
ATOM   845  O O   . GLY A 1 127 ? 13.043  -4.787  -0.904  1.00 34.62 ? 123 GLY A O   1 
ATOM   846  N N   . ALA A 1 128 ? 15.170  -5.266  -0.415  1.00 35.41 ? 124 ALA A N   1 
ATOM   847  C CA  . ALA A 1 128 ? 15.570  -3.909  -0.238  1.00 36.50 ? 124 ALA A CA  1 
ATOM   848  C C   . ALA A 1 128 ? 15.849  -3.288  -1.599  1.00 38.15 ? 124 ALA A C   1 
ATOM   849  O O   . ALA A 1 128 ? 16.156  -3.986  -2.581  1.00 39.69 ? 124 ALA A O   1 
ATOM   850  C CB  . ALA A 1 128 ? 16.805  -3.823  0.694   1.00 35.99 ? 124 ALA A CB  1 
ATOM   851  N N   . PHE A 1 129 ? 15.674  -1.972  -1.680  1.00 39.33 ? 125 PHE A N   1 
ATOM   852  C CA  . PHE A 1 129 ? 15.796  -1.220  -2.938  1.00 39.77 ? 125 PHE A CA  1 
ATOM   853  C C   . PHE A 1 129 ? 16.147  0.242   -2.659  1.00 40.78 ? 125 PHE A C   1 
ATOM   854  O O   . PHE A 1 129 ? 16.048  0.754   -1.519  1.00 39.46 ? 125 PHE A O   1 
ATOM   855  C CB  . PHE A 1 129 ? 14.543  -1.380  -3.861  1.00 39.76 ? 125 PHE A CB  1 
ATOM   856  C CG  . PHE A 1 129 ? 13.226  -0.926  -3.240  1.00 39.61 ? 125 PHE A CG  1 
ATOM   857  C CD1 . PHE A 1 129 ? 12.780  0.375   -3.393  1.00 38.39 ? 125 PHE A CD1 1 
ATOM   858  C CD2 . PHE A 1 129 ? 12.430  -1.816  -2.531  1.00 40.48 ? 125 PHE A CD2 1 
ATOM   859  C CE1 . PHE A 1 129 ? 11.585  0.801   -2.822  1.00 38.44 ? 125 PHE A CE1 1 
ATOM   860  C CE2 . PHE A 1 129 ? 11.234  -1.396  -1.949  1.00 41.42 ? 125 PHE A CE2 1 
ATOM   861  C CZ  . PHE A 1 129 ? 10.816  -0.073  -2.090  1.00 39.62 ? 125 PHE A CZ  1 
ATOM   862  N N   . SER A 1 130 ? 16.613  0.926   -3.685  1.00 42.42 ? 126 SER A N   1 
ATOM   863  C CA  . SER A 1 130 ? 16.859  2.343   -3.474  1.00 44.93 ? 126 SER A CA  1 
ATOM   864  C C   . SER A 1 130 ? 16.156  3.092   -4.580  1.00 44.95 ? 126 SER A C   1 
ATOM   865  O O   . SER A 1 130 ? 15.637  2.473   -5.478  1.00 45.36 ? 126 SER A O   1 
ATOM   866  C CB  . SER A 1 130 ? 18.353  2.638   -3.383  1.00 45.24 ? 126 SER A CB  1 
ATOM   867  O OG  . SER A 1 130 ? 18.985  2.054   -4.498  1.00 48.42 ? 126 SER A OG  1 
ATOM   868  N N   . ARG A 1 131 ? 16.075  4.410   -4.482  1.00 46.21 ? 127 ARG A N   1 
ATOM   869  C CA  . ARG A 1 131 ? 15.444  5.214   -5.539  1.00 47.18 ? 127 ARG A CA  1 
ATOM   870  C C   . ARG A 1 131 ? 16.059  4.968   -6.924  1.00 47.97 ? 127 ARG A C   1 
ATOM   871  O O   . ARG A 1 131 ? 17.285  4.852   -7.067  1.00 48.11 ? 127 ARG A O   1 
ATOM   872  C CB  . ARG A 1 131 ? 15.510  6.687   -5.168  1.00 46.98 ? 127 ARG A CB  1 
ATOM   873  C CG  . ARG A 1 131 ? 14.514  7.090   -4.058  1.00 47.20 ? 127 ARG A CG  1 
ATOM   874  C CD  . ARG A 1 131 ? 14.590  8.557   -3.813  1.00 46.27 ? 127 ARG A CD  1 
ATOM   875  N NE  . ARG A 1 131 ? 13.617  9.033   -2.845  1.00 47.97 ? 127 ARG A NE  1 
ATOM   876  C CZ  . ARG A 1 131 ? 12.308  9.162   -3.078  1.00 47.81 ? 127 ARG A CZ  1 
ATOM   877  N NH1 . ARG A 1 131 ? 11.771  8.790   -4.251  1.00 42.47 ? 127 ARG A NH1 1 
ATOM   878  N NH2 . ARG A 1 131 ? 11.536  9.660   -2.107  1.00 47.01 ? 127 ARG A NH2 1 
ATOM   879  N N   . GLY A 1 132 ? 15.203  4.856   -7.936  1.00 48.74 ? 128 GLY A N   1 
ATOM   880  C CA  . GLY A 1 132 ? 15.656  4.587   -9.289  1.00 50.16 ? 128 GLY A CA  1 
ATOM   881  C C   . GLY A 1 132 ? 15.215  3.203   -9.706  1.00 52.03 ? 128 GLY A C   1 
ATOM   882  O O   . GLY A 1 132 ? 15.004  2.929   -10.896 1.00 52.72 ? 128 GLY A O   1 
ATOM   883  N N   . GLN A 1 133 ? 15.028  2.325   -8.719  1.00 53.24 ? 129 GLN A N   1 
ATOM   884  C CA  . GLN A 1 133 ? 14.680  0.918   -8.978  1.00 53.54 ? 129 GLN A CA  1 
ATOM   885  C C   . GLN A 1 133 ? 13.218  0.654   -9.351  1.00 53.38 ? 129 GLN A C   1 
ATOM   886  O O   . GLN A 1 133 ? 12.954  -0.155  -10.247 1.00 53.87 ? 129 GLN A O   1 
ATOM   887  C CB  . GLN A 1 133 ? 15.075  0.058   -7.783  1.00 53.74 ? 129 GLN A CB  1 
ATOM   888  C CG  . GLN A 1 133 ? 16.513  0.279   -7.305  1.00 55.98 ? 129 GLN A CG  1 
ATOM   889  C CD  . GLN A 1 133 ? 17.047  -0.884  -6.459  1.00 60.69 ? 129 GLN A CD  1 
ATOM   890  O OE1 . GLN A 1 133 ? 18.224  -0.903  -6.070  1.00 63.20 ? 129 GLN A OE1 1 
ATOM   891  N NE2 . GLN A 1 133 ? 16.188  -1.878  -6.200  1.00 61.33 ? 129 GLN A NE2 1 
ATOM   892  N N   . MET A 1 134 ? 12.288  1.337   -8.676  1.00 52.42 ? 130 MET A N   1 
ATOM   893  C CA  . MET A 1 134 ? 10.853  1.020   -8.730  1.00 51.97 ? 130 MET A CA  1 
ATOM   894  C C   . MET A 1 134 ? 10.008  2.179   -9.236  1.00 51.39 ? 130 MET A C   1 
ATOM   895  O O   . MET A 1 134 ? 10.385  3.349   -9.071  1.00 51.88 ? 130 MET A O   1 
ATOM   896  C CB  . MET A 1 134 ? 10.345  0.665   -7.331  1.00 51.72 ? 130 MET A CB  1 
ATOM   897  C CG  . MET A 1 134 ? 11.107  -0.462  -6.662  1.00 52.77 ? 130 MET A CG  1 
ATOM   898  S SD  . MET A 1 134 ? 10.234  -1.999  -6.887  1.00 51.68 ? 130 MET A SD  1 
ATOM   899  C CE  . MET A 1 134 ? 11.497  -3.192  -6.409  1.00 56.13 ? 130 MET A CE  1 
ATOM   900  N N   . ALA A 1 135 ? 8.851   1.841   -9.806  1.00 49.97 ? 131 ALA A N   1 
ATOM   901  C CA  . ALA A 1 135 ? 7.871   2.820   -10.251 1.00 48.94 ? 131 ALA A CA  1 
ATOM   902  C C   . ALA A 1 135 ? 7.685   3.903   -9.203  1.00 48.64 ? 131 ALA A C   1 
ATOM   903  O O   . ALA A 1 135 ? 7.596   3.627   -7.994  1.00 48.99 ? 131 ALA A O   1 
ATOM   904  C CB  . ALA A 1 135 ? 6.545   2.149   -10.545 1.00 48.93 ? 131 ALA A CB  1 
ATOM   905  N N   . LYS A 1 136 ? 7.611   5.144   -9.673  1.00 47.76 ? 132 LYS A N   1 
ATOM   906  C CA  . LYS A 1 136 ? 7.820   6.309   -8.798  1.00 46.49 ? 132 LYS A CA  1 
ATOM   907  C C   . LYS A 1 136 ? 6.704   6.531   -7.776  1.00 43.17 ? 132 LYS A C   1 
ATOM   908  O O   . LYS A 1 136 ? 6.980   6.790   -6.611  1.00 43.12 ? 132 LYS A O   1 
ATOM   909  C CB  . LYS A 1 136 ? 8.139   7.558   -9.631  1.00 47.55 ? 132 LYS A CB  1 
ATOM   910  C CG  . LYS A 1 136 ? 8.990   7.204   -10.899 1.00 52.98 ? 132 LYS A CG  1 
ATOM   911  C CD  . LYS A 1 136 ? 10.541  7.429   -10.776 1.00 58.97 ? 132 LYS A CD  1 
ATOM   912  C CE  . LYS A 1 136 ? 11.262  7.144   -12.147 1.00 59.91 ? 132 LYS A CE  1 
ATOM   913  N NZ  . LYS A 1 136 ? 11.233  5.690   -12.556 1.00 61.09 ? 132 LYS A NZ  1 
ATOM   914  N N   . PRO A 1 137 ? 5.451   6.427   -8.200  1.00 40.83 ? 133 PRO A N   1 
ATOM   915  C CA  . PRO A 1 137 ? 4.450   6.505   -7.190  1.00 39.52 ? 133 PRO A CA  1 
ATOM   916  C C   . PRO A 1 137 ? 4.790   5.568   -5.996  1.00 39.15 ? 133 PRO A C   1 
ATOM   917  O O   . PRO A 1 137 ? 4.638   5.974   -4.850  1.00 38.63 ? 133 PRO A O   1 
ATOM   918  C CB  . PRO A 1 137 ? 3.185   6.015   -7.914  1.00 39.67 ? 133 PRO A CB  1 
ATOM   919  C CG  . PRO A 1 137 ? 3.498   5.908   -9.370  1.00 38.39 ? 133 PRO A CG  1 
ATOM   920  C CD  . PRO A 1 137 ? 4.892   6.331   -9.567  1.00 41.53 ? 133 PRO A CD  1 
ATOM   921  N N   . PHE A 1 138 ? 5.254   4.337   -6.285  1.00 38.52 ? 134 PHE A N   1 
ATOM   922  C CA  . PHE A 1 138 ? 5.474   3.268   -5.310  1.00 37.60 ? 134 PHE A CA  1 
ATOM   923  C C   . PHE A 1 138 ? 6.723   3.629   -4.531  1.00 37.88 ? 134 PHE A C   1 
ATOM   924  O O   . PHE A 1 138 ? 6.810   3.490   -3.331  1.00 37.47 ? 134 PHE A O   1 
ATOM   925  C CB  . PHE A 1 138 ? 5.693   1.956   -6.068  1.00 37.70 ? 134 PHE A CB  1 
ATOM   926  C CG  . PHE A 1 138 ? 5.863   0.736   -5.171  1.00 37.68 ? 134 PHE A CG  1 
ATOM   927  C CD1 . PHE A 1 138 ? 4.823   -0.171  -5.002  1.00 37.88 ? 134 PHE A CD1 1 
ATOM   928  C CD2 . PHE A 1 138 ? 7.059   0.507   -4.478  1.00 36.96 ? 134 PHE A CD2 1 
ATOM   929  C CE1 . PHE A 1 138 ? 4.985   -1.296  -4.162  1.00 37.31 ? 134 PHE A CE1 1 
ATOM   930  C CE2 . PHE A 1 138 ? 7.192   -0.575  -3.635  1.00 32.47 ? 134 PHE A CE2 1 
ATOM   931  C CZ  . PHE A 1 138 ? 6.162   -1.474  -3.493  1.00 35.14 ? 134 PHE A CZ  1 
ATOM   932  N N   . GLU A 1 139 ? 7.705   4.137   -5.237  1.00 38.52 ? 135 GLU A N   1 
ATOM   933  C CA  . GLU A 1 139 ? 8.942   4.533   -4.596  1.00 38.80 ? 135 GLU A CA  1 
ATOM   934  C C   . GLU A 1 139 ? 8.745   5.685   -3.612  1.00 38.51 ? 135 GLU A C   1 
ATOM   935  O O   . GLU A 1 139 ? 9.247   5.619   -2.472  1.00 38.96 ? 135 GLU A O   1 
ATOM   936  C CB  . GLU A 1 139 ? 9.955   4.870   -5.680  1.00 38.88 ? 135 GLU A CB  1 
ATOM   937  C CG  . GLU A 1 139 ? 11.295  5.412   -5.172  1.00 41.66 ? 135 GLU A CG  1 
ATOM   938  C CD  . GLU A 1 139 ? 12.130  5.992   -6.332  1.00 43.97 ? 135 GLU A CD  1 
ATOM   939  O OE1 . GLU A 1 139 ? 12.447  5.216   -7.285  1.00 42.73 ? 135 GLU A OE1 1 
ATOM   940  O OE2 . GLU A 1 139 ? 12.414  7.220   -6.282  1.00 43.90 ? 135 GLU A OE2 1 
ATOM   941  N N   . ASP A 1 140 ? 8.002   6.723   -4.018  1.00 38.16 ? 136 ASP A N   1 
ATOM   942  C CA  . ASP A 1 140 ? 7.784   7.871   -3.129  1.00 38.50 ? 136 ASP A CA  1 
ATOM   943  C C   . ASP A 1 140 ? 7.076   7.437   -1.865  1.00 37.99 ? 136 ASP A C   1 
ATOM   944  O O   . ASP A 1 140 ? 7.418   7.902   -0.803  1.00 39.22 ? 136 ASP A O   1 
ATOM   945  C CB  . ASP A 1 140 ? 6.944   8.993   -3.796  1.00 39.70 ? 136 ASP A CB  1 
ATOM   946  C CG  . ASP A 1 140 ? 7.690   9.729   -4.908  1.00 41.63 ? 136 ASP A CG  1 
ATOM   947  O OD1 . ASP A 1 140 ? 8.924   9.598   -5.006  1.00 39.55 ? 136 ASP A OD1 1 
ATOM   948  O OD2 . ASP A 1 140 ? 7.010   10.423  -5.707  1.00 47.43 ? 136 ASP A OD2 1 
ATOM   949  N N   . ALA A 1 141 ? 6.061   6.580   -1.992  1.00 37.51 ? 137 ALA A N   1 
ATOM   950  C CA  . ALA A 1 141 ? 5.312   6.060   -0.859  1.00 36.52 ? 137 ALA A CA  1 
ATOM   951  C C   . ALA A 1 141 ? 6.252   5.232   -0.011  1.00 37.08 ? 137 ALA A C   1 
ATOM   952  O O   . ALA A 1 141 ? 6.279   5.392   1.229   1.00 36.92 ? 137 ALA A O   1 
ATOM   953  C CB  . ALA A 1 141 ? 4.148   5.195   -1.352  1.00 37.34 ? 137 ALA A CB  1 
ATOM   954  N N   . SER A 1 142 ? 7.057   4.372   -0.666  1.00 36.19 ? 138 SER A N   1 
ATOM   955  C CA  . SER A 1 142 ? 8.004   3.549   0.063   1.00 35.87 ? 138 SER A CA  1 
ATOM   956  C C   . SER A 1 142 ? 8.949   4.418   0.915   1.00 37.16 ? 138 SER A C   1 
ATOM   957  O O   . SER A 1 142 ? 9.105   4.149   2.122   1.00 37.01 ? 138 SER A O   1 
ATOM   958  C CB  . SER A 1 142 ? 8.802   2.654   -0.859  1.00 35.22 ? 138 SER A CB  1 
ATOM   959  O OG  . SER A 1 142 ? 7.961   1.709   -1.466  1.00 33.79 ? 138 SER A OG  1 
ATOM   960  N N   . PHE A 1 143 ? 9.511   5.480   0.308   1.00 36.82 ? 139 PHE A N   1 
ATOM   961  C CA  . PHE A 1 143 ? 10.478  6.321   0.997   1.00 36.93 ? 139 PHE A CA  1 
ATOM   962  C C   . PHE A 1 143 ? 9.845   7.293   1.984   1.00 37.91 ? 139 PHE A C   1 
ATOM   963  O O   . PHE A 1 143 ? 10.512  7.782   2.883   1.00 39.16 ? 139 PHE A O   1 
ATOM   964  C CB  . PHE A 1 143 ? 11.430  6.995   -0.012  1.00 36.41 ? 139 PHE A CB  1 
ATOM   965  C CG  . PHE A 1 143 ? 12.500  6.044   -0.520  1.00 33.99 ? 139 PHE A CG  1 
ATOM   966  C CD1 . PHE A 1 143 ? 12.237  5.192   -1.594  1.00 29.70 ? 139 PHE A CD1 1 
ATOM   967  C CD2 . PHE A 1 143 ? 13.717  5.911   0.179   1.00 31.44 ? 139 PHE A CD2 1 
ATOM   968  C CE1 . PHE A 1 143 ? 13.185  4.283   -2.028  1.00 29.90 ? 139 PHE A CE1 1 
ATOM   969  C CE2 . PHE A 1 143 ? 14.679  5.000   -0.219  1.00 29.92 ? 139 PHE A CE2 1 
ATOM   970  C CZ  . PHE A 1 143 ? 14.413  4.182   -1.356  1.00 30.80 ? 139 PHE A CZ  1 
ATOM   971  N N   . ALA A 1 144 ? 8.547   7.538   1.857   1.00 37.56 ? 140 ALA A N   1 
ATOM   972  C CA  . ALA A 1 144 ? 7.887   8.401   2.812   1.00 37.19 ? 140 ALA A CA  1 
ATOM   973  C C   . ALA A 1 144 ? 7.298   7.626   3.987   1.00 36.86 ? 140 ALA A C   1 
ATOM   974  O O   . ALA A 1 144 ? 6.841   8.208   4.948   1.00 37.71 ? 140 ALA A O   1 
ATOM   975  C CB  . ALA A 1 144 ? 6.801   9.228   2.121   1.00 37.85 ? 140 ALA A CB  1 
ATOM   976  N N   . LEU A 1 145 ? 7.292   6.307   3.931   1.00 36.94 ? 141 LEU A N   1 
ATOM   977  C CA  . LEU A 1 145 ? 6.778   5.565   5.074   1.00 36.23 ? 141 LEU A CA  1 
ATOM   978  C C   . LEU A 1 145 ? 7.845   5.529   6.191   1.00 37.80 ? 141 LEU A C   1 
ATOM   979  O O   . LEU A 1 145 ? 9.053   5.653   5.888   1.00 37.94 ? 141 LEU A O   1 
ATOM   980  C CB  . LEU A 1 145 ? 6.393   4.171   4.644   1.00 35.01 ? 141 LEU A CB  1 
ATOM   981  C CG  . LEU A 1 145 ? 5.074   3.971   3.879   1.00 33.07 ? 141 LEU A CG  1 
ATOM   982  C CD1 . LEU A 1 145 ? 5.131   2.640   3.150   1.00 28.43 ? 141 LEU A CD1 1 
ATOM   983  C CD2 . LEU A 1 145 ? 3.824   4.015   4.787   1.00 29.55 ? 141 LEU A CD2 1 
ATOM   984  N N   . ARG A 1 146 ? 7.419   5.389   7.456   1.00 37.18 ? 142 ARG A N   1 
ATOM   985  C CA  . ARG A 1 146 ? 8.348   5.033   8.546   1.00 37.88 ? 142 ARG A CA  1 
ATOM   986  C C   . ARG A 1 146 ? 8.500   3.498   8.698   1.00 38.88 ? 142 ARG A C   1 
ATOM   987  O O   . ARG A 1 146 ? 7.611   2.732   8.231   1.00 39.57 ? 142 ARG A O   1 
ATOM   988  C CB  . ARG A 1 146 ? 7.890   5.671   9.834   1.00 37.54 ? 142 ARG A CB  1 
ATOM   989  C CG  . ARG A 1 146 ? 7.711   7.191   9.654   1.00 39.14 ? 142 ARG A CG  1 
ATOM   990  C CD  . ARG A 1 146 ? 6.987   7.767   10.838  1.00 45.61 ? 142 ARG A CD  1 
ATOM   991  N NE  . ARG A 1 146 ? 6.030   6.811   11.411  1.00 48.87 ? 142 ARG A NE  1 
ATOM   992  C CZ  . ARG A 1 146 ? 4.705   6.939   11.322  1.00 51.31 ? 142 ARG A CZ  1 
ATOM   993  N NH1 . ARG A 1 146 ? 4.161   7.978   10.697  1.00 49.54 ? 142 ARG A NH1 1 
ATOM   994  N NH2 . ARG A 1 146 ? 3.912   6.034   11.879  1.00 53.64 ? 142 ARG A NH2 1 
ATOM   995  N N   . THR A 1 147 ? 9.605   3.027   9.310   1.00 37.84 ? 143 THR A N   1 
ATOM   996  C CA  . THR A 1 147 ? 9.845   1.583   9.395   1.00 37.50 ? 143 THR A CA  1 
ATOM   997  C C   . THR A 1 147 ? 8.672   0.975   10.143  1.00 37.24 ? 143 THR A C   1 
ATOM   998  O O   . THR A 1 147 ? 8.274   1.502   11.169  1.00 37.28 ? 143 THR A O   1 
ATOM   999  C CB  . THR A 1 147 ? 11.171  1.255   10.100  1.00 37.40 ? 143 THR A CB  1 
ATOM   1000 O OG1 . THR A 1 147 ? 12.250  1.726   9.294   1.00 40.06 ? 143 THR A OG1 1 
ATOM   1001 C CG2 . THR A 1 147 ? 11.317  -0.214  10.248  1.00 36.56 ? 143 THR A CG2 1 
ATOM   1002 N N   . GLY A 1 148 ? 8.079   -0.082  9.585   1.00 36.79 ? 144 GLY A N   1 
ATOM   1003 C CA  . GLY A 1 148 ? 6.947   -0.750  10.211  1.00 35.77 ? 144 GLY A CA  1 
ATOM   1004 C C   . GLY A 1 148 ? 5.574   -0.181  9.849   1.00 36.12 ? 144 GLY A C   1 
ATOM   1005 O O   . GLY A 1 148 ? 4.540   -0.792  10.182  1.00 37.16 ? 144 GLY A O   1 
ATOM   1006 N N   . GLU A 1 149 ? 5.554   0.951   9.135   1.00 34.74 ? 145 GLU A N   1 
ATOM   1007 C CA  . GLU A 1 149 ? 4.336   1.661   8.780   1.00 33.26 ? 145 GLU A CA  1 
ATOM   1008 C C   . GLU A 1 149 ? 3.733   1.174   7.471   1.00 32.49 ? 145 GLU A C   1 
ATOM   1009 O O   . GLU A 1 149 ? 4.447   0.838   6.546   1.00 33.53 ? 145 GLU A O   1 
ATOM   1010 C CB  . GLU A 1 149 ? 4.605   3.145   8.698   1.00 32.41 ? 145 GLU A CB  1 
ATOM   1011 C CG  . GLU A 1 149 ? 3.382   3.999   8.530   1.00 34.52 ? 145 GLU A CG  1 
ATOM   1012 C CD  . GLU A 1 149 ? 3.693   5.484   8.223   1.00 37.50 ? 145 GLU A CD  1 
ATOM   1013 O OE1 . GLU A 1 149 ? 4.889   5.854   8.094   1.00 38.23 ? 145 GLU A OE1 1 
ATOM   1014 O OE2 . GLU A 1 149 ? 2.721   6.280   8.116   1.00 38.98 ? 145 GLU A OE2 1 
ATOM   1015 N N   . MET A 1 150 ? 2.414   1.151   7.407   1.00 31.24 ? 146 MET A N   1 
ATOM   1016 C CA  . MET A 1 150 ? 1.688   0.706   6.228   1.00 31.06 ? 146 MET A CA  1 
ATOM   1017 C C   . MET A 1 150 ? 1.089   1.901   5.459   1.00 30.81 ? 146 MET A C   1 
ATOM   1018 O O   . MET A 1 150 ? 0.473   2.801   6.083   1.00 30.65 ? 146 MET A O   1 
ATOM   1019 C CB  . MET A 1 150 ? 0.577   -0.242  6.630   1.00 29.51 ? 146 MET A CB  1 
ATOM   1020 C CG  . MET A 1 150 ? 0.071   -1.028  5.458   1.00 34.04 ? 146 MET A CG  1 
ATOM   1021 S SD  . MET A 1 150 ? -1.197  -2.226  5.837   1.00 37.07 ? 146 MET A SD  1 
ATOM   1022 C CE  . MET A 1 150 ? -2.281  -1.246  6.881   1.00 35.11 ? 146 MET A CE  1 
ATOM   1023 N N   . SER A 1 151 ? 1.268   1.909   4.126   1.00 28.64 ? 147 SER A N   1 
ATOM   1024 C CA  . SER A 1 151 ? 0.602   2.877   3.243   1.00 27.45 ? 147 SER A CA  1 
ATOM   1025 C C   . SER A 1 151 ? -0.915  2.666   3.211   1.00 27.74 ? 147 SER A C   1 
ATOM   1026 O O   . SER A 1 151 ? -1.395  1.606   3.603   1.00 27.44 ? 147 SER A O   1 
ATOM   1027 C CB  . SER A 1 151 ? 1.091   2.723   1.817   1.00 26.11 ? 147 SER A CB  1 
ATOM   1028 O OG  . SER A 1 151 ? 0.341   1.652   1.278   1.00 24.74 ? 147 SER A OG  1 
ATOM   1029 N N   . GLY A 1 152 ? -1.662  3.670   2.737   1.00 27.88 ? 148 GLY A N   1 
ATOM   1030 C CA  . GLY A 1 152 ? -3.056  3.456   2.244   1.00 29.24 ? 148 GLY A CA  1 
ATOM   1031 C C   . GLY A 1 152 ? -2.945  2.955   0.806   1.00 29.88 ? 148 GLY A C   1 
ATOM   1032 O O   . GLY A 1 152 ? -1.878  2.496   0.410   1.00 29.73 ? 148 GLY A O   1 
ATOM   1033 N N   . PRO A 1 153 ? -4.036  3.001   0.026   1.00 30.13 ? 149 PRO A N   1 
ATOM   1034 C CA  . PRO A 1 153 ? -3.971  2.572   -1.369  1.00 30.31 ? 149 PRO A CA  1 
ATOM   1035 C C   . PRO A 1 153 ? -3.047  3.482   -2.169  1.00 30.77 ? 149 PRO A C   1 
ATOM   1036 O O   . PRO A 1 153 ? -3.220  4.690   -2.050  1.00 30.62 ? 149 PRO A O   1 
ATOM   1037 C CB  . PRO A 1 153 ? -5.403  2.802   -1.891  1.00 29.96 ? 149 PRO A CB  1 
ATOM   1038 C CG  . PRO A 1 153 ? -6.218  3.148   -0.760  1.00 29.85 ? 149 PRO A CG  1 
ATOM   1039 C CD  . PRO A 1 153 ? -5.303  3.675   0.320   1.00 31.04 ? 149 PRO A CD  1 
ATOM   1040 N N   . VAL A 1 154 ? -2.126  2.904   -2.973  1.00 29.92 ? 150 VAL A N   1 
ATOM   1041 C CA  . VAL A 1 154 ? -1.184  3.617   -3.823  1.00 29.39 ? 150 VAL A CA  1 
ATOM   1042 C C   . VAL A 1 154 ? -1.314  3.026   -5.196  1.00 30.67 ? 150 VAL A C   1 
ATOM   1043 O O   . VAL A 1 154 ? -1.493  1.827   -5.307  1.00 31.11 ? 150 VAL A O   1 
ATOM   1044 C CB  . VAL A 1 154 ? 0.252   3.342   -3.453  1.00 29.86 ? 150 VAL A CB  1 
ATOM   1045 C CG1 . VAL A 1 154 ? 1.217   3.767   -4.604  1.00 26.86 ? 150 VAL A CG1 1 
ATOM   1046 C CG2 . VAL A 1 154 ? 0.579   4.019   -2.201  1.00 27.80 ? 150 VAL A CG2 1 
ATOM   1047 N N   . PHE A 1 155 ? -1.213  3.867   -6.237  1.00 30.50 ? 151 PHE A N   1 
ATOM   1048 C CA  . PHE A 1 155 ? -1.663  3.529   -7.552  1.00 29.54 ? 151 PHE A CA  1 
ATOM   1049 C C   . PHE A 1 155 ? -0.503  3.517   -8.486  1.00 30.53 ? 151 PHE A C   1 
ATOM   1050 O O   . PHE A 1 155 ? 0.314   4.467   -8.500  1.00 30.28 ? 151 PHE A O   1 
ATOM   1051 C CB  . PHE A 1 155 ? -2.642  4.585   -7.992  1.00 29.46 ? 151 PHE A CB  1 
ATOM   1052 C CG  . PHE A 1 155 ? -3.991  4.441   -7.347  1.00 27.72 ? 151 PHE A CG  1 
ATOM   1053 C CD1 . PHE A 1 155 ? -4.203  4.896   -6.043  1.00 22.50 ? 151 PHE A CD1 1 
ATOM   1054 C CD2 . PHE A 1 155 ? -5.037  3.852   -8.029  1.00 23.89 ? 151 PHE A CD2 1 
ATOM   1055 C CE1 . PHE A 1 155 ? -5.460  4.809   -5.444  1.00 21.99 ? 151 PHE A CE1 1 
ATOM   1056 C CE2 . PHE A 1 155 ? -6.320  3.700   -7.402  1.00 22.20 ? 151 PHE A CE2 1 
ATOM   1057 C CZ  . PHE A 1 155 ? -6.518  4.184   -6.105  1.00 18.69 ? 151 PHE A CZ  1 
ATOM   1058 N N   . THR A 1 156 ? -0.376  2.458   -9.270  1.00 30.30 ? 152 THR A N   1 
ATOM   1059 C CA  . THR A 1 156 ? 0.699   2.490   -10.264 1.00 30.95 ? 152 THR A CA  1 
ATOM   1060 C C   . THR A 1 156 ? 0.058   1.863   -11.483 1.00 32.38 ? 152 THR A C   1 
ATOM   1061 O O   . THR A 1 156 ? -1.103  1.444   -11.385 1.00 31.60 ? 152 THR A O   1 
ATOM   1062 C CB  . THR A 1 156 ? 1.948   1.707   -9.836  1.00 31.19 ? 152 THR A CB  1 
ATOM   1063 O OG1 . THR A 1 156 ? 1.643   0.315   -9.768  1.00 31.08 ? 152 THR A OG1 1 
ATOM   1064 C CG2 . THR A 1 156 ? 2.492   2.138   -8.475  1.00 30.58 ? 152 THR A CG2 1 
ATOM   1065 N N   . ASP A 1 157 ? 0.759   1.787   -12.618 1.00 32.57 ? 153 ASP A N   1 
ATOM   1066 C CA  . ASP A 1 157 ? 0.120   1.185   -13.761 1.00 34.31 ? 153 ASP A CA  1 
ATOM   1067 C C   . ASP A 1 157 ? -0.112  -0.265  -13.551 1.00 34.48 ? 153 ASP A C   1 
ATOM   1068 O O   . ASP A 1 157 ? -0.731  -0.887  -14.378 1.00 36.18 ? 153 ASP A O   1 
ATOM   1069 C CB  . ASP A 1 157 ? 0.939   1.385   -15.038 1.00 35.25 ? 153 ASP A CB  1 
ATOM   1070 C CG  . ASP A 1 157 ? 0.833   2.809   -15.540 1.00 39.90 ? 153 ASP A CG  1 
ATOM   1071 O OD1 . ASP A 1 157 ? -0.297  3.333   -15.536 1.00 44.71 ? 153 ASP A OD1 1 
ATOM   1072 O OD2 . ASP A 1 157 ? 1.856   3.441   -15.882 1.00 45.63 ? 153 ASP A OD2 1 
ATOM   1073 N N   . SER A 1 158 ? 0.410   -0.840  -12.469 1.00 34.74 ? 154 SER A N   1 
ATOM   1074 C CA  . SER A 1 158 ? 0.254   -2.283  -12.256 1.00 33.91 ? 154 SER A CA  1 
ATOM   1075 C C   . SER A 1 158 ? -1.032  -2.630  -11.559 1.00 32.70 ? 154 SER A C   1 
ATOM   1076 O O   . SER A 1 158 ? -1.468  -3.752  -11.672 1.00 32.93 ? 154 SER A O   1 
ATOM   1077 C CB  . SER A 1 158 ? 1.458   -2.874  -11.498 1.00 34.31 ? 154 SER A CB  1 
ATOM   1078 O OG  . SER A 1 158 ? 2.621   -2.082  -11.756 1.00 36.69 ? 154 SER A OG  1 
ATOM   1079 N N   . GLY A 1 159 ? -1.657  -1.677  -10.854 1.00 31.83 ? 155 GLY A N   1 
ATOM   1080 C CA  . GLY A 1 159 ? -2.825  -2.016  -9.999  1.00 30.41 ? 155 GLY A CA  1 
ATOM   1081 C C   . GLY A 1 159 ? -2.896  -1.083  -8.793  1.00 29.80 ? 155 GLY A C   1 
ATOM   1082 O O   . GLY A 1 159 ? -2.447  0.050   -8.871  1.00 29.73 ? 155 GLY A O   1 
ATOM   1083 N N   . ILE A 1 160 ? -3.452  -1.519  -7.672  1.00 29.46 ? 156 ILE A N   1 
ATOM   1084 C CA  . ILE A 1 160 ? -3.410  -0.638  -6.489  1.00 29.34 ? 156 ILE A CA  1 
ATOM   1085 C C   . ILE A 1 160 ? -2.702  -1.402  -5.391  1.00 29.18 ? 156 ILE A C   1 
ATOM   1086 O O   . ILE A 1 160 ? -3.134  -2.469  -5.047  1.00 29.96 ? 156 ILE A O   1 
ATOM   1087 C CB  . ILE A 1 160 ? -4.811  -0.240  -5.967  1.00 28.94 ? 156 ILE A CB  1 
ATOM   1088 C CG1 . ILE A 1 160 ? -5.707  0.362   -7.052  1.00 28.04 ? 156 ILE A CG1 1 
ATOM   1089 C CG2 . ILE A 1 160 ? -4.702  0.698   -4.797  1.00 28.65 ? 156 ILE A CG2 1 
ATOM   1090 C CD1 . ILE A 1 160 ? -7.245  0.271   -6.640  1.00 30.24 ? 156 ILE A CD1 1 
ATOM   1091 N N   . HIS A 1 161 ? -1.650  -0.837  -4.834  1.00 28.71 ? 157 HIS A N   1 
ATOM   1092 C CA  . HIS A 1 161 ? -0.842  -1.471  -3.798  1.00 27.47 ? 157 HIS A CA  1 
ATOM   1093 C C   . HIS A 1 161 ? -1.237  -1.075  -2.378  1.00 27.54 ? 157 HIS A C   1 
ATOM   1094 O O   . HIS A 1 161 ? -1.795  0.001   -2.134  1.00 27.99 ? 157 HIS A O   1 
ATOM   1095 C CB  . HIS A 1 161 ? 0.618   -1.054  -3.993  1.00 27.60 ? 157 HIS A CB  1 
ATOM   1096 C CG  . HIS A 1 161 ? 1.108   -1.205  -5.382  1.00 26.27 ? 157 HIS A CG  1 
ATOM   1097 N ND1 . HIS A 1 161 ? 1.970   -2.209  -5.749  1.00 29.00 ? 157 HIS A ND1 1 
ATOM   1098 C CD2 . HIS A 1 161 ? 0.888   -0.471  -6.501  1.00 26.51 ? 157 HIS A CD2 1 
ATOM   1099 C CE1 . HIS A 1 161 ? 2.255   -2.109  -7.036  1.00 22.20 ? 157 HIS A CE1 1 
ATOM   1100 N NE2 . HIS A 1 161 ? 1.590   -1.080  -7.523  1.00 26.60 ? 157 HIS A NE2 1 
ATOM   1101 N N   . ILE A 1 162 ? -0.941  -1.965  -1.438  1.00 27.17 ? 158 ILE A N   1 
ATOM   1102 C CA  . ILE A 1 162 ? -0.829  -1.610  -0.044  1.00 28.18 ? 158 ILE A CA  1 
ATOM   1103 C C   . ILE A 1 162 ? 0.615   -1.943  0.249   1.00 28.06 ? 158 ILE A C   1 
ATOM   1104 O O   . ILE A 1 162 ? 0.988   -3.090  0.083   1.00 30.19 ? 158 ILE A O   1 
ATOM   1105 C CB  . ILE A 1 162 ? -1.622  -2.529  0.860   1.00 27.38 ? 158 ILE A CB  1 
ATOM   1106 C CG1 . ILE A 1 162 ? -3.093  -2.341  0.713   1.00 29.12 ? 158 ILE A CG1 1 
ATOM   1107 C CG2 . ILE A 1 162 ? -1.440  -2.108  2.221   1.00 27.58 ? 158 ILE A CG2 1 
ATOM   1108 C CD1 . ILE A 1 162 ? -3.865  -3.456  1.384   1.00 24.01 ? 158 ILE A CD1 1 
ATOM   1109 N N   . ILE A 1 163 ? 1.399   -0.991  0.732   1.00 26.96 ? 159 ILE A N   1 
ATOM   1110 C CA  . ILE A 1 163 ? 2.827   -1.171  0.908   1.00 26.35 ? 159 ILE A CA  1 
ATOM   1111 C C   . ILE A 1 163 ? 3.200   -1.194  2.427   1.00 27.49 ? 159 ILE A C   1 
ATOM   1112 O O   . ILE A 1 163 ? 2.731   -0.354  3.245   1.00 26.22 ? 159 ILE A O   1 
ATOM   1113 C CB  . ILE A 1 163 ? 3.569   0.008   0.250   1.00 25.56 ? 159 ILE A CB  1 
ATOM   1114 C CG1 . ILE A 1 163 ? 3.317   0.023   -1.257  1.00 26.13 ? 159 ILE A CG1 1 
ATOM   1115 C CG2 . ILE A 1 163 ? 5.002   -0.071  0.526   1.00 23.16 ? 159 ILE A CG2 1 
ATOM   1116 C CD1 . ILE A 1 163 ? 3.590   1.377   -1.983  1.00 21.40 ? 159 ILE A CD1 1 
ATOM   1117 N N   . LEU A 1 164 ? 4.035   -2.145  2.824   1.00 26.48 ? 160 LEU A N   1 
ATOM   1118 C CA  . LEU A 1 164 ? 4.399   -2.147  4.225   1.00 27.97 ? 160 LEU A CA  1 
ATOM   1119 C C   . LEU A 1 164 ? 5.894   -2.054  4.259   1.00 29.06 ? 160 LEU A C   1 
ATOM   1120 O O   . LEU A 1 164 ? 6.545   -2.914  3.707   1.00 29.64 ? 160 LEU A O   1 
ATOM   1121 C CB  . LEU A 1 164 ? 3.891   -3.407  4.954   1.00 25.89 ? 160 LEU A CB  1 
ATOM   1122 C CG  . LEU A 1 164 ? 4.509   -3.639  6.322   1.00 23.93 ? 160 LEU A CG  1 
ATOM   1123 C CD1 . LEU A 1 164 ? 3.768   -2.970  7.506   1.00 19.05 ? 160 LEU A CD1 1 
ATOM   1124 C CD2 . LEU A 1 164 ? 4.637   -5.097  6.565   1.00 22.45 ? 160 LEU A CD2 1 
ATOM   1125 N N   . ARG A 1 165 ? 6.420   -0.980  4.859   1.00 30.74 ? 161 ARG A N   1 
ATOM   1126 C CA  . ARG A 1 165 ? 7.873   -0.756  4.932   1.00 31.29 ? 161 ARG A CA  1 
ATOM   1127 C C   . ARG A 1 165 ? 8.407   -1.544  6.095   1.00 32.15 ? 161 ARG A C   1 
ATOM   1128 O O   . ARG A 1 165 ? 8.040   -1.277  7.260   1.00 32.20 ? 161 ARG A O   1 
ATOM   1129 C CB  . ARG A 1 165 ? 8.252   0.725   5.148   1.00 30.78 ? 161 ARG A CB  1 
ATOM   1130 C CG  . ARG A 1 165 ? 9.767   0.873   5.504   1.00 31.50 ? 161 ARG A CG  1 
ATOM   1131 C CD  . ARG A 1 165 ? 10.284  2.299   5.483   1.00 35.79 ? 161 ARG A CD  1 
ATOM   1132 N NE  . ARG A 1 165 ? 11.716  2.392   5.808   1.00 40.50 ? 161 ARG A NE  1 
ATOM   1133 C CZ  . ARG A 1 165 ? 12.326  3.491   6.305   1.00 44.64 ? 161 ARG A CZ  1 
ATOM   1134 N NH1 . ARG A 1 165 ? 11.653  4.608   6.551   1.00 43.52 ? 161 ARG A NH1 1 
ATOM   1135 N NH2 . ARG A 1 165 ? 13.630  3.490   6.567   1.00 46.74 ? 161 ARG A NH2 1 
ATOM   1136 N N   . THR A 1 166 ? 9.280   -2.500  5.812   1.00 33.27 ? 162 THR A N   1 
ATOM   1137 C CA  . THR A 1 166 ? 9.794   -3.337  6.881   1.00 34.59 ? 162 THR A CA  1 
ATOM   1138 C C   . THR A 1 166 ? 11.157  -2.883  7.429   1.00 36.73 ? 162 THR A C   1 
ATOM   1139 O O   . THR A 1 166 ? 11.442  -3.138  8.630   1.00 36.06 ? 162 THR A O   1 
ATOM   1140 C CB  . THR A 1 166 ? 9.806   -4.764  6.482   1.00 35.08 ? 162 THR A CB  1 
ATOM   1141 O OG1 . THR A 1 166 ? 10.373  -4.851  5.182   1.00 35.35 ? 162 THR A OG1 1 
ATOM   1142 C CG2 . THR A 1 166 ? 8.313   -5.316  6.420   1.00 35.88 ? 162 THR A CG2 1 
ATOM   1143 N N   . GLU A 1 167 ? 11.948  -2.162  6.607   1.00 37.74 ? 163 GLU A N   1 
ATOM   1144 C CA  . GLU A 1 167 ? 13.295  -1.690  6.994   1.00 40.18 ? 163 GLU A CA  1 
ATOM   1145 C C   . GLU A 1 167 ? 13.614  -0.467  6.189   1.00 40.97 ? 163 GLU A C   1 
ATOM   1146 O O   . GLU A 1 167 ? 13.081  -0.275  5.106   1.00 41.63 ? 163 GLU A O   1 
ATOM   1147 C CB  . GLU A 1 167 ? 14.388  -2.745  6.679   1.00 41.19 ? 163 GLU A CB  1 
ATOM   1148 C CG  . GLU A 1 167 ? 14.096  -4.158  7.283   1.00 43.30 ? 163 GLU A CG  1 
ATOM   1149 C CD  . GLU A 1 167 ? 14.915  -5.326  6.685   1.00 46.69 ? 163 GLU A CD  1 
ATOM   1150 O OE1 . GLU A 1 167 ? 15.853  -5.107  5.862   1.00 45.65 ? 163 GLU A OE1 1 
ATOM   1151 O OE2 . GLU A 1 167 ? 14.601  -6.480  7.069   1.00 46.97 ? 163 GLU A OE2 1 
ATOM   1152 O OXT . GLU A 1 167 ? 14.450  0.351   6.555   1.00 42.44 ? 163 GLU A OXT 1 
HETATM 1153 C C1  . 4D9 B 2 .   ? 5.156   -1.928  -9.200  0.80 59.24 ? 164 4D9 A C1  1 
HETATM 1154 C C2  . 4D9 B 2 .   ? 6.032   -1.246  -8.365  0.80 58.52 ? 164 4D9 A C2  1 
HETATM 1155 C C3  . 4D9 B 2 .   ? 6.788   -1.955  -7.427  0.80 60.95 ? 164 4D9 A C3  1 
HETATM 1156 C C4  . 4D9 B 2 .   ? 6.725   -3.345  -7.285  0.80 60.58 ? 164 4D9 A C4  1 
HETATM 1157 N N5  . 4D9 B 2 .   ? 4.322   -4.229  -9.746  0.80 59.59 ? 164 4D9 A N5  1 
HETATM 1158 C C6  . 4D9 B 2 .   ? 5.048   -3.311  -9.106  0.80 59.97 ? 164 4D9 A C6  1 
HETATM 1159 C C7  . 4D9 B 2 .   ? 5.866   -4.040  -8.112  0.80 60.62 ? 164 4D9 A C7  1 
HETATM 1160 N N8  . 4D9 B 2 .   ? 5.547   -5.323  -8.253  0.80 61.31 ? 164 4D9 A N8  1 
HETATM 1161 C C9  . 4D9 B 2 .   ? 4.619   -5.437  -9.240  0.80 61.46 ? 164 4D9 A C9  1 
HETATM 1162 C C10 . 4D9 B 2 .   ? 4.025   -6.753  -9.700  0.80 63.28 ? 164 4D9 A C10 1 
HETATM 1163 C C11 . 4D9 B 2 .   ? 4.627   -7.309  -11.008 0.80 64.93 ? 164 4D9 A C11 1 
HETATM 1164 C C12 . 4D9 B 2 .   ? 3.966   -8.638  -11.311 0.80 66.49 ? 164 4D9 A C12 1 
HETATM 1165 N N13 . 4D9 B 2 .   ? 6.084   -7.441  -11.119 0.80 65.82 ? 164 4D9 A N13 1 
HETATM 1166 O O14 . 4D9 B 2 .   ? 4.366   -9.690  -10.730 0.80 65.30 ? 164 4D9 A O14 1 
HETATM 1167 O O15 . 4D9 B 2 .   ? 3.018   -8.633  -12.143 0.80 66.72 ? 164 4D9 A O15 1 
HETATM 1168 C C16 . 4D9 B 2 .   ? 7.069   -6.964  -10.331 0.80 67.25 ? 164 4D9 A C16 1 
HETATM 1169 C C17 . 4D9 B 2 .   ? 7.777   -7.931  -9.429  0.80 67.72 ? 164 4D9 A C17 1 
HETATM 1170 O O18 . 4D9 B 2 .   ? 7.414   -5.789  -10.340 0.80 67.59 ? 164 4D9 A O18 1 
HETATM 1171 C C19 . 4D9 B 2 .   ? 7.541   -9.309  -9.243  0.80 67.73 ? 164 4D9 A C19 1 
HETATM 1172 S S20 . 4D9 B 2 .   ? 9.094   -7.295  -8.431  0.80 68.51 ? 164 4D9 A S20 1 
HETATM 1173 C C21 . 4D9 B 2 .   ? 9.405   -8.806  -7.726  0.80 68.85 ? 164 4D9 A C21 1 
HETATM 1174 C C22 . 4D9 B 2 .   ? 8.470   -9.837  -8.269  0.80 68.33 ? 164 4D9 A C22 1 
HETATM 1175 C C23 . 4D9 B 2 .   ? 8.557   -11.157 -7.810  0.80 68.86 ? 164 4D9 A C23 1 
HETATM 1176 C C24 . 4D9 B 2 .   ? 9.526   -11.457 -6.846  0.80 69.82 ? 164 4D9 A C24 1 
HETATM 1177 C C25 . 4D9 B 2 .   ? 10.411  -10.472 -6.341  0.80 70.54 ? 164 4D9 A C25 1 
HETATM 1178 C C26 . 4D9 B 2 .   ? 10.375  -9.135  -6.773  0.80 69.12 ? 164 4D9 A C26 1 
HETATM 1179 O O   . HOH C 3 .   ? -2.247  11.200  -2.558  1.00 37.44 ? 165 HOH A O   1 
HETATM 1180 O O   . HOH C 3 .   ? 2.494   -9.286  -3.149  1.00 20.91 ? 166 HOH A O   1 
HETATM 1181 O O   . HOH C 3 .   ? -1.444  6.698   -5.511  1.00 37.75 ? 167 HOH A O   1 
HETATM 1182 O O   . HOH C 3 .   ? 3.441   3.687   -12.578 1.00 42.52 ? 168 HOH A O   1 
HETATM 1183 O O   . HOH C 3 .   ? 8.064   -15.509 4.118   1.00 42.31 ? 169 HOH A O   1 
HETATM 1184 O O   . HOH C 3 .   ? -11.019 -6.645  1.014   1.00 36.95 ? 170 HOH A O   1 
HETATM 1185 O O   . HOH C 3 .   ? 4.463   -0.234  -10.924 1.00 38.35 ? 171 HOH A O   1 
HETATM 1186 O O   . HOH C 3 .   ? 9.933   -6.619  3.400   1.00 24.03 ? 172 HOH A O   1 
HETATM 1187 O O   . HOH C 3 .   ? -0.867  3.610   8.275   1.00 36.35 ? 173 HOH A O   1 
HETATM 1188 O O   . HOH C 3 .   ? 17.526  6.221   -2.448  1.00 48.30 ? 174 HOH A O   1 
HETATM 1189 O O   . HOH C 3 .   ? 2.727   7.801   5.487   1.00 37.73 ? 175 HOH A O   1 
HETATM 1190 O O   . HOH C 3 .   ? -0.270  -5.449  -14.095 1.00 46.49 ? 176 HOH A O   1 
HETATM 1191 O O   . HOH C 3 .   ? -14.746 -5.644  -5.144  1.00 34.96 ? 177 HOH A O   1 
HETATM 1192 O O   . HOH C 3 .   ? -6.097  -9.687  -5.838  1.00 41.60 ? 178 HOH A O   1 
HETATM 1193 O O   . HOH C 3 .   ? 2.391   6.013   -16.015 1.00 54.11 ? 179 HOH A O   1 
HETATM 1194 O O   . HOH C 3 .   ? -10.759 -11.347 -0.757  1.00 36.61 ? 180 HOH A O   1 
HETATM 1195 O O   . HOH C 3 .   ? 7.495   10.764  5.682   1.00 54.49 ? 181 HOH A O   1 
HETATM 1196 O O   . HOH C 3 .   ? -0.093  4.925   -13.600 1.00 48.60 ? 182 HOH A O   1 
HETATM 1197 O O   . HOH C 3 .   ? 11.497  5.196   10.427  1.00 34.49 ? 183 HOH A O   1 
HETATM 1198 O O   . HOH C 3 .   ? -3.148  3.421   11.175  1.00 46.59 ? 184 HOH A O   1 
HETATM 1199 O O   . HOH C 3 .   ? -10.747 -0.335  -14.653 1.00 51.67 ? 185 HOH A O   1 
HETATM 1200 O O   . HOH C 3 .   ? 6.388   -9.645  4.094   1.00 30.99 ? 186 HOH A O   1 
HETATM 1201 O O   . HOH C 3 .   ? 12.679  2.762   -6.834  1.00 48.59 ? 187 HOH A O   1 
HETATM 1202 O O   . HOH C 3 .   ? -12.531 -9.002  -7.932  1.00 36.23 ? 188 HOH A O   1 
HETATM 1203 O O   . HOH C 3 .   ? 3.157   8.234   -4.019  1.00 33.59 ? 189 HOH A O   1 
HETATM 1204 O O   . HOH C 3 .   ? 7.049   12.611  -4.066  1.00 46.91 ? 190 HOH A O   1 
HETATM 1205 O O   . HOH C 3 .   ? 1.080   2.411   -18.477 1.00 44.72 ? 191 HOH A O   1 
HETATM 1206 O O   . HOH C 3 .   ? 11.137  3.473   -13.523 1.00 37.73 ? 192 HOH A O   1 
HETATM 1207 O O   . HOH C 3 .   ? 4.618   5.376   -16.721 1.00 61.25 ? 193 HOH A O   1 
HETATM 1208 O O   . HOH C 3 .   ? 1.259   1.650   9.990   1.00 47.99 ? 194 HOH A O   1 
HETATM 1209 O O   . HOH C 3 .   ? -11.049 -10.149 -11.945 1.00 44.48 ? 195 HOH A O   1 
HETATM 1210 O O   . HOH C 3 .   ? -8.097  -14.014 -8.343  1.00 49.34 ? 196 HOH A O   1 
HETATM 1211 O O   . HOH C 3 .   ? -17.346 -0.638  -10.874 1.00 48.10 ? 197 HOH A O   1 
HETATM 1212 O O   . HOH C 3 .   ? -7.603  8.432   11.057  1.00 48.03 ? 198 HOH A O   1 
HETATM 1213 O O   . HOH C 3 .   ? 2.040   19.432  3.978   1.00 56.78 ? 199 HOH A O   1 
HETATM 1214 O O   . HOH C 3 .   ? 1.435   -16.926 4.909   1.00 46.05 ? 200 HOH A O   1 
HETATM 1215 O O   . HOH C 3 .   ? 12.144  -13.390 -6.749  1.00 38.44 ? 201 HOH A O   1 
HETATM 1216 O O   . HOH C 3 .   ? -10.188 -12.395 13.722  1.00 47.54 ? 202 HOH A O   1 
HETATM 1217 O O   . HOH C 3 .   ? -9.386  6.764   -7.809  1.00 48.13 ? 203 HOH A O   1 
HETATM 1218 O O   . HOH C 3 .   ? 8.645   13.540  12.462  1.00 57.75 ? 204 HOH A O   1 
HETATM 1219 O O   . HOH C 3 .   ? 0.258   -3.287  9.206   1.00 37.81 ? 205 HOH A O   1 
HETATM 1220 O O   . HOH C 3 .   ? 0.396   5.604   9.097   1.00 33.48 ? 206 HOH A O   1 
HETATM 1221 O O   . HOH C 3 .   ? 0.807   8.431   -5.204  1.00 30.38 ? 207 HOH A O   1 
HETATM 1222 O O   . HOH C 3 .   ? 4.776   7.059   -18.374 1.00 39.46 ? 208 HOH A O   1 
HETATM 1223 O O   . HOH C 3 .   ? -10.510 4.929   6.781   1.00 39.38 ? 209 HOH A O   1 
HETATM 1224 O O   . HOH C 3 .   ? 12.176  -10.064 -3.682  1.00 55.78 ? 210 HOH A O   1 
HETATM 1225 O O   . HOH C 3 .   ? 5.022   8.191   6.719   1.00 43.64 ? 211 HOH A O   1 
HETATM 1226 O O   . HOH C 3 .   ? 11.862  8.259   7.751   1.00 40.94 ? 212 HOH A O   1 
# 
loop_
_pdbx_poly_seq_scheme.asym_id 
_pdbx_poly_seq_scheme.entity_id 
_pdbx_poly_seq_scheme.seq_id 
_pdbx_poly_seq_scheme.mon_id 
_pdbx_poly_seq_scheme.ndb_seq_num 
_pdbx_poly_seq_scheme.pdb_seq_num 
_pdbx_poly_seq_scheme.auth_seq_num 
_pdbx_poly_seq_scheme.pdb_mon_id 
_pdbx_poly_seq_scheme.auth_mon_id 
_pdbx_poly_seq_scheme.pdb_strand_id 
_pdbx_poly_seq_scheme.pdb_ins_code 
_pdbx_poly_seq_scheme.hetero 
A 1 1   GLY 1   -3  ?   ?   ?   A . n 
A 1 2   SER 2   -2  ?   ?   ?   A . n 
A 1 3   HIS 3   -1  ?   ?   ?   A . n 
A 1 4   GLY 4   0   ?   ?   ?   A . n 
A 1 5   MET 5   1   ?   ?   ?   A . n 
A 1 6   ALA 6   2   ?   ?   ?   A . n 
A 1 7   ASP 7   3   ?   ?   ?   A . n 
A 1 8   GLU 8   4   ?   ?   ?   A . n 
A 1 9   GLU 9   5   ?   ?   ?   A . n 
A 1 10  LYS 10  6   ?   ?   ?   A . n 
A 1 11  LEU 11  7   7   LEU LEU A . n 
A 1 12  PRO 12  8   8   PRO PRO A . n 
A 1 13  PRO 13  9   9   PRO PRO A . n 
A 1 14  GLY 14  10  10  GLY GLY A . n 
A 1 15  TRP 15  11  11  TRP TRP A . n 
A 1 16  GLU 16  12  12  GLU GLU A . n 
A 1 17  LYS 17  13  13  LYS LYS A . n 
A 1 18  ALA 18  14  14  ALA ALA A . n 
A 1 19  MET 19  15  15  MET MET A . n 
A 1 20  SER 20  16  16  SER SER A . n 
A 1 21  ARG 21  17  17  ARG ARG A . n 
A 1 22  SER 22  18  18  SER SER A . n 
A 1 23  SER 23  19  19  SER SER A . n 
A 1 24  GLY 24  20  20  GLY GLY A . n 
A 1 25  ARG 25  21  21  ARG ARG A . n 
A 1 26  VAL 26  22  22  VAL VAL A . n 
A 1 27  TYR 27  23  23  TYR TYR A . n 
A 1 28  TYR 28  24  24  TYR TYR A . n 
A 1 29  PHE 29  25  25  PHE PHE A . n 
A 1 30  ASN 30  26  26  ASN ASN A . n 
A 1 31  HIS 31  27  27  HIS HIS A . n 
A 1 32  ILE 32  28  28  ILE ILE A . n 
A 1 33  THR 33  29  29  THR THR A . n 
A 1 34  ASN 34  30  30  ASN ASN A . n 
A 1 35  ALA 35  31  31  ALA ALA A . n 
A 1 36  SER 36  32  32  SER SER A . n 
A 1 37  GLN 37  33  33  GLN GLN A . n 
A 1 38  TRP 38  34  34  TRP TRP A . n 
A 1 39  GLU 39  35  35  GLU GLU A . n 
A 1 40  ARG 40  36  36  ARG ARG A . n 
A 1 41  PRO 41  37  37  PRO PRO A . n 
A 1 42  SER 42  38  38  SER SER A . n 
A 1 43  GLY 43  39  ?   ?   ?   A . n 
A 1 44  ASN 44  40  ?   ?   ?   A . n 
A 1 45  SER 45  41  ?   ?   ?   A . n 
A 1 46  SER 46  42  ?   ?   ?   A . n 
A 1 47  SER 47  43  ?   ?   ?   A . n 
A 1 48  GLY 48  44  ?   ?   ?   A . n 
A 1 49  GLY 49  45  ?   ?   ?   A . n 
A 1 50  LYS 50  46  ?   ?   ?   A . n 
A 1 51  ASN 51  47  ?   ?   ?   A . n 
A 1 52  GLY 52  48  ?   ?   ?   A . n 
A 1 53  GLN 53  49  ?   ?   ?   A . n 
A 1 54  GLY 54  50  ?   ?   ?   A . n 
A 1 55  GLU 55  51  51  GLU GLU A . n 
A 1 56  PRO 56  52  52  PRO PRO A . n 
A 1 57  ALA 57  53  53  ALA ALA A . n 
A 1 58  ARG 58  54  54  ARG ARG A . n 
A 1 59  VAL 59  55  55  VAL VAL A . n 
A 1 60  ARG 60  56  56  ARG ARG A . n 
A 1 61  CYS 61  57  57  CYS CYS A . n 
A 1 62  SER 62  58  58  SER SER A . n 
A 1 63  HIS 63  59  59  HIS HIS A . n 
A 1 64  LEU 64  60  60  LEU LEU A . n 
A 1 65  LEU 65  61  61  LEU LEU A . n 
A 1 66  VAL 66  62  62  VAL VAL A . n 
A 1 67  LYS 67  63  63  LYS LYS A . n 
A 1 68  HIS 68  64  64  HIS HIS A . n 
A 1 69  SER 69  65  65  SER SER A . n 
A 1 70  GLN 70  66  66  GLN GLN A . n 
A 1 71  SER 71  67  67  SER SER A . n 
A 1 72  ARG 72  68  68  ARG ARG A . n 
A 1 73  ARG 73  69  69  ARG ARG A . n 
A 1 74  PRO 74  70  70  PRO PRO A . n 
A 1 75  SER 75  71  71  SER SER A . n 
A 1 76  SER 76  72  72  SER SER A . n 
A 1 77  TRP 77  73  73  TRP TRP A . n 
A 1 78  ARG 78  74  74  ARG ARG A . n 
A 1 79  GLN 79  75  75  GLN GLN A . n 
A 1 80  GLU 80  76  76  GLU GLU A . n 
A 1 81  LYS 81  77  77  LYS LYS A . n 
A 1 82  ILE 82  78  78  ILE ILE A . n 
A 1 83  THR 83  79  79  THR THR A . n 
A 1 84  ARG 84  80  80  ARG ARG A . n 
A 1 85  THR 85  81  81  THR THR A . n 
A 1 86  LYS 86  82  82  LYS LYS A . n 
A 1 87  GLU 87  83  83  GLU GLU A . n 
A 1 88  GLU 88  84  84  GLU GLU A . n 
A 1 89  ALA 89  85  85  ALA ALA A . n 
A 1 90  LEU 90  86  86  LEU LEU A . n 
A 1 91  GLU 91  87  87  GLU GLU A . n 
A 1 92  LEU 92  88  88  LEU LEU A . n 
A 1 93  ILE 93  89  89  ILE ILE A . n 
A 1 94  ASN 94  90  90  ASN ASN A . n 
A 1 95  GLY 95  91  91  GLY GLY A . n 
A 1 96  TYR 96  92  92  TYR TYR A . n 
A 1 97  ILE 97  93  93  ILE ILE A . n 
A 1 98  GLN 98  94  94  GLN GLN A . n 
A 1 99  LYS 99  95  95  LYS LYS A . n 
A 1 100 ILE 100 96  96  ILE ILE A . n 
A 1 101 LYS 101 97  97  LYS LYS A . n 
A 1 102 SER 102 98  98  SER SER A . n 
A 1 103 GLY 103 99  99  GLY GLY A . n 
A 1 104 GLU 104 100 100 GLU GLU A . n 
A 1 105 GLU 105 101 101 GLU GLU A . n 
A 1 106 ASP 106 102 102 ASP ASP A . n 
A 1 107 PHE 107 103 103 PHE PHE A . n 
A 1 108 GLU 108 104 104 GLU GLU A . n 
A 1 109 SER 109 105 105 SER SER A . n 
A 1 110 LEU 110 106 106 LEU LEU A . n 
A 1 111 ALA 111 107 107 ALA ALA A . n 
A 1 112 SER 112 108 108 SER SER A . n 
A 1 113 GLN 113 109 109 GLN GLN A . n 
A 1 114 PHE 114 110 110 PHE PHE A . n 
A 1 115 SER 115 111 111 SER SER A . n 
A 1 116 ASP 116 112 112 ASP ASP A . n 
A 1 117 CYS 117 113 113 CYS CYS A . n 
A 1 118 SER 118 114 114 SER SER A . n 
A 1 119 SER 119 115 115 SER SER A . n 
A 1 120 ALA 120 116 116 ALA ALA A . n 
A 1 121 LYS 121 117 117 LYS LYS A . n 
A 1 122 ALA 122 118 118 ALA ALA A . n 
A 1 123 ARG 123 119 119 ARG ARG A . n 
A 1 124 GLY 124 120 120 GLY GLY A . n 
A 1 125 ASP 125 121 121 ASP ASP A . n 
A 1 126 LEU 126 122 122 LEU LEU A . n 
A 1 127 GLY 127 123 123 GLY GLY A . n 
A 1 128 ALA 128 124 124 ALA ALA A . n 
A 1 129 PHE 129 125 125 PHE PHE A . n 
A 1 130 SER 130 126 126 SER SER A . n 
A 1 131 ARG 131 127 127 ARG ARG A . n 
A 1 132 GLY 132 128 128 GLY GLY A . n 
A 1 133 GLN 133 129 129 GLN GLN A . n 
A 1 134 MET 134 130 130 MET MET A . n 
A 1 135 ALA 135 131 131 ALA ALA A . n 
A 1 136 LYS 136 132 132 LYS LYS A . n 
A 1 137 PRO 137 133 133 PRO PRO A . n 
A 1 138 PHE 138 134 134 PHE PHE A . n 
A 1 139 GLU 139 135 135 GLU GLU A . n 
A 1 140 ASP 140 136 136 ASP ASP A . n 
A 1 141 ALA 141 137 137 ALA ALA A . n 
A 1 142 SER 142 138 138 SER SER A . n 
A 1 143 PHE 143 139 139 PHE PHE A . n 
A 1 144 ALA 144 140 140 ALA ALA A . n 
A 1 145 LEU 145 141 141 LEU LEU A . n 
A 1 146 ARG 146 142 142 ARG ARG A . n 
A 1 147 THR 147 143 143 THR THR A . n 
A 1 148 GLY 148 144 144 GLY GLY A . n 
A 1 149 GLU 149 145 145 GLU GLU A . n 
A 1 150 MET 150 146 146 MET MET A . n 
A 1 151 SER 151 147 147 SER SER A . n 
A 1 152 GLY 152 148 148 GLY GLY A . n 
A 1 153 PRO 153 149 149 PRO PRO A . n 
A 1 154 VAL 154 150 150 VAL VAL A . n 
A 1 155 PHE 155 151 151 PHE PHE A . n 
A 1 156 THR 156 152 152 THR THR A . n 
A 1 157 ASP 157 153 153 ASP ASP A . n 
A 1 158 SER 158 154 154 SER SER A . n 
A 1 159 GLY 159 155 155 GLY GLY A . n 
A 1 160 ILE 160 156 156 ILE ILE A . n 
A 1 161 HIS 161 157 157 HIS HIS A . n 
A 1 162 ILE 162 158 158 ILE ILE A . n 
A 1 163 ILE 163 159 159 ILE ILE A . n 
A 1 164 LEU 164 160 160 LEU LEU A . n 
A 1 165 ARG 165 161 161 ARG ARG A . n 
A 1 166 THR 166 162 162 THR THR A . n 
A 1 167 GLU 167 163 163 GLU GLU A . n 
# 
loop_
_pdbx_nonpoly_scheme.asym_id 
_pdbx_nonpoly_scheme.entity_id 
_pdbx_nonpoly_scheme.mon_id 
_pdbx_nonpoly_scheme.ndb_seq_num 
_pdbx_nonpoly_scheme.pdb_seq_num 
_pdbx_nonpoly_scheme.auth_seq_num 
_pdbx_nonpoly_scheme.pdb_mon_id 
_pdbx_nonpoly_scheme.auth_mon_id 
_pdbx_nonpoly_scheme.pdb_strand_id 
_pdbx_nonpoly_scheme.pdb_ins_code 
B 2 4D9 1  164 1  4D9 4D9 A . 
C 3 HOH 1  165 1  HOH HOH A . 
C 3 HOH 2  166 2  HOH HOH A . 
C 3 HOH 3  167 3  HOH HOH A . 
C 3 HOH 4  168 4  HOH HOH A . 
C 3 HOH 5  169 5  HOH HOH A . 
C 3 HOH 6  170 6  HOH HOH A . 
C 3 HOH 7  171 8  HOH HOH A . 
C 3 HOH 8  172 11 HOH HOH A . 
C 3 HOH 9  173 12 HOH HOH A . 
C 3 HOH 10 174 14 HOH HOH A . 
C 3 HOH 11 175 15 HOH HOH A . 
C 3 HOH 12 176 16 HOH HOH A . 
C 3 HOH 13 177 17 HOH HOH A . 
C 3 HOH 14 178 18 HOH HOH A . 
C 3 HOH 15 179 19 HOH HOH A . 
C 3 HOH 16 180 20 HOH HOH A . 
C 3 HOH 17 181 22 HOH HOH A . 
C 3 HOH 18 182 25 HOH HOH A . 
C 3 HOH 19 183 26 HOH HOH A . 
C 3 HOH 20 184 27 HOH HOH A . 
C 3 HOH 21 185 28 HOH HOH A . 
C 3 HOH 22 186 29 HOH HOH A . 
C 3 HOH 23 187 30 HOH HOH A . 
C 3 HOH 24 188 32 HOH HOH A . 
C 3 HOH 25 189 37 HOH HOH A . 
C 3 HOH 26 190 39 HOH HOH A . 
C 3 HOH 27 191 40 HOH HOH A . 
C 3 HOH 28 192 43 HOH HOH A . 
C 3 HOH 29 193 45 HOH HOH A . 
C 3 HOH 30 194 47 HOH HOH A . 
C 3 HOH 31 195 51 HOH HOH A . 
C 3 HOH 32 196 52 HOH HOH A . 
C 3 HOH 33 197 57 HOH HOH A . 
C 3 HOH 34 198 59 HOH HOH A . 
C 3 HOH 35 199 60 HOH HOH A . 
C 3 HOH 36 200 61 HOH HOH A . 
C 3 HOH 37 201 62 HOH HOH A . 
C 3 HOH 38 202 63 HOH HOH A . 
C 3 HOH 39 203 64 HOH HOH A . 
C 3 HOH 40 204 65 HOH HOH A . 
C 3 HOH 41 205 66 HOH HOH A . 
C 3 HOH 42 206 67 HOH HOH A . 
C 3 HOH 43 207 68 HOH HOH A . 
C 3 HOH 44 208 69 HOH HOH A . 
C 3 HOH 45 209 70 HOH HOH A . 
C 3 HOH 46 210 71 HOH HOH A . 
C 3 HOH 47 211 72 HOH HOH A . 
C 3 HOH 48 212 73 HOH HOH A . 
# 
_pdbx_struct_assembly.id                   1 
_pdbx_struct_assembly.details              author_and_software_defined_assembly 
_pdbx_struct_assembly.method_details       PISA 
_pdbx_struct_assembly.oligomeric_details   monomeric 
_pdbx_struct_assembly.oligomeric_count     1 
# 
_pdbx_struct_assembly_gen.assembly_id       1 
_pdbx_struct_assembly_gen.oper_expression   1 
_pdbx_struct_assembly_gen.asym_id_list      A,B,C 
# 
_pdbx_struct_oper_list.id                   1 
_pdbx_struct_oper_list.type                 'identity operation' 
_pdbx_struct_oper_list.name                 1_555 
_pdbx_struct_oper_list.symmetry_operation   x,y,z 
_pdbx_struct_oper_list.matrix[1][1]         1.0000000000 
_pdbx_struct_oper_list.matrix[1][2]         0.0000000000 
_pdbx_struct_oper_list.matrix[1][3]         0.0000000000 
_pdbx_struct_oper_list.vector[1]            0.0000000000 
_pdbx_struct_oper_list.matrix[2][1]         0.0000000000 
_pdbx_struct_oper_list.matrix[2][2]         1.0000000000 
_pdbx_struct_oper_list.matrix[2][3]         0.0000000000 
_pdbx_struct_oper_list.vector[2]            0.0000000000 
_pdbx_struct_oper_list.matrix[3][1]         0.0000000000 
_pdbx_struct_oper_list.matrix[3][2]         0.0000000000 
_pdbx_struct_oper_list.matrix[3][3]         1.0000000000 
_pdbx_struct_oper_list.vector[3]            0.0000000000 
# 
loop_
_pdbx_audit_revision_history.ordinal 
_pdbx_audit_revision_history.data_content_type 
_pdbx_audit_revision_history.major_revision 
_pdbx_audit_revision_history.minor_revision 
_pdbx_audit_revision_history.revision_date 
1 'Structure model' 1 0 2009-12-22 
2 'Structure model' 1 1 2011-07-13 
3 'Structure model' 1 2 2021-11-10 
4 'Structure model' 1 3 2023-11-01 
# 
_pdbx_audit_revision_details.ordinal             1 
_pdbx_audit_revision_details.revision_ordinal    1 
_pdbx_audit_revision_details.data_content_type   'Structure model' 
_pdbx_audit_revision_details.provider            repository 
_pdbx_audit_revision_details.type                'Initial release' 
_pdbx_audit_revision_details.description         ? 
_pdbx_audit_revision_details.details             ? 
# 
loop_
_pdbx_audit_revision_group.ordinal 
_pdbx_audit_revision_group.revision_ordinal 
_pdbx_audit_revision_group.data_content_type 
_pdbx_audit_revision_group.group 
1 2 'Structure model' 'Version format compliance' 
2 3 'Structure model' 'Database references'       
3 3 'Structure model' 'Derived calculations'      
4 4 'Structure model' 'Data collection'           
5 4 'Structure model' 'Refinement description'    
# 
loop_
_pdbx_audit_revision_category.ordinal 
_pdbx_audit_revision_category.revision_ordinal 
_pdbx_audit_revision_category.data_content_type 
_pdbx_audit_revision_category.category 
1 3 'Structure model' database_2                    
2 3 'Structure model' struct_ref_seq_dif            
3 3 'Structure model' struct_site                   
4 4 'Structure model' chem_comp_atom                
5 4 'Structure model' chem_comp_bond                
6 4 'Structure model' pdbx_initial_refinement_model 
# 
loop_
_pdbx_audit_revision_item.ordinal 
_pdbx_audit_revision_item.revision_ordinal 
_pdbx_audit_revision_item.data_content_type 
_pdbx_audit_revision_item.item 
1 3 'Structure model' '_database_2.pdbx_DOI'                
2 3 'Structure model' '_database_2.pdbx_database_accession' 
3 3 'Structure model' '_struct_ref_seq_dif.details'         
4 3 'Structure model' '_struct_site.pdbx_auth_asym_id'      
5 3 'Structure model' '_struct_site.pdbx_auth_comp_id'      
6 3 'Structure model' '_struct_site.pdbx_auth_seq_id'       
# 
loop_
_software.name 
_software.classification 
_software.version 
_software.citation_id 
_software.pdbx_ordinal 
CrystalClear 'data collection' .        ? 1 
AMoRE        phasing           .        ? 2 
REFMAC       refinement        5.5.0072 ? 3 
d*TREK       'data reduction'  .        ? 4 
d*TREK       'data scaling'    .        ? 5 
# 
_pdbx_validate_rmsd_bond.id                        1 
_pdbx_validate_rmsd_bond.PDB_model_num             1 
_pdbx_validate_rmsd_bond.auth_atom_id_1            CD 
_pdbx_validate_rmsd_bond.auth_asym_id_1            A 
_pdbx_validate_rmsd_bond.auth_comp_id_1            LYS 
_pdbx_validate_rmsd_bond.auth_seq_id_1             97 
_pdbx_validate_rmsd_bond.PDB_ins_code_1            ? 
_pdbx_validate_rmsd_bond.label_alt_id_1            ? 
_pdbx_validate_rmsd_bond.auth_atom_id_2            CE 
_pdbx_validate_rmsd_bond.auth_asym_id_2            A 
_pdbx_validate_rmsd_bond.auth_comp_id_2            LYS 
_pdbx_validate_rmsd_bond.auth_seq_id_2             97 
_pdbx_validate_rmsd_bond.PDB_ins_code_2            ? 
_pdbx_validate_rmsd_bond.label_alt_id_2            ? 
_pdbx_validate_rmsd_bond.bond_value                1.334 
_pdbx_validate_rmsd_bond.bond_target_value         1.508 
_pdbx_validate_rmsd_bond.bond_deviation            -0.174 
_pdbx_validate_rmsd_bond.bond_standard_deviation   0.025 
_pdbx_validate_rmsd_bond.linker_flag               N 
# 
_pdbx_validate_rmsd_angle.id                         1 
_pdbx_validate_rmsd_angle.PDB_model_num              1 
_pdbx_validate_rmsd_angle.auth_atom_id_1             CG 
_pdbx_validate_rmsd_angle.auth_asym_id_1             A 
_pdbx_validate_rmsd_angle.auth_comp_id_1             LYS 
_pdbx_validate_rmsd_angle.auth_seq_id_1              97 
_pdbx_validate_rmsd_angle.PDB_ins_code_1             ? 
_pdbx_validate_rmsd_angle.label_alt_id_1             ? 
_pdbx_validate_rmsd_angle.auth_atom_id_2             CD 
_pdbx_validate_rmsd_angle.auth_asym_id_2             A 
_pdbx_validate_rmsd_angle.auth_comp_id_2             LYS 
_pdbx_validate_rmsd_angle.auth_seq_id_2              97 
_pdbx_validate_rmsd_angle.PDB_ins_code_2             ? 
_pdbx_validate_rmsd_angle.label_alt_id_2             ? 
_pdbx_validate_rmsd_angle.auth_atom_id_3             CE 
_pdbx_validate_rmsd_angle.auth_asym_id_3             A 
_pdbx_validate_rmsd_angle.auth_comp_id_3             LYS 
_pdbx_validate_rmsd_angle.auth_seq_id_3              97 
_pdbx_validate_rmsd_angle.PDB_ins_code_3             ? 
_pdbx_validate_rmsd_angle.label_alt_id_3             ? 
_pdbx_validate_rmsd_angle.angle_value                133.65 
_pdbx_validate_rmsd_angle.angle_target_value         111.90 
_pdbx_validate_rmsd_angle.angle_deviation            21.75 
_pdbx_validate_rmsd_angle.angle_standard_deviation   3.00 
_pdbx_validate_rmsd_angle.linker_flag                N 
# 
loop_
_pdbx_validate_torsion.id 
_pdbx_validate_torsion.PDB_model_num 
_pdbx_validate_torsion.auth_comp_id 
_pdbx_validate_torsion.auth_asym_id 
_pdbx_validate_torsion.auth_seq_id 
_pdbx_validate_torsion.PDB_ins_code 
_pdbx_validate_torsion.label_alt_id 
_pdbx_validate_torsion.phi 
_pdbx_validate_torsion.psi 
1 1 PRO A 8   ? ? -65.28 -158.29 
2 1 PRO A 9   ? ? -58.73 99.47   
3 1 ASN A 30  ? ? 59.47  16.49   
4 1 ARG A 68  ? ? -41.16 -71.33  
5 1 PRO A 70  ? ? -73.94 49.47   
6 1 SER A 115 ? ? -63.84 0.78    
# 
loop_
_pdbx_unobs_or_zero_occ_atoms.id 
_pdbx_unobs_or_zero_occ_atoms.PDB_model_num 
_pdbx_unobs_or_zero_occ_atoms.polymer_flag 
_pdbx_unobs_or_zero_occ_atoms.occupancy_flag 
_pdbx_unobs_or_zero_occ_atoms.auth_asym_id 
_pdbx_unobs_or_zero_occ_atoms.auth_comp_id 
_pdbx_unobs_or_zero_occ_atoms.auth_seq_id 
_pdbx_unobs_or_zero_occ_atoms.PDB_ins_code 
_pdbx_unobs_or_zero_occ_atoms.auth_atom_id 
_pdbx_unobs_or_zero_occ_atoms.label_alt_id 
_pdbx_unobs_or_zero_occ_atoms.label_asym_id 
_pdbx_unobs_or_zero_occ_atoms.label_comp_id 
_pdbx_unobs_or_zero_occ_atoms.label_seq_id 
_pdbx_unobs_or_zero_occ_atoms.label_atom_id 
1 1 Y 0 A LYS 97 ? CE ? A LYS 101 CE 
2 1 Y 0 A LYS 97 ? NZ ? A LYS 101 NZ 
# 
loop_
_pdbx_unobs_or_zero_occ_residues.id 
_pdbx_unobs_or_zero_occ_residues.PDB_model_num 
_pdbx_unobs_or_zero_occ_residues.polymer_flag 
_pdbx_unobs_or_zero_occ_residues.occupancy_flag 
_pdbx_unobs_or_zero_occ_residues.auth_asym_id 
_pdbx_unobs_or_zero_occ_residues.auth_comp_id 
_pdbx_unobs_or_zero_occ_residues.auth_seq_id 
_pdbx_unobs_or_zero_occ_residues.PDB_ins_code 
_pdbx_unobs_or_zero_occ_residues.label_asym_id 
_pdbx_unobs_or_zero_occ_residues.label_comp_id 
_pdbx_unobs_or_zero_occ_residues.label_seq_id 
1  1 Y 1 A GLY -3 ? A GLY 1  
2  1 Y 1 A SER -2 ? A SER 2  
3  1 Y 1 A HIS -1 ? A HIS 3  
4  1 Y 1 A GLY 0  ? A GLY 4  
5  1 Y 1 A MET 1  ? A MET 5  
6  1 Y 1 A ALA 2  ? A ALA 6  
7  1 Y 1 A ASP 3  ? A ASP 7  
8  1 Y 1 A GLU 4  ? A GLU 8  
9  1 Y 1 A GLU 5  ? A GLU 9  
10 1 Y 1 A LYS 6  ? A LYS 10 
11 1 Y 1 A GLY 39 ? A GLY 43 
12 1 Y 1 A ASN 40 ? A ASN 44 
13 1 Y 1 A SER 41 ? A SER 45 
14 1 Y 1 A SER 42 ? A SER 46 
15 1 Y 1 A SER 43 ? A SER 47 
16 1 Y 1 A GLY 44 ? A GLY 48 
17 1 Y 1 A GLY 45 ? A GLY 49 
18 1 Y 1 A LYS 46 ? A LYS 50 
19 1 Y 1 A ASN 47 ? A ASN 51 
20 1 Y 1 A GLY 48 ? A GLY 52 
21 1 Y 1 A GLN 49 ? A GLN 53 
22 1 Y 1 A GLY 50 ? A GLY 54 
# 
loop_
_chem_comp_atom.comp_id 
_chem_comp_atom.atom_id 
_chem_comp_atom.type_symbol 
_chem_comp_atom.pdbx_aromatic_flag 
_chem_comp_atom.pdbx_stereo_config 
_chem_comp_atom.pdbx_ordinal 
4D9 C1   C Y N 1   
4D9 C2   C Y N 2   
4D9 C3   C Y N 3   
4D9 C4   C Y N 4   
4D9 N5   N Y N 5   
4D9 C6   C Y N 6   
4D9 C7   C Y N 7   
4D9 N8   N Y N 8   
4D9 C9   C Y N 9   
4D9 C10  C N N 10  
4D9 C11  C N R 11  
4D9 C12  C N N 12  
4D9 N13  N N N 13  
4D9 O14  O N N 14  
4D9 O15  O N N 15  
4D9 C16  C N N 16  
4D9 C17  C Y N 17  
4D9 O18  O N N 18  
4D9 C19  C Y N 19  
4D9 S20  S Y N 20  
4D9 C21  C Y N 21  
4D9 C22  C Y N 22  
4D9 C23  C Y N 23  
4D9 C24  C Y N 24  
4D9 C25  C Y N 25  
4D9 C26  C Y N 26  
4D9 H1   H N N 27  
4D9 H2   H N N 28  
4D9 H3   H N N 29  
4D9 H4   H N N 30  
4D9 H10  H N N 31  
4D9 H10A H N N 32  
4D9 H11  H N N 33  
4D9 HN13 H N N 34  
4D9 HO15 H N N 35  
4D9 H19  H N N 36  
4D9 H23  H N N 37  
4D9 H24  H N N 38  
4D9 H25  H N N 39  
4D9 H26  H N N 40  
4D9 HN5  H N N 41  
ALA N    N N N 42  
ALA CA   C N S 43  
ALA C    C N N 44  
ALA O    O N N 45  
ALA CB   C N N 46  
ALA OXT  O N N 47  
ALA H    H N N 48  
ALA H2   H N N 49  
ALA HA   H N N 50  
ALA HB1  H N N 51  
ALA HB2  H N N 52  
ALA HB3  H N N 53  
ALA HXT  H N N 54  
ARG N    N N N 55  
ARG CA   C N S 56  
ARG C    C N N 57  
ARG O    O N N 58  
ARG CB   C N N 59  
ARG CG   C N N 60  
ARG CD   C N N 61  
ARG NE   N N N 62  
ARG CZ   C N N 63  
ARG NH1  N N N 64  
ARG NH2  N N N 65  
ARG OXT  O N N 66  
ARG H    H N N 67  
ARG H2   H N N 68  
ARG HA   H N N 69  
ARG HB2  H N N 70  
ARG HB3  H N N 71  
ARG HG2  H N N 72  
ARG HG3  H N N 73  
ARG HD2  H N N 74  
ARG HD3  H N N 75  
ARG HE   H N N 76  
ARG HH11 H N N 77  
ARG HH12 H N N 78  
ARG HH21 H N N 79  
ARG HH22 H N N 80  
ARG HXT  H N N 81  
ASN N    N N N 82  
ASN CA   C N S 83  
ASN C    C N N 84  
ASN O    O N N 85  
ASN CB   C N N 86  
ASN CG   C N N 87  
ASN OD1  O N N 88  
ASN ND2  N N N 89  
ASN OXT  O N N 90  
ASN H    H N N 91  
ASN H2   H N N 92  
ASN HA   H N N 93  
ASN HB2  H N N 94  
ASN HB3  H N N 95  
ASN HD21 H N N 96  
ASN HD22 H N N 97  
ASN HXT  H N N 98  
ASP N    N N N 99  
ASP CA   C N S 100 
ASP C    C N N 101 
ASP O    O N N 102 
ASP CB   C N N 103 
ASP CG   C N N 104 
ASP OD1  O N N 105 
ASP OD2  O N N 106 
ASP OXT  O N N 107 
ASP H    H N N 108 
ASP H2   H N N 109 
ASP HA   H N N 110 
ASP HB2  H N N 111 
ASP HB3  H N N 112 
ASP HD2  H N N 113 
ASP HXT  H N N 114 
CYS N    N N N 115 
CYS CA   C N R 116 
CYS C    C N N 117 
CYS O    O N N 118 
CYS CB   C N N 119 
CYS SG   S N N 120 
CYS OXT  O N N 121 
CYS H    H N N 122 
CYS H2   H N N 123 
CYS HA   H N N 124 
CYS HB2  H N N 125 
CYS HB3  H N N 126 
CYS HG   H N N 127 
CYS HXT  H N N 128 
GLN N    N N N 129 
GLN CA   C N S 130 
GLN C    C N N 131 
GLN O    O N N 132 
GLN CB   C N N 133 
GLN CG   C N N 134 
GLN CD   C N N 135 
GLN OE1  O N N 136 
GLN NE2  N N N 137 
GLN OXT  O N N 138 
GLN H    H N N 139 
GLN H2   H N N 140 
GLN HA   H N N 141 
GLN HB2  H N N 142 
GLN HB3  H N N 143 
GLN HG2  H N N 144 
GLN HG3  H N N 145 
GLN HE21 H N N 146 
GLN HE22 H N N 147 
GLN HXT  H N N 148 
GLU N    N N N 149 
GLU CA   C N S 150 
GLU C    C N N 151 
GLU O    O N N 152 
GLU CB   C N N 153 
GLU CG   C N N 154 
GLU CD   C N N 155 
GLU OE1  O N N 156 
GLU OE2  O N N 157 
GLU OXT  O N N 158 
GLU H    H N N 159 
GLU H2   H N N 160 
GLU HA   H N N 161 
GLU HB2  H N N 162 
GLU HB3  H N N 163 
GLU HG2  H N N 164 
GLU HG3  H N N 165 
GLU HE2  H N N 166 
GLU HXT  H N N 167 
GLY N    N N N 168 
GLY CA   C N N 169 
GLY C    C N N 170 
GLY O    O N N 171 
GLY OXT  O N N 172 
GLY H    H N N 173 
GLY H2   H N N 174 
GLY HA2  H N N 175 
GLY HA3  H N N 176 
GLY HXT  H N N 177 
HIS N    N N N 178 
HIS CA   C N S 179 
HIS C    C N N 180 
HIS O    O N N 181 
HIS CB   C N N 182 
HIS CG   C Y N 183 
HIS ND1  N Y N 184 
HIS CD2  C Y N 185 
HIS CE1  C Y N 186 
HIS NE2  N Y N 187 
HIS OXT  O N N 188 
HIS H    H N N 189 
HIS H2   H N N 190 
HIS HA   H N N 191 
HIS HB2  H N N 192 
HIS HB3  H N N 193 
HIS HD1  H N N 194 
HIS HD2  H N N 195 
HIS HE1  H N N 196 
HIS HE2  H N N 197 
HIS HXT  H N N 198 
HOH O    O N N 199 
HOH H1   H N N 200 
HOH H2   H N N 201 
ILE N    N N N 202 
ILE CA   C N S 203 
ILE C    C N N 204 
ILE O    O N N 205 
ILE CB   C N S 206 
ILE CG1  C N N 207 
ILE CG2  C N N 208 
ILE CD1  C N N 209 
ILE OXT  O N N 210 
ILE H    H N N 211 
ILE H2   H N N 212 
ILE HA   H N N 213 
ILE HB   H N N 214 
ILE HG12 H N N 215 
ILE HG13 H N N 216 
ILE HG21 H N N 217 
ILE HG22 H N N 218 
ILE HG23 H N N 219 
ILE HD11 H N N 220 
ILE HD12 H N N 221 
ILE HD13 H N N 222 
ILE HXT  H N N 223 
LEU N    N N N 224 
LEU CA   C N S 225 
LEU C    C N N 226 
LEU O    O N N 227 
LEU CB   C N N 228 
LEU CG   C N N 229 
LEU CD1  C N N 230 
LEU CD2  C N N 231 
LEU OXT  O N N 232 
LEU H    H N N 233 
LEU H2   H N N 234 
LEU HA   H N N 235 
LEU HB2  H N N 236 
LEU HB3  H N N 237 
LEU HG   H N N 238 
LEU HD11 H N N 239 
LEU HD12 H N N 240 
LEU HD13 H N N 241 
LEU HD21 H N N 242 
LEU HD22 H N N 243 
LEU HD23 H N N 244 
LEU HXT  H N N 245 
LYS N    N N N 246 
LYS CA   C N S 247 
LYS C    C N N 248 
LYS O    O N N 249 
LYS CB   C N N 250 
LYS CG   C N N 251 
LYS CD   C N N 252 
LYS CE   C N N 253 
LYS NZ   N N N 254 
LYS OXT  O N N 255 
LYS H    H N N 256 
LYS H2   H N N 257 
LYS HA   H N N 258 
LYS HB2  H N N 259 
LYS HB3  H N N 260 
LYS HG2  H N N 261 
LYS HG3  H N N 262 
LYS HD2  H N N 263 
LYS HD3  H N N 264 
LYS HE2  H N N 265 
LYS HE3  H N N 266 
LYS HZ1  H N N 267 
LYS HZ2  H N N 268 
LYS HZ3  H N N 269 
LYS HXT  H N N 270 
MET N    N N N 271 
MET CA   C N S 272 
MET C    C N N 273 
MET O    O N N 274 
MET CB   C N N 275 
MET CG   C N N 276 
MET SD   S N N 277 
MET CE   C N N 278 
MET OXT  O N N 279 
MET H    H N N 280 
MET H2   H N N 281 
MET HA   H N N 282 
MET HB2  H N N 283 
MET HB3  H N N 284 
MET HG2  H N N 285 
MET HG3  H N N 286 
MET HE1  H N N 287 
MET HE2  H N N 288 
MET HE3  H N N 289 
MET HXT  H N N 290 
PHE N    N N N 291 
PHE CA   C N S 292 
PHE C    C N N 293 
PHE O    O N N 294 
PHE CB   C N N 295 
PHE CG   C Y N 296 
PHE CD1  C Y N 297 
PHE CD2  C Y N 298 
PHE CE1  C Y N 299 
PHE CE2  C Y N 300 
PHE CZ   C Y N 301 
PHE OXT  O N N 302 
PHE H    H N N 303 
PHE H2   H N N 304 
PHE HA   H N N 305 
PHE HB2  H N N 306 
PHE HB3  H N N 307 
PHE HD1  H N N 308 
PHE HD2  H N N 309 
PHE HE1  H N N 310 
PHE HE2  H N N 311 
PHE HZ   H N N 312 
PHE HXT  H N N 313 
PRO N    N N N 314 
PRO CA   C N S 315 
PRO C    C N N 316 
PRO O    O N N 317 
PRO CB   C N N 318 
PRO CG   C N N 319 
PRO CD   C N N 320 
PRO OXT  O N N 321 
PRO H    H N N 322 
PRO HA   H N N 323 
PRO HB2  H N N 324 
PRO HB3  H N N 325 
PRO HG2  H N N 326 
PRO HG3  H N N 327 
PRO HD2  H N N 328 
PRO HD3  H N N 329 
PRO HXT  H N N 330 
SER N    N N N 331 
SER CA   C N S 332 
SER C    C N N 333 
SER O    O N N 334 
SER CB   C N N 335 
SER OG   O N N 336 
SER OXT  O N N 337 
SER H    H N N 338 
SER H2   H N N 339 
SER HA   H N N 340 
SER HB2  H N N 341 
SER HB3  H N N 342 
SER HG   H N N 343 
SER HXT  H N N 344 
THR N    N N N 345 
THR CA   C N S 346 
THR C    C N N 347 
THR O    O N N 348 
THR CB   C N R 349 
THR OG1  O N N 350 
THR CG2  C N N 351 
THR OXT  O N N 352 
THR H    H N N 353 
THR H2   H N N 354 
THR HA   H N N 355 
THR HB   H N N 356 
THR HG1  H N N 357 
THR HG21 H N N 358 
THR HG22 H N N 359 
THR HG23 H N N 360 
THR HXT  H N N 361 
TRP N    N N N 362 
TRP CA   C N S 363 
TRP C    C N N 364 
TRP O    O N N 365 
TRP CB   C N N 366 
TRP CG   C Y N 367 
TRP CD1  C Y N 368 
TRP CD2  C Y N 369 
TRP NE1  N Y N 370 
TRP CE2  C Y N 371 
TRP CE3  C Y N 372 
TRP CZ2  C Y N 373 
TRP CZ3  C Y N 374 
TRP CH2  C Y N 375 
TRP OXT  O N N 376 
TRP H    H N N 377 
TRP H2   H N N 378 
TRP HA   H N N 379 
TRP HB2  H N N 380 
TRP HB3  H N N 381 
TRP HD1  H N N 382 
TRP HE1  H N N 383 
TRP HE3  H N N 384 
TRP HZ2  H N N 385 
TRP HZ3  H N N 386 
TRP HH2  H N N 387 
TRP HXT  H N N 388 
TYR N    N N N 389 
TYR CA   C N S 390 
TYR C    C N N 391 
TYR O    O N N 392 
TYR CB   C N N 393 
TYR CG   C Y N 394 
TYR CD1  C Y N 395 
TYR CD2  C Y N 396 
TYR CE1  C Y N 397 
TYR CE2  C Y N 398 
TYR CZ   C Y N 399 
TYR OH   O N N 400 
TYR OXT  O N N 401 
TYR H    H N N 402 
TYR H2   H N N 403 
TYR HA   H N N 404 
TYR HB2  H N N 405 
TYR HB3  H N N 406 
TYR HD1  H N N 407 
TYR HD2  H N N 408 
TYR HE1  H N N 409 
TYR HE2  H N N 410 
TYR HH   H N N 411 
TYR HXT  H N N 412 
VAL N    N N N 413 
VAL CA   C N S 414 
VAL C    C N N 415 
VAL O    O N N 416 
VAL CB   C N N 417 
VAL CG1  C N N 418 
VAL CG2  C N N 419 
VAL OXT  O N N 420 
VAL H    H N N 421 
VAL H2   H N N 422 
VAL HA   H N N 423 
VAL HB   H N N 424 
VAL HG11 H N N 425 
VAL HG12 H N N 426 
VAL HG13 H N N 427 
VAL HG21 H N N 428 
VAL HG22 H N N 429 
VAL HG23 H N N 430 
VAL HXT  H N N 431 
# 
loop_
_chem_comp_bond.comp_id 
_chem_comp_bond.atom_id_1 
_chem_comp_bond.atom_id_2 
_chem_comp_bond.value_order 
_chem_comp_bond.pdbx_aromatic_flag 
_chem_comp_bond.pdbx_stereo_config 
_chem_comp_bond.pdbx_ordinal 
4D9 C6  C1   doub Y N 1   
4D9 C2  C1   sing Y N 2   
4D9 C1  H1   sing N N 3   
4D9 C3  C2   doub Y N 4   
4D9 C2  H2   sing N N 5   
4D9 C4  C3   sing Y N 6   
4D9 C3  H3   sing N N 7   
4D9 C4  C7   doub Y N 8   
4D9 C4  H4   sing N N 9   
4D9 C9  N5   sing Y N 10  
4D9 N5  C6   sing Y N 11  
4D9 C7  C6   sing Y N 12  
4D9 N8  C7   sing Y N 13  
4D9 N8  C9   doub Y N 14  
4D9 C10 C9   sing N N 15  
4D9 C11 C10  sing N N 16  
4D9 C10 H10  sing N N 17  
4D9 C10 H10A sing N N 18  
4D9 N13 C11  sing N N 19  
4D9 C12 C11  sing N N 20  
4D9 C11 H11  sing N N 21  
4D9 O14 C12  doub N N 22  
4D9 C12 O15  sing N N 23  
4D9 C16 N13  sing N N 24  
4D9 N13 HN13 sing N N 25  
4D9 O15 HO15 sing N N 26  
4D9 C17 C16  sing N N 27  
4D9 C16 O18  doub N N 28  
4D9 C19 C17  doub Y N 29  
4D9 S20 C17  sing Y N 30  
4D9 C22 C19  sing Y N 31  
4D9 C19 H19  sing N N 32  
4D9 C21 S20  sing Y N 33  
4D9 C26 C21  doub Y N 34  
4D9 C22 C21  sing Y N 35  
4D9 C23 C22  doub Y N 36  
4D9 C24 C23  sing Y N 37  
4D9 C23 H23  sing N N 38  
4D9 C24 C25  doub Y N 39  
4D9 C24 H24  sing N N 40  
4D9 C25 C26  sing Y N 41  
4D9 C25 H25  sing N N 42  
4D9 C26 H26  sing N N 43  
4D9 N5  HN5  sing N N 44  
ALA N   CA   sing N N 45  
ALA N   H    sing N N 46  
ALA N   H2   sing N N 47  
ALA CA  C    sing N N 48  
ALA CA  CB   sing N N 49  
ALA CA  HA   sing N N 50  
ALA C   O    doub N N 51  
ALA C   OXT  sing N N 52  
ALA CB  HB1  sing N N 53  
ALA CB  HB2  sing N N 54  
ALA CB  HB3  sing N N 55  
ALA OXT HXT  sing N N 56  
ARG N   CA   sing N N 57  
ARG N   H    sing N N 58  
ARG N   H2   sing N N 59  
ARG CA  C    sing N N 60  
ARG CA  CB   sing N N 61  
ARG CA  HA   sing N N 62  
ARG C   O    doub N N 63  
ARG C   OXT  sing N N 64  
ARG CB  CG   sing N N 65  
ARG CB  HB2  sing N N 66  
ARG CB  HB3  sing N N 67  
ARG CG  CD   sing N N 68  
ARG CG  HG2  sing N N 69  
ARG CG  HG3  sing N N 70  
ARG CD  NE   sing N N 71  
ARG CD  HD2  sing N N 72  
ARG CD  HD3  sing N N 73  
ARG NE  CZ   sing N N 74  
ARG NE  HE   sing N N 75  
ARG CZ  NH1  sing N N 76  
ARG CZ  NH2  doub N N 77  
ARG NH1 HH11 sing N N 78  
ARG NH1 HH12 sing N N 79  
ARG NH2 HH21 sing N N 80  
ARG NH2 HH22 sing N N 81  
ARG OXT HXT  sing N N 82  
ASN N   CA   sing N N 83  
ASN N   H    sing N N 84  
ASN N   H2   sing N N 85  
ASN CA  C    sing N N 86  
ASN CA  CB   sing N N 87  
ASN CA  HA   sing N N 88  
ASN C   O    doub N N 89  
ASN C   OXT  sing N N 90  
ASN CB  CG   sing N N 91  
ASN CB  HB2  sing N N 92  
ASN CB  HB3  sing N N 93  
ASN CG  OD1  doub N N 94  
ASN CG  ND2  sing N N 95  
ASN ND2 HD21 sing N N 96  
ASN ND2 HD22 sing N N 97  
ASN OXT HXT  sing N N 98  
ASP N   CA   sing N N 99  
ASP N   H    sing N N 100 
ASP N   H2   sing N N 101 
ASP CA  C    sing N N 102 
ASP CA  CB   sing N N 103 
ASP CA  HA   sing N N 104 
ASP C   O    doub N N 105 
ASP C   OXT  sing N N 106 
ASP CB  CG   sing N N 107 
ASP CB  HB2  sing N N 108 
ASP CB  HB3  sing N N 109 
ASP CG  OD1  doub N N 110 
ASP CG  OD2  sing N N 111 
ASP OD2 HD2  sing N N 112 
ASP OXT HXT  sing N N 113 
CYS N   CA   sing N N 114 
CYS N   H    sing N N 115 
CYS N   H2   sing N N 116 
CYS CA  C    sing N N 117 
CYS CA  CB   sing N N 118 
CYS CA  HA   sing N N 119 
CYS C   O    doub N N 120 
CYS C   OXT  sing N N 121 
CYS CB  SG   sing N N 122 
CYS CB  HB2  sing N N 123 
CYS CB  HB3  sing N N 124 
CYS SG  HG   sing N N 125 
CYS OXT HXT  sing N N 126 
GLN N   CA   sing N N 127 
GLN N   H    sing N N 128 
GLN N   H2   sing N N 129 
GLN CA  C    sing N N 130 
GLN CA  CB   sing N N 131 
GLN CA  HA   sing N N 132 
GLN C   O    doub N N 133 
GLN C   OXT  sing N N 134 
GLN CB  CG   sing N N 135 
GLN CB  HB2  sing N N 136 
GLN CB  HB3  sing N N 137 
GLN CG  CD   sing N N 138 
GLN CG  HG2  sing N N 139 
GLN CG  HG3  sing N N 140 
GLN CD  OE1  doub N N 141 
GLN CD  NE2  sing N N 142 
GLN NE2 HE21 sing N N 143 
GLN NE2 HE22 sing N N 144 
GLN OXT HXT  sing N N 145 
GLU N   CA   sing N N 146 
GLU N   H    sing N N 147 
GLU N   H2   sing N N 148 
GLU CA  C    sing N N 149 
GLU CA  CB   sing N N 150 
GLU CA  HA   sing N N 151 
GLU C   O    doub N N 152 
GLU C   OXT  sing N N 153 
GLU CB  CG   sing N N 154 
GLU CB  HB2  sing N N 155 
GLU CB  HB3  sing N N 156 
GLU CG  CD   sing N N 157 
GLU CG  HG2  sing N N 158 
GLU CG  HG3  sing N N 159 
GLU CD  OE1  doub N N 160 
GLU CD  OE2  sing N N 161 
GLU OE2 HE2  sing N N 162 
GLU OXT HXT  sing N N 163 
GLY N   CA   sing N N 164 
GLY N   H    sing N N 165 
GLY N   H2   sing N N 166 
GLY CA  C    sing N N 167 
GLY CA  HA2  sing N N 168 
GLY CA  HA3  sing N N 169 
GLY C   O    doub N N 170 
GLY C   OXT  sing N N 171 
GLY OXT HXT  sing N N 172 
HIS N   CA   sing N N 173 
HIS N   H    sing N N 174 
HIS N   H2   sing N N 175 
HIS CA  C    sing N N 176 
HIS CA  CB   sing N N 177 
HIS CA  HA   sing N N 178 
HIS C   O    doub N N 179 
HIS C   OXT  sing N N 180 
HIS CB  CG   sing N N 181 
HIS CB  HB2  sing N N 182 
HIS CB  HB3  sing N N 183 
HIS CG  ND1  sing Y N 184 
HIS CG  CD2  doub Y N 185 
HIS ND1 CE1  doub Y N 186 
HIS ND1 HD1  sing N N 187 
HIS CD2 NE2  sing Y N 188 
HIS CD2 HD2  sing N N 189 
HIS CE1 NE2  sing Y N 190 
HIS CE1 HE1  sing N N 191 
HIS NE2 HE2  sing N N 192 
HIS OXT HXT  sing N N 193 
HOH O   H1   sing N N 194 
HOH O   H2   sing N N 195 
ILE N   CA   sing N N 196 
ILE N   H    sing N N 197 
ILE N   H2   sing N N 198 
ILE CA  C    sing N N 199 
ILE CA  CB   sing N N 200 
ILE CA  HA   sing N N 201 
ILE C   O    doub N N 202 
ILE C   OXT  sing N N 203 
ILE CB  CG1  sing N N 204 
ILE CB  CG2  sing N N 205 
ILE CB  HB   sing N N 206 
ILE CG1 CD1  sing N N 207 
ILE CG1 HG12 sing N N 208 
ILE CG1 HG13 sing N N 209 
ILE CG2 HG21 sing N N 210 
ILE CG2 HG22 sing N N 211 
ILE CG2 HG23 sing N N 212 
ILE CD1 HD11 sing N N 213 
ILE CD1 HD12 sing N N 214 
ILE CD1 HD13 sing N N 215 
ILE OXT HXT  sing N N 216 
LEU N   CA   sing N N 217 
LEU N   H    sing N N 218 
LEU N   H2   sing N N 219 
LEU CA  C    sing N N 220 
LEU CA  CB   sing N N 221 
LEU CA  HA   sing N N 222 
LEU C   O    doub N N 223 
LEU C   OXT  sing N N 224 
LEU CB  CG   sing N N 225 
LEU CB  HB2  sing N N 226 
LEU CB  HB3  sing N N 227 
LEU CG  CD1  sing N N 228 
LEU CG  CD2  sing N N 229 
LEU CG  HG   sing N N 230 
LEU CD1 HD11 sing N N 231 
LEU CD1 HD12 sing N N 232 
LEU CD1 HD13 sing N N 233 
LEU CD2 HD21 sing N N 234 
LEU CD2 HD22 sing N N 235 
LEU CD2 HD23 sing N N 236 
LEU OXT HXT  sing N N 237 
LYS N   CA   sing N N 238 
LYS N   H    sing N N 239 
LYS N   H2   sing N N 240 
LYS CA  C    sing N N 241 
LYS CA  CB   sing N N 242 
LYS CA  HA   sing N N 243 
LYS C   O    doub N N 244 
LYS C   OXT  sing N N 245 
LYS CB  CG   sing N N 246 
LYS CB  HB2  sing N N 247 
LYS CB  HB3  sing N N 248 
LYS CG  CD   sing N N 249 
LYS CG  HG2  sing N N 250 
LYS CG  HG3  sing N N 251 
LYS CD  CE   sing N N 252 
LYS CD  HD2  sing N N 253 
LYS CD  HD3  sing N N 254 
LYS CE  NZ   sing N N 255 
LYS CE  HE2  sing N N 256 
LYS CE  HE3  sing N N 257 
LYS NZ  HZ1  sing N N 258 
LYS NZ  HZ2  sing N N 259 
LYS NZ  HZ3  sing N N 260 
LYS OXT HXT  sing N N 261 
MET N   CA   sing N N 262 
MET N   H    sing N N 263 
MET N   H2   sing N N 264 
MET CA  C    sing N N 265 
MET CA  CB   sing N N 266 
MET CA  HA   sing N N 267 
MET C   O    doub N N 268 
MET C   OXT  sing N N 269 
MET CB  CG   sing N N 270 
MET CB  HB2  sing N N 271 
MET CB  HB3  sing N N 272 
MET CG  SD   sing N N 273 
MET CG  HG2  sing N N 274 
MET CG  HG3  sing N N 275 
MET SD  CE   sing N N 276 
MET CE  HE1  sing N N 277 
MET CE  HE2  sing N N 278 
MET CE  HE3  sing N N 279 
MET OXT HXT  sing N N 280 
PHE N   CA   sing N N 281 
PHE N   H    sing N N 282 
PHE N   H2   sing N N 283 
PHE CA  C    sing N N 284 
PHE CA  CB   sing N N 285 
PHE CA  HA   sing N N 286 
PHE C   O    doub N N 287 
PHE C   OXT  sing N N 288 
PHE CB  CG   sing N N 289 
PHE CB  HB2  sing N N 290 
PHE CB  HB3  sing N N 291 
PHE CG  CD1  doub Y N 292 
PHE CG  CD2  sing Y N 293 
PHE CD1 CE1  sing Y N 294 
PHE CD1 HD1  sing N N 295 
PHE CD2 CE2  doub Y N 296 
PHE CD2 HD2  sing N N 297 
PHE CE1 CZ   doub Y N 298 
PHE CE1 HE1  sing N N 299 
PHE CE2 CZ   sing Y N 300 
PHE CE2 HE2  sing N N 301 
PHE CZ  HZ   sing N N 302 
PHE OXT HXT  sing N N 303 
PRO N   CA   sing N N 304 
PRO N   CD   sing N N 305 
PRO N   H    sing N N 306 
PRO CA  C    sing N N 307 
PRO CA  CB   sing N N 308 
PRO CA  HA   sing N N 309 
PRO C   O    doub N N 310 
PRO C   OXT  sing N N 311 
PRO CB  CG   sing N N 312 
PRO CB  HB2  sing N N 313 
PRO CB  HB3  sing N N 314 
PRO CG  CD   sing N N 315 
PRO CG  HG2  sing N N 316 
PRO CG  HG3  sing N N 317 
PRO CD  HD2  sing N N 318 
PRO CD  HD3  sing N N 319 
PRO OXT HXT  sing N N 320 
SER N   CA   sing N N 321 
SER N   H    sing N N 322 
SER N   H2   sing N N 323 
SER CA  C    sing N N 324 
SER CA  CB   sing N N 325 
SER CA  HA   sing N N 326 
SER C   O    doub N N 327 
SER C   OXT  sing N N 328 
SER CB  OG   sing N N 329 
SER CB  HB2  sing N N 330 
SER CB  HB3  sing N N 331 
SER OG  HG   sing N N 332 
SER OXT HXT  sing N N 333 
THR N   CA   sing N N 334 
THR N   H    sing N N 335 
THR N   H2   sing N N 336 
THR CA  C    sing N N 337 
THR CA  CB   sing N N 338 
THR CA  HA   sing N N 339 
THR C   O    doub N N 340 
THR C   OXT  sing N N 341 
THR CB  OG1  sing N N 342 
THR CB  CG2  sing N N 343 
THR CB  HB   sing N N 344 
THR OG1 HG1  sing N N 345 
THR CG2 HG21 sing N N 346 
THR CG2 HG22 sing N N 347 
THR CG2 HG23 sing N N 348 
THR OXT HXT  sing N N 349 
TRP N   CA   sing N N 350 
TRP N   H    sing N N 351 
TRP N   H2   sing N N 352 
TRP CA  C    sing N N 353 
TRP CA  CB   sing N N 354 
TRP CA  HA   sing N N 355 
TRP C   O    doub N N 356 
TRP C   OXT  sing N N 357 
TRP CB  CG   sing N N 358 
TRP CB  HB2  sing N N 359 
TRP CB  HB3  sing N N 360 
TRP CG  CD1  doub Y N 361 
TRP CG  CD2  sing Y N 362 
TRP CD1 NE1  sing Y N 363 
TRP CD1 HD1  sing N N 364 
TRP CD2 CE2  doub Y N 365 
TRP CD2 CE3  sing Y N 366 
TRP NE1 CE2  sing Y N 367 
TRP NE1 HE1  sing N N 368 
TRP CE2 CZ2  sing Y N 369 
TRP CE3 CZ3  doub Y N 370 
TRP CE3 HE3  sing N N 371 
TRP CZ2 CH2  doub Y N 372 
TRP CZ2 HZ2  sing N N 373 
TRP CZ3 CH2  sing Y N 374 
TRP CZ3 HZ3  sing N N 375 
TRP CH2 HH2  sing N N 376 
TRP OXT HXT  sing N N 377 
TYR N   CA   sing N N 378 
TYR N   H    sing N N 379 
TYR N   H2   sing N N 380 
TYR CA  C    sing N N 381 
TYR CA  CB   sing N N 382 
TYR CA  HA   sing N N 383 
TYR C   O    doub N N 384 
TYR C   OXT  sing N N 385 
TYR CB  CG   sing N N 386 
TYR CB  HB2  sing N N 387 
TYR CB  HB3  sing N N 388 
TYR CG  CD1  doub Y N 389 
TYR CG  CD2  sing Y N 390 
TYR CD1 CE1  sing Y N 391 
TYR CD1 HD1  sing N N 392 
TYR CD2 CE2  doub Y N 393 
TYR CD2 HD2  sing N N 394 
TYR CE1 CZ   doub Y N 395 
TYR CE1 HE1  sing N N 396 
TYR CE2 CZ   sing Y N 397 
TYR CE2 HE2  sing N N 398 
TYR CZ  OH   sing N N 399 
TYR OH  HH   sing N N 400 
TYR OXT HXT  sing N N 401 
VAL N   CA   sing N N 402 
VAL N   H    sing N N 403 
VAL N   H2   sing N N 404 
VAL CA  C    sing N N 405 
VAL CA  CB   sing N N 406 
VAL CA  HA   sing N N 407 
VAL C   O    doub N N 408 
VAL C   OXT  sing N N 409 
VAL CB  CG1  sing N N 410 
VAL CB  CG2  sing N N 411 
VAL CB  HB   sing N N 412 
VAL CG1 HG11 sing N N 413 
VAL CG1 HG12 sing N N 414 
VAL CG1 HG13 sing N N 415 
VAL CG2 HG21 sing N N 416 
VAL CG2 HG22 sing N N 417 
VAL CG2 HG23 sing N N 418 
VAL OXT HXT  sing N N 419 
# 
loop_
_pdbx_entity_nonpoly.entity_id 
_pdbx_entity_nonpoly.name 
_pdbx_entity_nonpoly.comp_id 
2 '3-(1H-benzimidazol-2-yl)-N-(1-benzothiophen-2-ylcarbonyl)-D-alanine' 4D9 
3 water                                                                 HOH 
# 
_pdbx_initial_refinement_model.id               1 
_pdbx_initial_refinement_model.entity_id_list   ? 
_pdbx_initial_refinement_model.type             'experimental model' 
_pdbx_initial_refinement_model.source_name      PDB 
_pdbx_initial_refinement_model.accession_code   1PIN 
_pdbx_initial_refinement_model.details          'PDB ENTRY 1PIN' 
# 
